data_3QEH
#
_entry.id   3QEH
#
_cell.length_a   125.121
_cell.length_b   125.121
_cell.length_c   149.902
_cell.angle_alpha   90.00
_cell.angle_beta   90.00
_cell.angle_gamma   90.00
#
_symmetry.space_group_name_H-M   'P 43'
#
loop_
_entity.id
_entity.type
_entity.pdbx_description
1 polymer 'Fab fragment of human anti-HIV-1 Env antibody N12-i15, heavy chain'
2 polymer 'Fab fragment of human anti-HIV-1 Env antibody N12-i15,light chain'
3 non-polymer 'SULFATE ION'
4 non-polymer 'CHLORIDE ION'
5 non-polymer GLYCEROL
6 water water
#
loop_
_entity_poly.entity_id
_entity_poly.type
_entity_poly.pdbx_seq_one_letter_code
_entity_poly.pdbx_strand_id
1 'polypeptide(L)'
;QVQLVQSGAEVRKPGASVTVSCKTSGYTFVNFYIVWVRQAPGQGLEWMGVINPFRGDTYFAQKFKGRVTLTRDTSTSTVF
MELSSLRSDDTAIYYCARDLEMRDGNNHGSHLEFWGQGTLVTVSSASTKGPSVFPLAPSSKSTSGGTAALGCLVKDYFPE
PVTVSWNSGALTSGVHTFPAVLQSSGLYSLSSVVTVPSSSLGTQTYICNVNHKPSNTKVDKRVEPKSCDKTH
;
A,C,E,G
2 'polypeptide(L)'
;DIVMTQSPLSLPVTPGEAASISCRSSQSLLHTNGFQYLDWYLQKPGQSPQLLIYLGSNRATGVPHRFSGSGSGTEFTLKI
SRVEAEDVGVYYCMQAKESPTFGQGTKVEIKRTVAAPSVFIFPPSDEQLKSGTASVVCLLNNFYPREAKVQWKVDNALQS
GNSQESVTEQDSKDSTYSLSSTLTLSKADYEKHKVYACEVTHQGLSSPVTKSFNRGEC
;
B,D,F,H
#
loop_
_chem_comp.id
_chem_comp.type
_chem_comp.name
_chem_comp.formula
CL non-polymer 'CHLORIDE ION' 'Cl -1'
GOL non-polymer GLYCEROL 'C3 H8 O3'
SO4 non-polymer 'SULFATE ION' 'O4 S -2'
#
# COMPACT_ATOMS: atom_id res chain seq x y z
N GLN A 1 -3.96 -22.19 36.51
CA GLN A 1 -5.00 -21.25 36.01
C GLN A 1 -5.91 -22.13 35.14
N VAL A 2 -7.19 -22.23 35.48
CA VAL A 2 -8.11 -23.17 34.81
C VAL A 2 -8.32 -22.70 33.36
N GLN A 3 -8.37 -23.65 32.42
CA GLN A 3 -8.48 -23.34 30.99
C GLN A 3 -9.20 -24.47 30.27
N LEU A 4 -10.22 -24.10 29.51
CA LEU A 4 -10.93 -24.97 28.61
C LEU A 4 -10.64 -24.54 27.16
N VAL A 5 -9.93 -25.41 26.41
CA VAL A 5 -9.51 -25.11 25.03
C VAL A 5 -10.19 -26.01 24.04
N GLN A 6 -10.98 -25.45 23.16
CA GLN A 6 -11.74 -26.25 22.17
C GLN A 6 -10.98 -26.38 20.87
N SER A 7 -11.50 -27.25 20.01
CA SER A 7 -10.87 -27.50 18.74
C SER A 7 -11.41 -26.48 17.69
N GLY A 8 -10.78 -26.40 16.51
CA GLY A 8 -11.02 -25.30 15.58
C GLY A 8 -12.33 -25.38 14.85
N ALA A 9 -12.62 -24.37 14.05
CA ALA A 9 -13.87 -24.37 13.25
C ALA A 9 -14.04 -25.61 12.32
N GLU A 10 -15.31 -25.94 12.07
CA GLU A 10 -15.72 -27.09 11.30
C GLU A 10 -16.80 -26.66 10.33
N VAL A 11 -16.81 -27.28 9.16
CA VAL A 11 -17.86 -27.14 8.19
C VAL A 11 -18.39 -28.52 7.87
N ARG A 12 -19.72 -28.63 7.76
CA ARG A 12 -20.32 -29.92 7.42
C ARG A 12 -21.47 -29.81 6.43
N LYS A 13 -21.59 -30.78 5.52
CA LYS A 13 -22.87 -30.95 4.78
C LYS A 13 -24.05 -31.34 5.73
N PRO A 14 -25.24 -30.78 5.51
CA PRO A 14 -26.43 -31.37 6.12
C PRO A 14 -26.37 -32.91 6.20
N GLY A 15 -26.76 -33.47 7.33
CA GLY A 15 -26.90 -34.92 7.39
C GLY A 15 -25.66 -35.57 7.98
N ALA A 16 -24.52 -34.88 7.90
CA ALA A 16 -23.26 -35.38 8.41
C ALA A 16 -23.25 -35.19 9.90
N SER A 17 -22.14 -35.51 10.55
CA SER A 17 -22.02 -35.32 11.96
C SER A 17 -20.69 -34.65 12.31
N VAL A 18 -20.58 -34.05 13.51
CA VAL A 18 -19.41 -33.29 13.87
C VAL A 18 -18.98 -33.58 15.32
N THR A 19 -17.68 -33.50 15.55
CA THR A 19 -17.15 -33.72 16.90
C THR A 19 -16.32 -32.51 17.35
N VAL A 20 -16.75 -31.87 18.42
CA VAL A 20 -16.01 -30.76 18.96
C VAL A 20 -15.40 -31.28 20.21
N SER A 21 -14.14 -30.97 20.42
CA SER A 21 -13.54 -31.37 21.68
C SER A 21 -13.18 -30.16 22.54
N CYS A 22 -12.88 -30.46 23.79
CA CYS A 22 -12.67 -29.47 24.79
C CYS A 22 -11.57 -30.02 25.68
N LYS A 23 -10.40 -29.41 25.62
CA LYS A 23 -9.31 -29.92 26.41
C LYS A 23 -9.19 -29.05 27.67
N THR A 24 -9.31 -29.65 28.84
CA THR A 24 -9.31 -28.90 30.07
C THR A 24 -7.98 -29.09 30.76
N SER A 25 -7.58 -28.13 31.61
CA SER A 25 -6.36 -28.22 32.43
C SER A 25 -6.49 -27.31 33.64
N GLY A 26 -5.55 -27.37 34.55
CA GLY A 26 -5.53 -26.48 35.70
C GLY A 26 -6.37 -26.96 36.87
N TYR A 27 -6.92 -28.17 36.82
CA TYR A 27 -7.71 -28.66 37.95
C TYR A 27 -7.95 -30.17 37.73
N THR A 28 -8.56 -30.85 38.69
CA THR A 28 -8.79 -32.27 38.62
C THR A 28 -9.96 -32.59 37.76
N PHE A 29 -9.65 -33.12 36.60
CA PHE A 29 -10.63 -33.20 35.54
C PHE A 29 -11.92 -33.88 36.02
N VAL A 30 -11.75 -34.89 36.84
CA VAL A 30 -12.77 -35.87 37.19
C VAL A 30 -13.66 -35.28 38.30
N ASN A 31 -13.33 -34.10 38.78
CA ASN A 31 -14.03 -33.56 39.94
C ASN A 31 -15.14 -32.55 39.59
N PHE A 32 -15.36 -32.28 38.31
CA PHE A 32 -16.24 -31.21 37.89
C PHE A 32 -17.08 -31.58 36.67
N TYR A 33 -18.36 -31.27 36.74
CA TYR A 33 -19.24 -31.41 35.60
C TYR A 33 -18.78 -30.48 34.52
N ILE A 34 -19.07 -30.87 33.28
CA ILE A 34 -18.73 -30.12 32.08
C ILE A 34 -20.06 -30.00 31.31
N VAL A 35 -20.30 -28.82 30.78
CA VAL A 35 -21.57 -28.44 30.21
C VAL A 35 -21.32 -27.88 28.85
N TRP A 36 -22.26 -28.16 27.95
CA TRP A 36 -22.29 -27.60 26.60
C TRP A 36 -23.50 -26.74 26.38
N VAL A 37 -23.27 -25.67 25.63
CA VAL A 37 -24.22 -24.63 25.40
C VAL A 37 -23.88 -24.19 24.01
N ARG A 38 -24.85 -23.76 23.24
CA ARG A 38 -24.53 -23.25 21.89
C ARG A 38 -25.21 -21.93 21.64
N GLN A 39 -24.73 -21.22 20.63
CA GLN A 39 -25.37 -20.00 20.23
C GLN A 39 -25.46 -19.85 18.66
N ALA A 40 -26.69 -19.90 18.14
CA ALA A 40 -26.96 -19.57 16.74
C ALA A 40 -26.64 -18.09 16.48
N PRO A 41 -26.20 -17.75 15.24
CA PRO A 41 -25.45 -16.47 15.14
C PRO A 41 -26.43 -15.29 15.16
N GLY A 42 -26.04 -14.19 15.84
CA GLY A 42 -27.00 -13.18 16.28
C GLY A 42 -28.20 -13.70 17.09
N GLN A 43 -28.07 -14.80 17.85
CA GLN A 43 -29.17 -15.35 18.70
C GLN A 43 -28.74 -15.65 20.15
N GLY A 44 -29.69 -16.12 20.97
CA GLY A 44 -29.51 -16.29 22.40
C GLY A 44 -28.63 -17.47 22.70
N LEU A 45 -28.73 -17.96 23.93
CA LEU A 45 -27.87 -19.04 24.35
C LEU A 45 -28.82 -20.18 24.54
N GLU A 46 -28.36 -21.39 24.24
CA GLU A 46 -29.23 -22.53 24.31
C GLU A 46 -28.50 -23.65 25.02
N TRP A 47 -29.08 -24.18 26.08
CA TRP A 47 -28.35 -25.16 26.92
C TRP A 47 -28.48 -26.55 26.33
N MET A 48 -27.37 -27.22 26.07
CA MET A 48 -27.39 -28.53 25.42
C MET A 48 -27.37 -29.73 26.34
N GLY A 49 -26.39 -29.79 27.26
CA GLY A 49 -26.32 -30.97 28.13
C GLY A 49 -25.06 -31.04 29.00
N VAL A 50 -24.90 -32.12 29.76
CA VAL A 50 -23.83 -32.15 30.74
C VAL A 50 -23.32 -33.55 30.90
N ILE A 51 -22.02 -33.62 31.19
CA ILE A 51 -21.39 -34.90 31.45
C ILE A 51 -20.68 -34.87 32.77
N ASN A 52 -20.71 -36.02 33.43
CA ASN A 52 -19.90 -36.29 34.65
C ASN A 52 -18.65 -37.01 34.19
N PRO A 53 -17.50 -36.39 34.35
CA PRO A 53 -16.35 -37.01 33.70
C PRO A 53 -15.84 -38.19 34.50
N PHE A 54 -16.36 -38.40 35.70
CA PHE A 54 -15.95 -39.50 36.49
C PHE A 54 -16.78 -40.76 36.13
N ARG A 55 -18.09 -40.67 36.13
CA ARG A 55 -18.83 -41.88 35.77
C ARG A 55 -19.00 -41.97 34.25
N GLY A 56 -19.03 -40.84 33.56
CA GLY A 56 -19.33 -40.83 32.13
C GLY A 56 -20.81 -40.58 31.82
N ASP A 57 -21.66 -40.54 32.85
CA ASP A 57 -23.08 -40.47 32.56
C ASP A 57 -23.45 -39.06 32.11
N THR A 58 -24.48 -38.95 31.29
CA THR A 58 -24.85 -37.66 30.75
C THR A 58 -26.34 -37.30 30.98
N TYR A 59 -26.70 -36.08 30.64
CA TYR A 59 -28.07 -35.60 30.67
C TYR A 59 -28.20 -34.48 29.58
N PHE A 60 -29.24 -34.52 28.75
CA PHE A 60 -29.46 -33.54 27.67
C PHE A 60 -30.82 -32.93 27.73
N ALA A 61 -30.92 -31.66 27.35
CA ALA A 61 -32.22 -31.08 27.14
C ALA A 61 -32.92 -31.91 26.03
N GLN A 62 -34.24 -32.04 26.16
CA GLN A 62 -35.04 -32.79 25.26
C GLN A 62 -34.66 -32.58 23.75
N LYS A 63 -34.54 -31.35 23.31
CA LYS A 63 -34.18 -31.07 21.92
C LYS A 63 -32.88 -31.76 21.45
N PHE A 64 -32.02 -32.17 22.38
CA PHE A 64 -30.72 -32.73 22.01
C PHE A 64 -30.54 -34.22 22.35
N LYS A 65 -31.55 -34.84 23.00
CA LYS A 65 -31.47 -36.26 23.35
C LYS A 65 -31.30 -37.12 22.11
N GLY A 66 -32.00 -36.80 21.04
CA GLY A 66 -31.88 -37.64 19.85
C GLY A 66 -30.43 -37.75 19.34
N ARG A 67 -29.67 -36.67 19.44
CA ARG A 67 -28.59 -36.48 18.48
C ARG A 67 -27.23 -36.13 19.09
N VAL A 68 -27.19 -35.85 20.38
CA VAL A 68 -25.94 -35.53 21.01
C VAL A 68 -25.48 -36.70 21.87
N THR A 69 -24.23 -37.11 21.71
CA THR A 69 -23.56 -37.92 22.73
C THR A 69 -22.36 -37.11 23.26
N LEU A 70 -22.02 -37.34 24.53
CA LEU A 70 -20.91 -36.68 25.13
C LEU A 70 -20.06 -37.79 25.64
N THR A 71 -18.76 -37.62 25.48
CA THR A 71 -17.86 -38.68 25.89
C THR A 71 -16.63 -38.05 26.50
N ARG A 72 -15.75 -38.84 27.06
CA ARG A 72 -14.67 -38.24 27.82
C ARG A 72 -13.43 -39.14 27.85
N ASP A 73 -12.25 -38.52 27.84
CA ASP A 73 -11.01 -39.30 27.97
C ASP A 73 -10.37 -38.79 29.25
N THR A 74 -10.28 -39.64 30.27
CA THR A 74 -9.75 -39.17 31.57
C THR A 74 -8.27 -39.08 31.52
N SER A 75 -7.62 -39.85 30.66
CA SER A 75 -6.16 -39.75 30.56
C SER A 75 -5.62 -38.42 29.98
N THR A 76 -6.39 -37.76 29.09
CA THR A 76 -6.00 -36.52 28.45
C THR A 76 -6.97 -35.39 28.89
N SER A 77 -7.75 -35.67 29.94
CA SER A 77 -8.82 -34.81 30.40
C SER A 77 -9.45 -33.88 29.38
N THR A 78 -9.93 -34.56 28.31
CA THR A 78 -10.70 -33.97 27.22
C THR A 78 -12.15 -34.54 27.20
N VAL A 79 -13.09 -33.72 26.77
CA VAL A 79 -14.50 -34.10 26.74
C VAL A 79 -14.91 -33.93 25.29
N PHE A 80 -15.69 -34.87 24.77
CA PHE A 80 -15.98 -34.78 23.33
C PHE A 80 -17.40 -34.69 23.17
N MET A 81 -17.81 -33.82 22.25
CA MET A 81 -19.25 -33.59 22.00
C MET A 81 -19.55 -33.93 20.54
N GLU A 82 -20.49 -34.83 20.34
CA GLU A 82 -20.81 -35.30 19.02
C GLU A 82 -22.27 -35.07 18.70
N LEU A 83 -22.49 -34.30 17.63
CA LEU A 83 -23.81 -33.98 17.12
C LEU A 83 -24.00 -34.59 15.73
N SER A 84 -24.98 -35.48 15.57
CA SER A 84 -25.28 -36.08 14.26
C SER A 84 -26.57 -35.55 13.59
N SER A 85 -26.92 -36.09 12.41
CA SER A 85 -28.03 -35.59 11.55
C SER A 85 -28.09 -34.08 11.54
N LEU A 86 -26.99 -33.45 11.14
CA LEU A 86 -26.90 -32.00 11.16
C LEU A 86 -27.88 -31.37 10.17
N ARG A 87 -28.38 -30.19 10.52
CA ARG A 87 -29.24 -29.42 9.63
C ARG A 87 -28.70 -28.01 9.60
N SER A 88 -29.05 -27.22 8.58
CA SER A 88 -28.55 -25.83 8.54
C SER A 88 -28.68 -25.06 9.89
N ASP A 89 -29.78 -25.24 10.59
CA ASP A 89 -30.00 -24.51 11.82
C ASP A 89 -29.19 -25.04 13.04
N ASP A 90 -28.39 -26.09 12.84
CA ASP A 90 -27.33 -26.40 13.83
C ASP A 90 -26.11 -25.48 13.65
N THR A 91 -26.14 -24.61 12.66
CA THR A 91 -25.01 -23.70 12.46
C THR A 91 -24.93 -22.79 13.66
N ALA A 92 -23.83 -22.87 14.40
CA ALA A 92 -23.74 -22.16 15.67
C ALA A 92 -22.34 -22.15 16.18
N ILE A 93 -22.09 -21.31 17.19
CA ILE A 93 -20.88 -21.44 18.00
C ILE A 93 -21.21 -22.31 19.22
N TYR A 94 -20.38 -23.35 19.44
CA TYR A 94 -20.57 -24.35 20.51
C TYR A 94 -19.56 -24.11 21.60
N TYR A 95 -19.99 -24.04 22.87
CA TYR A 95 -19.06 -23.75 23.97
C TYR A 95 -19.18 -24.87 24.92
N CYS A 96 -18.04 -25.26 25.53
CA CYS A 96 -18.02 -26.10 26.72
C CYS A 96 -17.71 -25.21 27.90
N ALA A 97 -18.20 -25.61 29.07
CA ALA A 97 -18.00 -24.83 30.32
C ALA A 97 -17.89 -25.71 31.54
N ARG A 98 -17.16 -25.27 32.54
CA ARG A 98 -17.02 -26.06 33.73
C ARG A 98 -17.81 -25.50 34.90
N ASP A 99 -18.45 -26.39 35.63
CA ASP A 99 -19.18 -26.02 36.83
C ASP A 99 -18.28 -25.31 37.86
N LEU A 100 -18.84 -24.43 38.67
CA LEU A 100 -18.11 -23.66 39.67
C LEU A 100 -17.55 -24.55 40.82
N GLU A 101 -18.38 -25.41 41.39
CA GLU A 101 -17.96 -26.13 42.54
C GLU A 101 -17.77 -27.58 42.16
N MET A 102 -17.17 -28.39 43.02
CA MET A 102 -16.98 -29.79 42.70
C MET A 102 -18.32 -30.51 42.66
N ARG A 103 -18.40 -31.56 41.86
CA ARG A 103 -19.57 -32.42 41.77
C ARG A 103 -20.38 -32.53 43.03
N ASP A 104 -21.64 -32.09 42.95
CA ASP A 104 -22.58 -32.20 44.10
C ASP A 104 -23.73 -33.24 43.98
N GLY A 105 -23.60 -34.21 43.06
CA GLY A 105 -24.77 -34.99 42.65
C GLY A 105 -25.81 -34.27 41.75
N ASN A 106 -25.71 -32.94 41.56
CA ASN A 106 -26.71 -32.18 40.79
C ASN A 106 -26.14 -31.63 39.49
N ASN A 107 -26.21 -32.42 38.43
CA ASN A 107 -25.42 -32.09 37.25
C ASN A 107 -25.96 -30.95 36.42
N HIS A 108 -27.27 -30.88 36.23
CA HIS A 108 -27.85 -29.79 35.50
C HIS A 108 -27.84 -28.50 36.33
N GLY A 109 -27.62 -28.64 37.65
CA GLY A 109 -27.59 -27.55 38.59
C GLY A 109 -26.35 -26.66 38.48
N SER A 110 -25.59 -26.80 37.39
CA SER A 110 -24.27 -26.24 37.27
C SER A 110 -24.16 -24.74 36.91
N HIS A 111 -23.15 -24.10 37.49
CA HIS A 111 -22.81 -22.72 37.23
C HIS A 111 -21.57 -22.69 36.36
N LEU A 112 -21.73 -22.15 35.14
CA LEU A 112 -20.67 -22.14 34.17
C LEU A 112 -19.69 -21.01 34.47
N GLU A 113 -18.71 -21.30 35.35
CA GLU A 113 -17.63 -20.38 35.66
C GLU A 113 -16.53 -20.24 34.59
N PHE A 114 -16.10 -21.36 33.97
CA PHE A 114 -14.92 -21.31 33.03
C PHE A 114 -15.37 -21.83 31.73
N TRP A 115 -15.13 -21.10 30.65
CA TRP A 115 -15.73 -21.38 29.37
C TRP A 115 -14.64 -21.58 28.34
N GLY A 116 -14.92 -22.40 27.32
CA GLY A 116 -14.04 -22.45 26.14
C GLY A 116 -14.10 -21.14 25.35
N GLN A 117 -13.24 -21.03 24.32
CA GLN A 117 -13.27 -19.92 23.39
C GLN A 117 -14.38 -20.13 22.41
N GLY A 118 -14.96 -21.32 22.33
CA GLY A 118 -16.06 -21.55 21.38
C GLY A 118 -15.63 -22.24 20.09
N THR A 119 -16.47 -23.11 19.54
CA THR A 119 -16.20 -23.62 18.20
C THR A 119 -17.32 -23.28 17.24
N LEU A 120 -16.99 -22.56 16.19
CA LEU A 120 -17.89 -22.39 15.07
C LEU A 120 -18.05 -23.72 14.25
N VAL A 121 -19.28 -24.13 14.05
CA VAL A 121 -19.63 -25.25 13.22
C VAL A 121 -20.63 -24.72 12.20
N THR A 122 -20.28 -24.71 10.91
CA THR A 122 -21.28 -24.25 9.99
C THR A 122 -21.83 -25.40 9.17
N VAL A 123 -23.15 -25.56 9.12
CA VAL A 123 -23.80 -26.64 8.36
C VAL A 123 -24.49 -26.09 7.10
N SER A 124 -24.04 -26.58 5.94
CA SER A 124 -24.35 -25.97 4.67
C SER A 124 -23.81 -26.84 3.54
N SER A 125 -24.50 -26.77 2.40
CA SER A 125 -24.15 -27.57 1.28
C SER A 125 -23.16 -26.79 0.43
N ALA A 126 -22.87 -25.53 0.81
CA ALA A 126 -21.98 -24.65 0.05
C ALA A 126 -20.64 -25.29 0.06
N SER A 127 -19.77 -24.88 -0.84
CA SER A 127 -18.43 -25.35 -0.69
C SER A 127 -17.48 -24.19 -0.75
N THR A 128 -16.33 -24.45 -0.14
CA THR A 128 -15.34 -23.47 0.18
C THR A 128 -15.08 -22.60 -1.03
N LYS A 129 -14.97 -21.30 -0.77
CA LYS A 129 -14.89 -20.31 -1.85
C LYS A 129 -14.36 -19.02 -1.28
N GLY A 130 -13.35 -18.44 -1.92
CA GLY A 130 -12.83 -17.16 -1.48
C GLY A 130 -13.59 -16.03 -2.18
N PRO A 131 -13.62 -14.84 -1.54
CA PRO A 131 -14.48 -13.71 -1.98
C PRO A 131 -13.98 -13.05 -3.24
N SER A 132 -14.88 -12.39 -3.97
CA SER A 132 -14.47 -11.35 -4.85
C SER A 132 -14.56 -10.06 -4.06
N VAL A 133 -13.67 -9.11 -4.33
CA VAL A 133 -13.63 -7.89 -3.53
C VAL A 133 -13.84 -6.69 -4.44
N PHE A 134 -14.84 -5.87 -4.14
CA PHE A 134 -15.17 -4.77 -5.03
C PHE A 134 -15.08 -3.47 -4.29
N PRO A 135 -14.70 -2.41 -5.02
CA PRO A 135 -14.53 -1.10 -4.43
C PRO A 135 -15.86 -0.40 -4.16
N LEU A 136 -15.97 0.18 -2.96
CA LEU A 136 -16.99 1.17 -2.77
C LEU A 136 -16.33 2.53 -2.96
N ALA A 137 -16.48 3.05 -4.17
CA ALA A 137 -15.83 4.29 -4.56
C ALA A 137 -16.63 5.51 -4.15
N PRO A 138 -15.93 6.51 -3.59
CA PRO A 138 -16.50 7.77 -3.16
C PRO A 138 -16.83 8.66 -4.35
N THR A 147 -15.66 15.60 4.64
CA THR A 147 -15.85 14.18 5.03
C THR A 147 -16.54 13.30 3.97
N ALA A 148 -15.90 12.19 3.63
CA ALA A 148 -16.30 11.38 2.50
C ALA A 148 -16.12 9.92 2.90
N ALA A 149 -16.93 9.06 2.31
CA ALA A 149 -16.94 7.65 2.69
C ALA A 149 -16.60 6.79 1.51
N LEU A 150 -15.69 5.84 1.74
CA LEU A 150 -15.28 4.88 0.72
C LEU A 150 -15.21 3.49 1.34
N GLY A 151 -15.08 2.45 0.52
CA GLY A 151 -15.14 1.11 1.10
C GLY A 151 -14.74 -0.05 0.21
N CYS A 152 -14.91 -1.25 0.77
CA CYS A 152 -14.75 -2.50 0.05
C CYS A 152 -15.96 -3.39 0.23
N LEU A 153 -16.42 -3.96 -0.87
CA LEU A 153 -17.45 -4.99 -0.78
C LEU A 153 -16.76 -6.34 -0.94
N VAL A 154 -16.91 -7.17 0.08
CA VAL A 154 -16.24 -8.46 0.18
C VAL A 154 -17.32 -9.47 -0.01
N LYS A 155 -17.38 -10.07 -1.18
CA LYS A 155 -18.58 -10.74 -1.60
C LYS A 155 -18.38 -12.17 -2.10
N ASP A 156 -19.29 -13.07 -1.69
CA ASP A 156 -19.43 -14.42 -2.26
C ASP A 156 -18.33 -15.32 -1.74
N TYR A 157 -18.19 -15.41 -0.43
CA TYR A 157 -17.21 -16.30 0.14
C TYR A 157 -17.93 -17.24 1.07
N PHE A 158 -17.26 -18.32 1.42
CA PHE A 158 -17.80 -19.25 2.40
C PHE A 158 -16.62 -20.07 2.86
N PRO A 159 -16.54 -20.37 4.17
CA PRO A 159 -17.48 -19.94 5.21
C PRO A 159 -16.92 -18.72 5.94
N GLU A 160 -17.60 -18.28 7.01
CA GLU A 160 -17.04 -17.30 7.92
C GLU A 160 -15.72 -17.86 8.48
N PRO A 161 -14.78 -16.99 8.86
CA PRO A 161 -14.88 -15.54 8.82
C PRO A 161 -14.01 -14.99 7.70
N VAL A 162 -14.07 -13.68 7.44
CA VAL A 162 -12.99 -12.96 6.76
C VAL A 162 -12.37 -11.97 7.75
N THR A 163 -11.18 -11.47 7.45
CA THR A 163 -10.70 -10.29 8.12
C THR A 163 -10.43 -9.20 7.10
N VAL A 164 -10.64 -7.95 7.51
CA VAL A 164 -10.39 -6.79 6.71
C VAL A 164 -9.65 -5.74 7.55
N SER A 165 -8.58 -5.17 6.96
CA SER A 165 -7.94 -3.97 7.49
C SER A 165 -7.63 -3.00 6.35
N TRP A 166 -7.26 -1.78 6.71
CA TRP A 166 -7.02 -0.75 5.71
C TRP A 166 -5.57 -0.25 5.73
N ASN A 167 -5.05 0.04 4.52
CA ASN A 167 -3.65 0.33 4.30
C ASN A 167 -2.79 -0.48 5.27
N SER A 168 -2.91 -1.81 5.19
CA SER A 168 -2.06 -2.74 5.93
C SER A 168 -2.01 -2.51 7.42
N GLY A 169 -3.08 -1.95 7.98
CA GLY A 169 -3.14 -1.70 9.42
C GLY A 169 -3.06 -0.23 9.78
N ALA A 170 -2.32 0.55 8.99
CA ALA A 170 -2.22 2.02 9.19
C ALA A 170 -3.53 2.71 9.60
N LEU A 171 -4.58 2.49 8.82
CA LEU A 171 -5.83 3.22 8.95
C LEU A 171 -6.79 2.44 9.81
N THR A 172 -7.18 3.04 10.94
CA THR A 172 -8.09 2.41 11.91
C THR A 172 -9.18 3.38 12.35
N SER A 173 -8.88 4.65 12.22
CA SER A 173 -9.77 5.68 12.63
C SER A 173 -10.87 5.85 11.57
N GLY A 174 -12.13 5.70 11.99
CA GLY A 174 -13.21 5.97 11.05
C GLY A 174 -13.62 4.70 10.33
N VAL A 175 -12.99 3.58 10.68
CA VAL A 175 -13.25 2.31 10.00
C VAL A 175 -14.45 1.60 10.61
N HIS A 176 -15.31 1.04 9.76
CA HIS A 176 -16.38 0.15 10.25
C HIS A 176 -16.42 -1.08 9.36
N THR A 177 -16.12 -2.25 9.92
CA THR A 177 -16.33 -3.52 9.23
C THR A 177 -17.58 -4.20 9.74
N PHE A 178 -18.56 -4.36 8.87
CA PHE A 178 -19.87 -4.83 9.25
C PHE A 178 -19.89 -6.31 9.35
N PRO A 179 -20.87 -6.85 10.10
CA PRO A 179 -21.10 -8.29 10.17
C PRO A 179 -21.64 -8.82 8.86
N ALA A 180 -21.21 -10.02 8.50
CA ALA A 180 -21.54 -10.57 7.20
C ALA A 180 -22.99 -10.99 7.18
N VAL A 181 -23.62 -10.98 6.01
CA VAL A 181 -24.97 -11.52 5.86
C VAL A 181 -24.82 -12.76 5.02
N LEU A 182 -25.75 -13.70 5.17
CA LEU A 182 -25.77 -14.91 4.42
C LEU A 182 -26.81 -14.78 3.32
N GLN A 183 -26.36 -14.88 2.07
CA GLN A 183 -27.23 -14.76 0.91
C GLN A 183 -28.02 -16.02 0.61
N SER A 184 -28.95 -15.89 -0.33
CA SER A 184 -29.80 -16.98 -0.74
C SER A 184 -29.01 -18.08 -1.45
N SER A 185 -27.83 -17.76 -1.98
CA SER A 185 -26.95 -18.75 -2.63
C SER A 185 -26.14 -19.52 -1.60
N GLY A 186 -26.14 -19.02 -0.36
CA GLY A 186 -25.47 -19.74 0.70
C GLY A 186 -24.04 -19.30 0.83
N LEU A 187 -23.66 -18.24 0.13
CA LEU A 187 -22.38 -17.59 0.33
C LEU A 187 -22.57 -16.29 1.15
N TYR A 188 -21.56 -15.95 1.97
CA TYR A 188 -21.58 -14.73 2.73
C TYR A 188 -21.17 -13.50 1.90
N SER A 189 -21.59 -12.35 2.42
CA SER A 189 -21.25 -11.06 1.86
C SER A 189 -21.09 -10.09 2.99
N LEU A 190 -20.09 -9.24 2.84
CA LEU A 190 -19.74 -8.33 3.91
C LEU A 190 -19.22 -7.04 3.31
N SER A 191 -19.47 -5.95 3.98
CA SER A 191 -18.84 -4.72 3.54
C SER A 191 -17.95 -4.13 4.63
N SER A 192 -16.90 -3.44 4.20
CA SER A 192 -16.04 -2.68 5.10
C SER A 192 -15.96 -1.26 4.56
N VAL A 193 -16.15 -0.27 5.43
CA VAL A 193 -16.18 1.11 4.98
C VAL A 193 -15.34 2.01 5.87
N VAL A 194 -14.94 3.14 5.31
CA VAL A 194 -14.24 4.14 6.11
C VAL A 194 -14.56 5.56 5.67
N THR A 195 -14.78 6.44 6.66
CA THR A 195 -14.93 7.86 6.43
C THR A 195 -13.58 8.54 6.52
N VAL A 196 -13.47 9.61 5.73
CA VAL A 196 -12.19 10.18 5.41
C VAL A 196 -12.45 11.63 4.99
N PRO A 197 -11.49 12.55 5.29
CA PRO A 197 -11.56 13.92 4.79
C PRO A 197 -11.67 14.06 3.25
N SER A 198 -12.76 14.67 2.78
CA SER A 198 -12.98 14.94 1.35
C SER A 198 -11.69 15.36 0.64
N SER A 199 -10.87 16.10 1.36
CA SER A 199 -9.64 16.63 0.80
C SER A 199 -8.53 15.58 0.65
N SER A 200 -8.80 14.36 1.07
CA SER A 200 -7.81 13.31 0.94
C SER A 200 -8.03 12.43 -0.26
N LEU A 201 -9.17 12.57 -0.92
CA LEU A 201 -9.46 11.77 -2.12
C LEU A 201 -8.44 12.05 -3.22
N GLY A 202 -8.11 13.33 -3.43
CA GLY A 202 -7.03 13.74 -4.31
C GLY A 202 -5.65 13.23 -3.91
N THR A 203 -5.36 13.16 -2.61
CA THR A 203 -3.99 12.94 -2.11
C THR A 203 -3.67 11.51 -1.62
N GLN A 204 -4.30 11.06 -0.51
CA GLN A 204 -3.99 9.73 0.06
C GLN A 204 -4.51 8.56 -0.77
N THR A 205 -3.79 7.45 -0.73
CA THR A 205 -4.31 6.26 -1.39
C THR A 205 -4.86 5.33 -0.32
N TYR A 206 -5.96 4.64 -0.66
CA TYR A 206 -6.64 3.75 0.29
C TYR A 206 -6.71 2.32 -0.21
N ILE A 207 -6.31 1.38 0.66
CA ILE A 207 -6.33 -0.04 0.28
C ILE A 207 -6.91 -0.83 1.41
N CYS A 208 -7.90 -1.67 1.10
CA CYS A 208 -8.39 -2.62 2.09
C CYS A 208 -7.66 -3.93 1.85
N ASN A 209 -7.26 -4.60 2.92
CA ASN A 209 -6.59 -5.90 2.84
C ASN A 209 -7.49 -6.99 3.38
N VAL A 210 -7.80 -7.96 2.54
CA VAL A 210 -8.80 -8.96 2.87
C VAL A 210 -8.12 -10.31 3.00
N ASN A 211 -8.37 -10.97 4.13
CA ASN A 211 -7.95 -12.36 4.29
C ASN A 211 -9.12 -13.27 4.46
N HIS A 212 -9.15 -14.35 3.70
CA HIS A 212 -10.07 -15.45 3.97
C HIS A 212 -9.20 -16.70 4.17
N LYS A 213 -8.91 -17.08 5.42
CA LYS A 213 -8.58 -18.48 5.65
C LYS A 213 -9.99 -19.12 5.58
N PRO A 214 -10.13 -20.22 4.86
CA PRO A 214 -9.20 -21.01 4.07
C PRO A 214 -9.30 -20.88 2.55
N SER A 215 -8.25 -20.48 1.79
CA SER A 215 -6.99 -19.82 2.27
C SER A 215 -6.56 -18.82 1.18
N ASN A 216 -6.71 -17.53 1.47
CA ASN A 216 -7.01 -16.52 0.43
C ASN A 216 -6.86 -15.04 0.86
N THR A 217 -5.94 -14.34 0.21
CA THR A 217 -5.72 -12.95 0.55
C THR A 217 -5.80 -12.06 -0.68
N LYS A 218 -6.39 -10.88 -0.50
CA LYS A 218 -6.63 -9.96 -1.58
C LYS A 218 -6.37 -8.55 -1.07
N VAL A 219 -5.78 -7.74 -1.91
CA VAL A 219 -5.39 -6.40 -1.54
C VAL A 219 -6.06 -5.55 -2.62
N ASP A 220 -6.90 -4.57 -2.27
CA ASP A 220 -7.62 -3.80 -3.28
C ASP A 220 -7.61 -2.27 -3.14
N LYS A 221 -7.19 -1.59 -4.21
CA LYS A 221 -7.00 -0.15 -4.17
C LYS A 221 -8.31 0.60 -4.36
N ARG A 222 -8.46 1.70 -3.62
CA ARG A 222 -9.66 2.53 -3.69
C ARG A 222 -9.47 3.98 -4.11
N VAL A 223 -9.70 4.25 -5.40
CA VAL A 223 -9.49 5.58 -5.97
C VAL A 223 -10.79 6.21 -6.47
N GLU A 224 -10.66 7.38 -7.09
CA GLU A 224 -11.77 8.25 -7.49
C GLU A 224 -12.14 8.99 -6.25
N ASP B 1 -39.07 -26.00 28.89
CA ASP B 1 -40.19 -26.13 29.86
C ASP B 1 -40.31 -24.88 30.77
N ILE B 2 -39.51 -24.72 31.84
CA ILE B 2 -39.57 -23.46 32.62
C ILE B 2 -39.19 -22.29 31.73
N VAL B 3 -40.03 -21.25 31.68
CA VAL B 3 -39.78 -20.12 30.79
C VAL B 3 -39.16 -18.88 31.50
N MET B 4 -38.12 -18.30 30.91
CA MET B 4 -37.49 -17.10 31.48
C MET B 4 -37.78 -15.85 30.66
N THR B 5 -38.30 -14.81 31.29
CA THR B 5 -38.58 -13.54 30.63
C THR B 5 -37.75 -12.44 31.27
N GLN B 6 -37.07 -11.70 30.42
CA GLN B 6 -36.17 -10.64 30.85
C GLN B 6 -36.70 -9.33 30.34
N SER B 7 -36.74 -8.30 31.15
CA SER B 7 -37.10 -7.00 30.58
C SER B 7 -36.18 -5.97 31.22
N PRO B 8 -35.94 -4.85 30.49
CA PRO B 8 -36.34 -4.73 29.07
C PRO B 8 -35.38 -5.53 28.20
N LEU B 9 -35.59 -5.55 26.88
CA LEU B 9 -34.76 -6.30 25.97
C LEU B 9 -33.58 -5.46 25.53
N SER B 10 -33.74 -4.15 25.63
CA SER B 10 -32.59 -3.31 25.51
C SER B 10 -32.66 -2.09 26.45
N LEU B 11 -31.52 -1.71 27.00
CA LEU B 11 -31.47 -0.78 28.08
C LEU B 11 -30.31 0.17 27.89
N PRO B 12 -30.62 1.38 27.44
CA PRO B 12 -29.63 2.45 27.37
C PRO B 12 -29.36 3.11 28.74
N VAL B 13 -28.10 3.39 29.04
CA VAL B 13 -27.75 3.99 30.29
C VAL B 13 -26.77 5.12 30.11
N THR B 14 -27.03 6.22 30.77
CA THR B 14 -26.10 7.33 30.77
C THR B 14 -24.83 6.91 31.55
N PRO B 15 -23.63 7.17 31.00
CA PRO B 15 -22.41 6.79 31.70
C PRO B 15 -22.46 7.31 33.10
N GLY B 16 -22.25 6.45 34.11
CA GLY B 16 -22.31 6.88 35.51
C GLY B 16 -23.54 6.47 36.30
N GLU B 17 -24.63 6.20 35.62
CA GLU B 17 -25.91 5.96 36.31
C GLU B 17 -26.14 4.49 36.43
N ALA B 18 -27.20 4.12 37.13
CA ALA B 18 -27.49 2.73 37.39
C ALA B 18 -28.42 2.09 36.35
N ALA B 19 -28.39 0.78 36.26
CA ALA B 19 -29.21 0.02 35.33
C ALA B 19 -29.81 -1.12 36.12
N SER B 20 -31.06 -1.44 35.83
CA SER B 20 -31.71 -2.60 36.43
C SER B 20 -32.36 -3.47 35.40
N ILE B 21 -32.11 -4.75 35.52
CA ILE B 21 -32.71 -5.75 34.66
C ILE B 21 -33.57 -6.67 35.53
N SER B 22 -34.75 -6.99 35.03
CA SER B 22 -35.61 -8.00 35.63
C SER B 22 -35.53 -9.33 34.89
N CYS B 23 -35.60 -10.37 35.66
CA CYS B 23 -35.71 -11.69 35.12
C CYS B 23 -36.86 -12.28 35.87
N ARG B 24 -37.81 -12.83 35.11
CA ARG B 24 -39.01 -13.48 35.68
C ARG B 24 -39.15 -14.91 35.14
N SER B 25 -39.41 -15.83 36.04
CA SER B 25 -39.55 -17.20 35.63
C SER B 25 -40.99 -17.66 35.75
N SER B 26 -41.36 -18.60 34.89
CA SER B 26 -42.71 -19.17 34.86
C SER B 26 -43.04 -19.99 36.09
N GLN B 27 -42.05 -20.25 36.92
CA GLN B 27 -42.28 -20.92 38.17
C GLN B 27 -41.08 -20.77 39.06
N SER B 28 -41.25 -21.15 40.32
CA SER B 28 -40.22 -20.88 41.32
C SER B 28 -38.90 -21.57 40.98
N LEU B 29 -37.82 -20.88 41.29
CA LEU B 29 -36.52 -21.43 41.12
C LEU B 29 -35.89 -21.81 42.45
N LEU B 30 -36.71 -21.90 43.51
CA LEU B 30 -36.20 -22.31 44.82
C LEU B 30 -36.33 -23.84 44.97
N HIS B 31 -35.21 -24.52 45.14
CA HIS B 31 -35.20 -25.96 45.33
C HIS B 31 -35.48 -26.34 46.79
N THR B 32 -35.90 -27.58 47.06
CA THR B 32 -36.08 -28.02 48.45
C THR B 32 -34.75 -28.06 49.28
N ASN B 33 -33.60 -28.16 48.62
CA ASN B 33 -32.33 -27.99 49.33
C ASN B 33 -32.09 -26.52 49.74
N GLY B 34 -33.02 -25.63 49.35
CA GLY B 34 -32.96 -24.27 49.84
C GLY B 34 -32.18 -23.29 48.99
N PHE B 35 -31.58 -23.73 47.87
CA PHE B 35 -30.93 -22.84 46.90
C PHE B 35 -31.86 -22.30 45.84
N GLN B 36 -31.55 -21.07 45.42
CA GLN B 36 -32.25 -20.34 44.36
C GLN B 36 -31.45 -20.43 43.02
N TYR B 37 -31.90 -21.33 42.13
CA TYR B 37 -31.20 -21.58 40.90
C TYR B 37 -31.42 -20.56 39.83
N LEU B 38 -30.83 -19.37 40.04
CA LEU B 38 -30.79 -18.34 39.02
C LEU B 38 -29.36 -17.75 38.90
N ASP B 39 -28.83 -17.68 37.70
CA ASP B 39 -27.48 -17.20 37.48
C ASP B 39 -27.63 -16.09 36.46
N TRP B 40 -26.75 -15.09 36.52
CA TRP B 40 -26.67 -14.11 35.44
C TRP B 40 -25.32 -14.31 34.72
N TYR B 41 -25.35 -14.23 33.38
CA TYR B 41 -24.16 -14.28 32.56
C TYR B 41 -24.10 -13.00 31.78
N LEU B 42 -22.87 -12.54 31.51
CA LEU B 42 -22.64 -11.42 30.62
C LEU B 42 -21.92 -11.96 29.40
N GLN B 43 -22.38 -11.53 28.22
CA GLN B 43 -21.61 -11.75 27.01
C GLN B 43 -21.21 -10.41 26.40
N LYS B 44 -19.92 -10.06 26.42
CA LYS B 44 -19.45 -8.84 25.78
C LYS B 44 -19.17 -9.07 24.28
N PRO B 45 -19.34 -8.01 23.41
CA PRO B 45 -19.40 -8.17 21.94
C PRO B 45 -18.21 -8.97 21.48
N GLY B 46 -18.49 -10.06 20.76
CA GLY B 46 -17.44 -10.95 20.25
C GLY B 46 -16.59 -11.71 21.28
N GLN B 47 -17.15 -11.98 22.47
CA GLN B 47 -16.40 -12.74 23.49
C GLN B 47 -17.27 -13.90 23.92
N SER B 48 -16.69 -14.84 24.68
CA SER B 48 -17.51 -15.89 25.30
C SER B 48 -18.44 -15.28 26.34
N PRO B 49 -19.51 -15.99 26.70
CA PRO B 49 -20.21 -15.55 27.87
C PRO B 49 -19.34 -15.73 29.11
N GLN B 50 -19.68 -15.00 30.17
CA GLN B 50 -18.98 -15.13 31.45
C GLN B 50 -20.00 -15.04 32.59
N LEU B 51 -19.70 -15.73 33.69
CA LEU B 51 -20.60 -15.76 34.85
C LEU B 51 -20.44 -14.46 35.64
N LEU B 52 -21.54 -13.80 35.98
CA LEU B 52 -21.49 -12.64 36.86
C LEU B 52 -21.96 -13.02 38.25
N ILE B 53 -23.18 -13.55 38.31
CA ILE B 53 -23.81 -13.84 39.54
C ILE B 53 -24.33 -15.26 39.52
N TYR B 54 -24.11 -16.01 40.59
CA TYR B 54 -24.73 -17.33 40.72
C TYR B 54 -25.63 -17.34 41.94
N LEU B 55 -26.69 -18.15 41.85
CA LEU B 55 -27.63 -18.37 42.96
C LEU B 55 -28.28 -17.11 43.45
N GLY B 56 -28.79 -16.32 42.52
CA GLY B 56 -29.57 -15.12 42.90
C GLY B 56 -28.60 -14.00 43.18
N SER B 57 -27.66 -14.22 44.07
CA SER B 57 -26.99 -13.03 44.57
C SER B 57 -25.50 -13.09 44.84
N ASN B 58 -24.83 -14.19 44.49
CA ASN B 58 -23.41 -14.34 44.75
C ASN B 58 -22.59 -13.86 43.56
N ARG B 59 -21.69 -12.92 43.81
CA ARG B 59 -20.75 -12.51 42.79
C ARG B 59 -19.66 -13.55 42.50
N ALA B 60 -19.31 -13.71 41.22
CA ALA B 60 -18.27 -14.67 40.82
C ALA B 60 -16.96 -13.96 40.99
N THR B 61 -15.84 -14.69 41.09
CA THR B 61 -14.65 -14.01 41.52
C THR B 61 -14.23 -12.98 40.51
N GLY B 62 -13.76 -11.83 40.94
CA GLY B 62 -13.41 -10.76 39.98
C GLY B 62 -14.53 -9.76 39.62
N VAL B 63 -15.80 -10.11 39.89
CA VAL B 63 -16.93 -9.21 39.53
C VAL B 63 -17.01 -8.18 40.66
N PRO B 64 -16.96 -6.91 40.32
CA PRO B 64 -17.01 -5.82 41.29
C PRO B 64 -18.41 -5.58 41.97
N HIS B 65 -18.38 -5.04 43.19
CA HIS B 65 -19.57 -4.64 43.96
C HIS B 65 -20.57 -3.90 43.07
N ARG B 66 -20.11 -3.06 42.14
CA ARG B 66 -21.05 -2.45 41.19
C ARG B 66 -22.17 -3.37 40.69
N PHE B 67 -21.96 -4.68 40.70
CA PHE B 67 -22.97 -5.64 40.19
C PHE B 67 -23.64 -6.25 41.35
N SER B 68 -24.96 -6.20 41.35
CA SER B 68 -25.66 -6.65 42.54
C SER B 68 -26.81 -7.47 42.09
N GLY B 69 -26.91 -8.71 42.52
CA GLY B 69 -28.00 -9.60 42.07
C GLY B 69 -28.93 -9.88 43.23
N SER B 70 -30.23 -9.83 43.00
CA SER B 70 -31.13 -10.13 44.12
C SER B 70 -32.52 -10.69 43.69
N GLY B 71 -33.41 -10.82 44.68
CA GLY B 71 -34.73 -11.40 44.48
C GLY B 71 -34.77 -12.89 44.82
N SER B 72 -35.89 -13.55 44.48
CA SER B 72 -36.12 -14.95 44.84
C SER B 72 -37.45 -15.46 44.23
N GLY B 73 -37.69 -16.78 44.31
CA GLY B 73 -38.96 -17.35 43.79
C GLY B 73 -39.08 -17.20 42.28
N THR B 74 -39.92 -16.30 41.78
CA THR B 74 -40.07 -16.15 40.34
C THR B 74 -39.65 -14.74 39.88
N GLU B 75 -38.95 -14.00 40.76
CA GLU B 75 -38.57 -12.59 40.50
C GLU B 75 -37.15 -12.23 40.90
N PHE B 76 -36.31 -11.94 39.91
CA PHE B 76 -34.92 -11.62 40.20
C PHE B 76 -34.51 -10.36 39.53
N THR B 77 -33.47 -9.70 40.08
CA THR B 77 -33.06 -8.38 39.57
C THR B 77 -31.57 -8.32 39.56
N LEU B 78 -31.02 -7.80 38.47
CA LEU B 78 -29.61 -7.52 38.42
C LEU B 78 -29.52 -6.04 38.31
N LYS B 79 -28.86 -5.44 39.29
CA LYS B 79 -28.57 -3.98 39.27
C LYS B 79 -27.08 -3.72 38.98
N ILE B 80 -26.82 -2.80 38.07
CA ILE B 80 -25.45 -2.44 37.74
C ILE B 80 -25.27 -0.99 38.04
N SER B 81 -24.37 -0.70 38.96
CA SER B 81 -24.13 0.71 39.24
C SER B 81 -22.93 1.31 38.47
N ARG B 82 -22.95 2.64 38.35
CA ARG B 82 -21.87 3.31 37.74
C ARG B 82 -21.42 2.66 36.40
N VAL B 83 -22.38 2.50 35.50
CA VAL B 83 -22.17 1.90 34.19
C VAL B 83 -21.13 2.63 33.35
N GLU B 84 -20.20 1.86 32.84
CA GLU B 84 -19.17 2.35 31.97
C GLU B 84 -19.24 1.55 30.66
N ALA B 85 -18.57 2.01 29.61
CA ALA B 85 -18.55 1.29 28.30
C ALA B 85 -18.14 -0.19 28.42
N GLU B 86 -17.26 -0.48 29.37
CA GLU B 86 -16.79 -1.83 29.58
C GLU B 86 -17.92 -2.78 30.03
N ASP B 87 -19.09 -2.26 30.37
CA ASP B 87 -20.23 -3.11 30.76
C ASP B 87 -21.23 -3.43 29.64
N VAL B 88 -21.00 -2.80 28.51
CA VAL B 88 -21.88 -2.92 27.39
C VAL B 88 -21.88 -4.36 26.92
N GLY B 89 -23.05 -4.85 26.51
CA GLY B 89 -23.14 -6.28 26.16
C GLY B 89 -24.52 -6.79 26.47
N VAL B 90 -24.70 -8.10 26.33
CA VAL B 90 -25.98 -8.77 26.56
C VAL B 90 -25.90 -9.60 27.82
N TYR B 91 -26.86 -9.38 28.69
CA TYR B 91 -26.94 -10.00 30.00
C TYR B 91 -28.03 -11.04 29.92
N TYR B 92 -27.68 -12.28 30.15
CA TYR B 92 -28.69 -13.36 30.21
C TYR B 92 -28.88 -13.88 31.58
N CYS B 93 -30.10 -14.24 31.89
CA CYS B 93 -30.38 -15.01 33.11
C CYS B 93 -30.58 -16.46 32.72
N MET B 94 -30.39 -17.35 33.66
CA MET B 94 -30.49 -18.73 33.34
C MET B 94 -30.95 -19.42 34.60
N GLN B 95 -31.97 -20.27 34.51
CA GLN B 95 -32.36 -21.18 35.66
C GLN B 95 -31.85 -22.61 35.51
N ALA B 96 -31.46 -23.17 36.65
CA ALA B 96 -31.04 -24.54 36.68
C ALA B 96 -31.88 -25.31 37.69
N LYS B 97 -33.13 -24.90 37.86
CA LYS B 97 -33.97 -25.54 38.85
C LYS B 97 -34.42 -26.86 38.17
N GLU B 98 -34.83 -26.75 36.91
CA GLU B 98 -34.97 -27.89 36.04
C GLU B 98 -34.11 -27.78 34.77
N SER B 99 -34.28 -28.68 33.82
CA SER B 99 -33.53 -28.59 32.56
C SER B 99 -33.19 -27.13 32.18
N PRO B 100 -31.91 -26.74 32.17
CA PRO B 100 -31.75 -25.27 32.23
C PRO B 100 -32.27 -24.53 31.00
N THR B 101 -32.78 -23.33 31.23
CA THR B 101 -33.14 -22.44 30.15
C THR B 101 -32.60 -21.08 30.44
N PHE B 102 -32.43 -20.33 29.36
CA PHE B 102 -31.99 -18.97 29.39
C PHE B 102 -33.16 -18.09 29.14
N GLY B 103 -33.11 -16.87 29.66
CA GLY B 103 -33.99 -15.81 29.12
C GLY B 103 -33.37 -15.31 27.81
N GLN B 104 -33.98 -14.32 27.20
CA GLN B 104 -33.62 -13.98 25.85
C GLN B 104 -32.52 -12.92 25.72
N GLY B 105 -32.13 -12.33 26.84
CA GLY B 105 -31.00 -11.42 26.86
C GLY B 105 -31.40 -9.98 26.90
N THR B 106 -30.66 -9.18 27.64
CA THR B 106 -30.90 -7.76 27.67
C THR B 106 -29.69 -7.03 27.16
N LYS B 107 -29.86 -6.30 26.08
CA LYS B 107 -28.75 -5.54 25.51
C LYS B 107 -28.58 -4.27 26.33
N VAL B 108 -27.41 -4.08 26.89
CA VAL B 108 -27.16 -2.88 27.63
C VAL B 108 -26.25 -2.04 26.77
N GLU B 109 -26.61 -0.78 26.55
CA GLU B 109 -25.80 0.15 25.78
C GLU B 109 -25.65 1.47 26.51
N ILE B 110 -24.72 2.29 26.03
CA ILE B 110 -24.47 3.62 26.58
C ILE B 110 -25.39 4.61 25.89
N LYS B 111 -26.14 5.37 26.72
CA LYS B 111 -27.04 6.45 26.25
C LYS B 111 -26.26 7.70 25.92
N ARG B 112 -26.53 8.28 24.75
CA ARG B 112 -25.92 9.56 24.33
C ARG B 112 -26.96 10.40 23.65
N THR B 113 -26.61 11.67 23.41
CA THR B 113 -27.55 12.57 22.74
C THR B 113 -27.88 11.94 21.39
N VAL B 114 -29.13 12.05 20.94
CA VAL B 114 -29.53 11.64 19.58
C VAL B 114 -28.60 12.24 18.50
N ALA B 115 -28.26 11.41 17.51
CA ALA B 115 -27.37 11.77 16.39
C ALA B 115 -27.89 11.20 15.09
N ALA B 116 -28.06 12.06 14.10
CA ALA B 116 -28.59 11.72 12.78
C ALA B 116 -27.47 11.03 11.97
N PRO B 117 -27.82 9.97 11.22
CA PRO B 117 -26.85 9.24 10.40
C PRO B 117 -26.30 10.13 9.26
N SER B 118 -25.03 10.01 8.88
CA SER B 118 -24.60 10.56 7.58
C SER B 118 -24.82 9.41 6.60
N VAL B 119 -25.44 9.72 5.45
CA VAL B 119 -25.84 8.70 4.50
C VAL B 119 -24.91 8.75 3.28
N PHE B 120 -24.63 7.60 2.67
CA PHE B 120 -23.82 7.51 1.44
C PHE B 120 -24.39 6.40 0.61
N ILE B 121 -24.26 6.57 -0.69
CA ILE B 121 -24.67 5.55 -1.63
C ILE B 121 -23.50 5.24 -2.56
N PHE B 122 -23.32 3.95 -2.85
CA PHE B 122 -22.27 3.47 -3.75
C PHE B 122 -22.82 2.65 -4.86
N PRO B 123 -22.50 3.07 -6.10
CA PRO B 123 -22.88 2.33 -7.28
C PRO B 123 -22.13 1.01 -7.31
N PRO B 124 -22.60 0.04 -8.13
CA PRO B 124 -21.82 -1.18 -8.23
C PRO B 124 -20.65 -0.86 -9.12
N SER B 125 -19.51 -1.46 -8.80
CA SER B 125 -18.27 -1.22 -9.53
C SER B 125 -18.40 -1.82 -10.95
N ASP B 126 -17.80 -1.15 -11.96
CA ASP B 126 -17.80 -1.68 -13.36
C ASP B 126 -17.31 -3.13 -13.34
N GLU B 127 -16.44 -3.37 -12.36
CA GLU B 127 -15.67 -4.57 -12.09
C GLU B 127 -16.57 -5.81 -11.82
N GLN B 128 -17.54 -5.64 -10.93
CA GLN B 128 -18.49 -6.69 -10.59
C GLN B 128 -19.54 -6.92 -11.66
N LEU B 129 -19.81 -5.87 -12.43
CA LEU B 129 -20.82 -5.94 -13.49
C LEU B 129 -20.52 -6.95 -14.59
N LYS B 130 -19.23 -7.21 -14.82
CA LYS B 130 -18.80 -8.18 -15.80
C LYS B 130 -19.49 -9.54 -15.64
N SER B 131 -19.99 -9.84 -14.43
CA SER B 131 -20.43 -11.21 -14.13
C SER B 131 -21.88 -11.43 -13.70
N GLY B 132 -22.79 -10.57 -14.13
CA GLY B 132 -24.21 -10.85 -14.02
C GLY B 132 -24.92 -10.27 -12.81
N THR B 133 -24.14 -9.77 -11.86
CA THR B 133 -24.70 -9.23 -10.62
C THR B 133 -24.35 -7.76 -10.33
N ALA B 134 -25.30 -7.09 -9.71
CA ALA B 134 -25.12 -5.70 -9.28
C ALA B 134 -25.49 -5.58 -7.80
N SER B 135 -24.56 -5.12 -7.01
CA SER B 135 -24.83 -4.76 -5.62
C SER B 135 -24.69 -3.26 -5.42
N VAL B 136 -25.72 -2.64 -4.87
CA VAL B 136 -25.79 -1.20 -4.57
C VAL B 136 -25.76 -1.11 -3.06
N VAL B 137 -24.84 -0.33 -2.52
CA VAL B 137 -24.62 -0.27 -1.10
C VAL B 137 -24.98 1.10 -0.53
N CYS B 138 -25.58 1.06 0.66
CA CYS B 138 -25.93 2.24 1.41
C CYS B 138 -25.24 2.17 2.75
N LEU B 139 -24.63 3.27 3.16
CA LEU B 139 -23.98 3.37 4.46
C LEU B 139 -24.64 4.45 5.26
N LEU B 140 -25.14 4.04 6.42
CA LEU B 140 -25.70 4.99 7.39
C LEU B 140 -24.71 4.99 8.46
N ASN B 141 -24.05 6.14 8.61
CA ASN B 141 -22.91 6.22 9.49
C ASN B 141 -23.01 7.11 10.73
N ASN B 142 -22.51 6.56 11.83
CA ASN B 142 -22.39 7.25 13.11
C ASN B 142 -23.68 7.86 13.67
N PHE B 143 -24.64 7.00 13.93
CA PHE B 143 -25.92 7.46 14.48
C PHE B 143 -26.27 6.88 15.85
N TYR B 144 -27.28 7.48 16.49
CA TYR B 144 -27.79 7.01 17.76
C TYR B 144 -29.17 7.62 17.93
N PRO B 145 -30.16 6.83 18.41
CA PRO B 145 -30.12 5.45 18.84
C PRO B 145 -30.11 4.48 17.66
N ARG B 146 -30.24 3.21 17.96
CA ARG B 146 -29.97 2.15 17.00
C ARG B 146 -31.08 1.98 15.95
N GLU B 147 -32.34 2.22 16.28
CA GLU B 147 -33.43 2.09 15.29
C GLU B 147 -33.26 3.04 14.15
N ALA B 148 -33.28 2.48 12.96
CA ALA B 148 -33.11 3.22 11.73
C ALA B 148 -33.78 2.42 10.62
N LYS B 149 -34.16 3.05 9.54
CA LYS B 149 -34.83 2.28 8.52
C LYS B 149 -34.38 2.75 7.17
N VAL B 150 -34.00 1.76 6.37
CA VAL B 150 -33.57 1.98 5.00
C VAL B 150 -34.63 1.53 4.01
N GLN B 151 -35.02 2.39 3.08
CA GLN B 151 -35.90 1.94 2.01
C GLN B 151 -35.26 2.16 0.63
N TRP B 152 -35.14 1.11 -0.17
CA TRP B 152 -34.53 1.27 -1.53
C TRP B 152 -35.56 1.52 -2.59
N LYS B 153 -35.18 2.39 -3.53
CA LYS B 153 -36.02 2.74 -4.64
C LYS B 153 -35.22 2.67 -5.92
N VAL B 154 -35.89 2.24 -7.00
CA VAL B 154 -35.25 1.99 -8.29
C VAL B 154 -36.21 2.58 -9.32
N ASP B 155 -35.77 3.70 -9.90
CA ASP B 155 -36.65 4.62 -10.67
C ASP B 155 -37.89 5.04 -9.88
N ASN B 156 -37.73 5.14 -8.56
CA ASN B 156 -38.77 5.53 -7.61
C ASN B 156 -39.76 4.40 -7.22
N ALA B 157 -39.52 3.18 -7.72
CA ALA B 157 -40.35 2.05 -7.33
C ALA B 157 -39.83 1.45 -5.99
N LEU B 158 -40.71 1.26 -5.00
CA LEU B 158 -40.22 0.77 -3.70
C LEU B 158 -39.75 -0.67 -3.87
N GLN B 159 -38.53 -0.96 -3.40
CA GLN B 159 -37.98 -2.33 -3.44
C GLN B 159 -38.37 -3.11 -2.21
N SER B 160 -38.80 -4.35 -2.36
CA SER B 160 -38.84 -5.18 -1.17
C SER B 160 -38.33 -6.60 -1.44
N GLY B 161 -37.74 -7.25 -0.44
CA GLY B 161 -37.27 -8.64 -0.55
C GLY B 161 -35.92 -8.92 -1.21
N ASN B 162 -35.22 -7.87 -1.64
CA ASN B 162 -33.97 -8.03 -2.39
C ASN B 162 -32.85 -7.24 -1.76
N SER B 163 -32.92 -7.05 -0.45
CA SER B 163 -31.88 -6.33 0.26
C SER B 163 -31.57 -7.01 1.58
N GLN B 164 -30.33 -6.85 2.04
CA GLN B 164 -29.93 -7.36 3.35
C GLN B 164 -29.14 -6.25 4.01
N GLU B 165 -29.08 -6.25 5.35
CA GLU B 165 -28.38 -5.24 6.12
C GLU B 165 -27.82 -5.83 7.41
N SER B 166 -26.78 -5.19 7.95
CA SER B 166 -26.35 -5.44 9.31
C SER B 166 -25.83 -4.15 9.95
N VAL B 167 -25.61 -4.17 11.27
CA VAL B 167 -25.29 -2.99 12.03
C VAL B 167 -24.04 -3.30 12.83
N THR B 168 -23.14 -2.33 13.01
CA THR B 168 -21.99 -2.52 13.90
C THR B 168 -22.45 -2.59 15.35
N GLU B 169 -21.56 -2.96 16.26
CA GLU B 169 -21.73 -2.74 17.69
C GLU B 169 -21.55 -1.28 18.01
N GLN B 170 -21.94 -0.87 19.22
CA GLN B 170 -21.78 0.50 19.64
C GLN B 170 -20.31 0.84 19.75
N ASP B 171 -19.89 1.91 19.08
CA ASP B 171 -18.56 2.44 19.28
C ASP B 171 -18.45 2.85 20.74
N SER B 172 -17.52 2.23 21.46
CA SER B 172 -17.31 2.60 22.85
C SER B 172 -16.65 3.94 23.02
N LYS B 173 -16.06 4.50 21.96
CA LYS B 173 -15.51 5.86 22.06
C LYS B 173 -16.64 6.88 21.91
N ASP B 174 -17.36 6.83 20.78
CA ASP B 174 -18.36 7.86 20.44
C ASP B 174 -19.85 7.46 20.69
N SER B 175 -20.06 6.18 21.06
CA SER B 175 -21.37 5.61 21.43
C SER B 175 -22.43 5.60 20.31
N THR B 176 -21.98 5.52 19.07
CA THR B 176 -22.87 5.40 17.93
C THR B 176 -22.86 4.02 17.30
N TYR B 177 -23.68 3.91 16.28
CA TYR B 177 -23.85 2.71 15.50
C TYR B 177 -23.68 3.08 14.03
N SER B 178 -23.33 2.11 13.18
CA SER B 178 -23.41 2.33 11.76
C SER B 178 -24.13 1.18 11.16
N LEU B 179 -24.75 1.41 10.02
CA LEU B 179 -25.54 0.39 9.35
C LEU B 179 -25.13 0.30 7.90
N SER B 180 -25.05 -0.93 7.40
CA SER B 180 -24.81 -1.14 5.97
C SER B 180 -25.95 -1.94 5.31
N SER B 181 -26.45 -1.45 4.16
CA SER B 181 -27.49 -2.15 3.41
C SER B 181 -27.11 -2.36 1.97
N THR B 182 -27.47 -3.53 1.43
CA THR B 182 -27.08 -3.93 0.09
C THR B 182 -28.26 -4.37 -0.76
N LEU B 183 -28.44 -3.69 -1.88
CA LEU B 183 -29.46 -4.06 -2.80
C LEU B 183 -28.74 -4.89 -3.86
N THR B 184 -29.17 -6.12 -4.06
CA THR B 184 -28.63 -6.88 -5.17
C THR B 184 -29.66 -7.02 -6.30
N LEU B 185 -29.26 -6.55 -7.49
CA LEU B 185 -30.03 -6.85 -8.72
C LEU B 185 -29.21 -7.67 -9.67
N SER B 186 -29.82 -8.12 -10.75
CA SER B 186 -29.05 -8.74 -11.81
C SER B 186 -28.53 -7.64 -12.74
N LYS B 187 -27.36 -7.82 -13.30
CA LYS B 187 -26.86 -6.90 -14.34
C LYS B 187 -27.95 -6.40 -15.31
N ALA B 188 -28.77 -7.29 -15.84
CA ALA B 188 -29.79 -6.86 -16.79
C ALA B 188 -30.76 -5.89 -16.12
N ASP B 189 -31.42 -6.30 -15.05
CA ASP B 189 -32.26 -5.40 -14.28
C ASP B 189 -31.53 -4.10 -13.91
N TYR B 190 -30.25 -4.15 -13.61
CA TYR B 190 -29.55 -2.91 -13.27
C TYR B 190 -29.44 -1.96 -14.46
N GLU B 191 -29.27 -2.52 -15.66
CA GLU B 191 -28.98 -1.69 -16.81
C GLU B 191 -30.20 -1.08 -17.47
N LYS B 192 -31.37 -1.52 -17.05
CA LYS B 192 -32.57 -0.98 -17.65
C LYS B 192 -33.24 0.15 -16.87
N HIS B 193 -32.75 0.41 -15.66
CA HIS B 193 -33.24 1.52 -14.82
C HIS B 193 -32.15 2.55 -14.59
N LYS B 194 -32.53 3.75 -14.16
CA LYS B 194 -31.56 4.88 -14.07
C LYS B 194 -31.22 5.43 -12.69
N VAL B 195 -32.25 5.64 -11.87
CA VAL B 195 -32.11 6.31 -10.57
C VAL B 195 -32.14 5.25 -9.49
N TYR B 196 -31.13 5.29 -8.63
CA TYR B 196 -30.99 4.35 -7.55
C TYR B 196 -30.91 5.19 -6.33
N ALA B 197 -31.80 4.91 -5.39
CA ALA B 197 -32.02 5.83 -4.28
C ALA B 197 -32.06 5.14 -2.92
N CYS B 198 -31.32 5.72 -1.99
CA CYS B 198 -31.27 5.22 -0.62
C CYS B 198 -32.11 6.16 0.27
N GLU B 199 -33.28 5.71 0.72
CA GLU B 199 -34.11 6.53 1.63
C GLU B 199 -34.04 6.07 3.07
N VAL B 200 -33.78 7.03 3.94
CA VAL B 200 -33.41 6.80 5.33
C VAL B 200 -34.26 7.61 6.32
N THR B 201 -34.91 6.88 7.23
CA THR B 201 -35.62 7.52 8.31
C THR B 201 -35.02 7.17 9.68
N HIS B 202 -34.74 8.19 10.48
CA HIS B 202 -34.13 8.02 11.79
C HIS B 202 -34.92 8.95 12.75
N GLN B 203 -34.44 9.15 13.97
CA GLN B 203 -35.13 10.05 14.87
C GLN B 203 -34.39 11.39 14.93
N GLY B 204 -33.11 11.36 14.55
CA GLY B 204 -32.29 12.54 14.45
C GLY B 204 -32.57 13.35 13.20
N LEU B 205 -33.45 12.85 12.31
CA LEU B 205 -33.79 13.55 11.06
C LEU B 205 -35.19 14.19 10.99
N SER B 206 -35.23 15.50 10.71
CA SER B 206 -36.49 16.22 10.79
C SER B 206 -37.50 15.52 9.86
N SER B 207 -37.02 15.10 8.69
CA SER B 207 -37.78 14.26 7.74
C SER B 207 -36.84 13.27 6.98
N PRO B 208 -37.38 12.19 6.35
CA PRO B 208 -36.54 11.15 5.74
C PRO B 208 -35.53 11.74 4.73
N VAL B 209 -34.26 11.30 4.75
CA VAL B 209 -33.28 11.77 3.78
C VAL B 209 -33.00 10.78 2.65
N THR B 210 -32.65 11.33 1.49
CA THR B 210 -32.39 10.53 0.30
C THR B 210 -31.00 10.81 -0.25
N LYS B 211 -30.26 9.74 -0.52
CA LYS B 211 -29.08 9.85 -1.36
C LYS B 211 -29.30 9.02 -2.59
N SER B 212 -28.95 9.58 -3.75
CA SER B 212 -29.11 8.84 -5.00
C SER B 212 -28.04 9.07 -6.08
N PHE B 213 -28.10 8.28 -7.15
CA PHE B 213 -27.20 8.45 -8.29
C PHE B 213 -27.90 7.92 -9.54
N ASN B 214 -27.39 8.31 -10.71
CA ASN B 214 -27.88 7.80 -11.97
C ASN B 214 -26.86 6.87 -12.67
N ARG B 215 -27.27 5.63 -13.07
CA ARG B 215 -26.60 4.81 -14.13
C ARG B 215 -26.77 3.28 -14.02
N GLN C 1 -4.03 -32.49 22.42
CA GLN C 1 -2.58 -32.52 22.21
C GLN C 1 -1.87 -31.95 23.42
N VAL C 2 -0.65 -32.39 23.63
CA VAL C 2 0.08 -32.10 24.84
C VAL C 2 0.47 -30.67 24.74
N GLN C 3 0.33 -29.93 25.83
CA GLN C 3 0.76 -28.57 25.90
C GLN C 3 1.31 -28.34 27.26
N LEU C 4 2.34 -27.53 27.27
CA LEU C 4 3.03 -27.08 28.44
C LEU C 4 3.04 -25.55 28.38
N VAL C 5 2.32 -24.90 29.29
CA VAL C 5 2.21 -23.45 29.25
C VAL C 5 2.95 -22.93 30.44
N GLN C 6 4.00 -22.16 30.19
CA GLN C 6 4.79 -21.54 31.24
C GLN C 6 4.18 -20.21 31.66
N SER C 7 4.51 -19.72 32.86
CA SER C 7 4.14 -18.38 33.32
C SER C 7 4.96 -17.28 32.62
N GLY C 8 4.53 -16.02 32.75
CA GLY C 8 5.08 -14.95 31.90
C GLY C 8 6.42 -14.44 32.38
N ALA C 9 7.02 -13.52 31.63
CA ALA C 9 8.36 -13.01 31.93
C ALA C 9 8.50 -12.35 33.31
N GLU C 10 9.71 -12.42 33.85
CA GLU C 10 10.01 -12.05 35.22
C GLU C 10 11.22 -11.15 35.30
N VAL C 11 11.22 -10.16 36.20
CA VAL C 11 12.39 -9.34 36.44
C VAL C 11 12.75 -9.40 37.93
N ARG C 12 14.05 -9.50 38.25
CA ARG C 12 14.53 -9.65 39.63
C ARG C 12 15.88 -8.95 39.87
N LYS C 13 16.06 -8.50 41.11
CA LYS C 13 17.32 -7.95 41.60
C LYS C 13 18.25 -9.08 42.07
N PRO C 14 19.56 -8.87 41.95
CA PRO C 14 20.51 -9.86 42.51
C PRO C 14 20.27 -10.10 43.99
N GLY C 15 20.23 -11.37 44.37
CA GLY C 15 19.91 -11.79 45.71
C GLY C 15 18.53 -12.43 45.84
N ALA C 16 17.62 -12.07 44.93
CA ALA C 16 16.22 -12.45 45.09
C ALA C 16 15.99 -13.88 44.60
N SER C 17 14.74 -14.30 44.54
CA SER C 17 14.41 -15.56 44.03
C SER C 17 13.30 -15.41 43.00
N VAL C 18 13.10 -16.43 42.15
CA VAL C 18 12.04 -16.40 41.15
C VAL C 18 11.40 -17.80 41.08
N THR C 19 10.10 -17.88 40.78
CA THR C 19 9.42 -19.16 40.60
C THR C 19 8.70 -19.10 39.27
N VAL C 20 9.01 -20.07 38.40
CA VAL C 20 8.39 -20.22 37.10
C VAL C 20 7.50 -21.43 37.13
N SER C 21 6.32 -21.28 36.55
CA SER C 21 5.44 -22.42 36.52
C SER C 21 5.28 -22.95 35.10
N CYS C 22 4.84 -24.21 35.05
CA CYS C 22 4.62 -24.91 33.85
C CYS C 22 3.35 -25.70 34.00
N LYS C 23 2.33 -25.24 33.30
CA LYS C 23 1.07 -25.88 33.28
C LYS C 23 0.92 -26.91 32.15
N THR C 24 0.83 -28.17 32.51
CA THR C 24 0.68 -29.22 31.53
C THR C 24 -0.81 -29.68 31.36
N SER C 25 -1.14 -30.25 30.19
CA SER C 25 -2.47 -30.76 29.85
C SER C 25 -2.35 -31.69 28.64
N GLY C 26 -3.36 -32.51 28.37
CA GLY C 26 -3.36 -33.44 27.27
C GLY C 26 -2.82 -34.82 27.57
N TYR C 27 -2.34 -35.06 28.79
CA TYR C 27 -1.86 -36.38 29.14
C TYR C 27 -1.96 -36.64 30.67
N THR C 28 -1.78 -37.87 31.13
CA THR C 28 -1.71 -38.19 32.56
C THR C 28 -0.50 -37.63 33.26
N PHE C 29 -0.71 -36.56 34.02
CA PHE C 29 0.39 -35.75 34.56
C PHE C 29 1.50 -36.54 35.27
N VAL C 30 1.03 -37.48 36.03
CA VAL C 30 1.83 -38.15 37.04
C VAL C 30 2.67 -39.25 36.38
N ASN C 31 2.48 -39.45 35.07
CA ASN C 31 3.15 -40.49 34.35
C ASN C 31 4.42 -40.08 33.59
N PHE C 32 4.83 -38.81 33.64
CA PHE C 32 5.95 -38.42 32.83
C PHE C 32 6.88 -37.50 33.58
N TYR C 33 8.19 -37.73 33.46
CA TYR C 33 9.19 -36.76 33.95
C TYR C 33 9.03 -35.41 33.29
N ILE C 34 9.27 -34.38 34.08
CA ILE C 34 9.32 -33.05 33.57
C ILE C 34 10.75 -32.57 33.82
N VAL C 35 11.35 -32.04 32.76
CA VAL C 35 12.71 -31.49 32.79
C VAL C 35 12.78 -29.91 32.66
N TRP C 36 13.83 -29.29 33.22
CA TRP C 36 14.09 -27.83 33.02
C TRP C 36 15.44 -27.59 32.42
N VAL C 37 15.44 -26.67 31.46
CA VAL C 37 16.61 -26.30 30.67
C VAL C 37 16.59 -24.77 30.56
N ARG C 38 17.73 -24.13 30.53
CA ARG C 38 17.73 -22.71 30.29
C ARG C 38 18.66 -22.37 29.19
N GLN C 39 18.41 -21.21 28.64
CA GLN C 39 19.35 -20.66 27.68
C GLN C 39 19.69 -19.17 27.93
N ALA C 40 20.95 -18.91 28.24
CA ALA C 40 21.39 -17.51 28.40
C ALA C 40 21.36 -16.82 27.03
N PRO C 41 21.03 -15.50 26.94
CA PRO C 41 20.76 -14.92 25.58
C PRO C 41 21.95 -14.98 24.59
N GLY C 42 21.65 -15.40 23.34
CA GLY C 42 22.70 -15.76 22.37
C GLY C 42 23.73 -16.80 22.82
N GLN C 43 23.29 -17.75 23.65
CA GLN C 43 24.19 -18.80 24.11
C GLN C 43 23.54 -20.20 24.08
N GLY C 44 24.28 -21.22 24.54
CA GLY C 44 23.82 -22.59 24.44
C GLY C 44 22.69 -22.99 25.36
N LEU C 45 22.25 -24.24 25.21
CA LEU C 45 21.28 -24.83 26.11
C LEU C 45 22.01 -25.49 27.28
N GLU C 46 21.46 -25.41 28.47
CA GLU C 46 22.12 -25.94 29.65
C GLU C 46 21.06 -26.68 30.48
N TRP C 47 21.29 -27.96 30.72
CA TRP C 47 20.31 -28.80 31.41
C TRP C 47 20.28 -28.45 32.92
N MET C 48 19.11 -28.38 33.55
CA MET C 48 19.08 -27.94 34.97
C MET C 48 18.71 -29.06 35.90
N GLY C 49 17.58 -29.72 35.60
CA GLY C 49 17.12 -30.78 36.48
C GLY C 49 15.79 -31.41 36.07
N VAL C 50 15.31 -32.33 36.88
CA VAL C 50 14.17 -33.14 36.49
C VAL C 50 13.37 -33.43 37.74
N ILE C 51 12.07 -33.63 37.54
CA ILE C 51 11.20 -33.98 38.66
C ILE C 51 10.34 -35.14 38.23
N ASN C 52 10.17 -36.12 39.12
CA ASN C 52 9.14 -37.17 39.02
C ASN C 52 7.81 -36.68 39.63
N PRO C 53 6.84 -36.37 38.80
CA PRO C 53 5.66 -35.75 39.39
C PRO C 53 4.89 -36.70 40.26
N PHE C 54 5.09 -37.99 40.09
CA PHE C 54 4.40 -38.94 40.93
C PHE C 54 4.94 -38.96 42.39
N ARG C 55 6.19 -39.34 42.59
CA ARG C 55 6.73 -39.42 43.94
C ARG C 55 7.16 -38.03 44.43
N GLY C 56 7.40 -37.10 43.50
CA GLY C 56 7.91 -35.75 43.85
C GLY C 56 9.44 -35.58 43.97
N ASP C 57 10.21 -36.64 43.73
CA ASP C 57 11.63 -36.55 43.98
C ASP C 57 12.27 -35.90 42.78
N THR C 58 13.48 -35.35 42.96
CA THR C 58 14.14 -34.53 41.97
C THR C 58 15.67 -34.81 41.78
N TYR C 59 16.17 -34.56 40.58
CA TYR C 59 17.60 -34.60 40.34
C TYR C 59 18.06 -33.29 39.65
N PHE C 60 19.21 -32.78 40.05
CA PHE C 60 19.80 -31.60 39.40
C PHE C 60 21.26 -31.79 39.05
N ALA C 61 21.68 -31.11 37.98
CA ALA C 61 23.08 -30.94 37.68
C ALA C 61 23.76 -30.30 38.89
N GLN C 62 24.98 -30.70 39.16
CA GLN C 62 25.84 -30.09 40.13
C GLN C 62 25.67 -28.55 40.29
N LYS C 63 25.61 -27.82 39.20
CA LYS C 63 25.67 -26.35 39.24
C LYS C 63 24.38 -25.77 39.85
N PHE C 64 23.33 -26.59 39.87
CA PHE C 64 22.08 -26.10 40.29
C PHE C 64 21.64 -26.74 41.62
N LYS C 65 22.42 -27.73 42.09
CA LYS C 65 22.00 -28.55 43.22
C LYS C 65 21.65 -27.66 44.42
N GLY C 66 22.51 -26.69 44.73
CA GLY C 66 22.24 -25.84 45.87
C GLY C 66 21.16 -24.75 45.78
N ARG C 67 20.58 -24.49 44.61
CA ARG C 67 19.74 -23.29 44.49
C ARG C 67 18.38 -23.47 43.88
N VAL C 68 18.11 -24.60 43.24
CA VAL C 68 16.84 -24.74 42.59
C VAL C 68 15.97 -25.77 43.28
N THR C 69 14.67 -25.56 43.22
CA THR C 69 13.70 -26.41 43.86
C THR C 69 12.67 -26.73 42.82
N LEU C 70 12.25 -27.98 42.78
CA LEU C 70 11.15 -28.33 41.89
C LEU C 70 10.01 -28.91 42.74
N THR C 71 8.82 -28.36 42.59
CA THR C 71 7.67 -28.93 43.29
C THR C 71 6.63 -29.13 42.24
N ARG C 72 5.57 -29.83 42.59
CA ARG C 72 4.56 -30.18 41.67
C ARG C 72 3.23 -30.09 42.42
N ASP C 73 2.15 -29.78 41.68
CA ASP C 73 0.80 -29.84 42.22
C ASP C 73 0.02 -30.82 41.33
N THR C 74 -0.30 -31.99 41.87
CA THR C 74 -0.96 -33.00 41.04
C THR C 74 -2.39 -32.66 40.77
N SER C 75 -3.00 -31.81 41.60
CA SER C 75 -4.35 -31.35 41.35
C SER C 75 -4.46 -30.39 40.18
N THR C 76 -3.45 -29.57 39.90
CA THR C 76 -3.52 -28.70 38.81
C THR C 76 -2.53 -29.07 37.68
N SER C 77 -1.89 -30.25 37.78
CA SER C 77 -0.86 -30.69 36.81
C SER C 77 0.18 -29.60 36.47
N THR C 78 0.74 -29.01 37.54
CA THR C 78 1.65 -27.90 37.36
C THR C 78 2.96 -28.19 38.07
N VAL C 79 4.02 -27.78 37.39
CA VAL C 79 5.32 -27.91 37.98
C VAL C 79 5.91 -26.54 38.29
N PHE C 80 6.67 -26.44 39.36
CA PHE C 80 7.18 -25.15 39.82
C PHE C 80 8.66 -25.25 39.96
N MET C 81 9.38 -24.27 39.42
CA MET C 81 10.84 -24.23 39.44
C MET C 81 11.23 -22.93 40.14
N GLU C 82 11.91 -23.04 41.28
CA GLU C 82 12.27 -21.89 42.04
C GLU C 82 13.75 -21.83 42.11
N LEU C 83 14.29 -20.69 41.68
CA LEU C 83 15.74 -20.48 41.60
C LEU C 83 15.96 -19.30 42.49
N SER C 84 16.79 -19.49 43.52
CA SER C 84 17.08 -18.46 44.49
C SER C 84 18.57 -17.97 44.50
N SER C 85 18.88 -17.02 45.38
CA SER C 85 20.18 -16.34 45.35
C SER C 85 20.57 -15.91 43.96
N LEU C 86 19.63 -15.30 43.25
CA LEU C 86 19.87 -14.94 41.84
C LEU C 86 21.04 -14.02 41.67
N ARG C 87 21.79 -14.23 40.59
CA ARG C 87 22.91 -13.38 40.16
C ARG C 87 22.58 -13.03 38.71
N SER C 88 23.15 -11.94 38.20
CA SER C 88 22.71 -11.47 36.89
C SER C 88 23.04 -12.47 35.78
N ASP C 89 23.86 -13.47 36.06
CA ASP C 89 24.06 -14.46 35.03
C ASP C 89 23.12 -15.71 35.15
N ASP C 90 22.00 -15.54 35.88
CA ASP C 90 20.95 -16.49 35.86
C ASP C 90 19.95 -15.96 34.83
N THR C 91 20.32 -14.88 34.16
CA THR C 91 19.46 -14.28 33.13
C THR C 91 19.32 -15.15 31.93
N ALA C 92 18.12 -15.61 31.62
CA ALA C 92 17.96 -16.58 30.56
C ALA C 92 16.54 -16.79 30.29
N ILE C 93 16.31 -17.59 29.26
CA ILE C 93 15.02 -18.13 29.03
C ILE C 93 15.04 -19.51 29.65
N TYR C 94 14.04 -19.77 30.50
CA TYR C 94 13.82 -21.09 31.12
C TYR C 94 12.72 -21.87 30.46
N TYR C 95 13.02 -23.13 30.11
CA TYR C 95 12.06 -24.03 29.44
C TYR C 95 11.70 -25.18 30.36
N CYS C 96 10.46 -25.66 30.33
CA CYS C 96 10.16 -26.98 30.87
C CYS C 96 9.90 -27.85 29.66
N ALA C 97 10.16 -29.13 29.82
CA ALA C 97 9.93 -30.07 28.72
C ALA C 97 9.44 -31.36 29.32
N ARG C 98 8.68 -32.12 28.57
CA ARG C 98 8.12 -33.41 29.02
C ARG C 98 8.83 -34.54 28.32
N ASP C 99 9.23 -35.55 29.10
CA ASP C 99 9.87 -36.73 28.54
C ASP C 99 9.02 -37.41 27.44
N LEU C 100 9.68 -38.04 26.49
CA LEU C 100 9.00 -38.77 25.47
C LEU C 100 8.13 -39.89 26.01
N GLU C 101 8.66 -40.77 26.85
CA GLU C 101 7.88 -41.96 27.22
C GLU C 101 7.48 -41.95 28.65
N MET C 102 6.62 -42.89 29.02
CA MET C 102 6.21 -42.96 30.48
C MET C 102 7.38 -43.34 31.34
N ARG C 103 7.39 -42.86 32.58
CA ARG C 103 8.47 -43.05 33.55
C ARG C 103 9.01 -44.49 33.50
N ASP C 104 10.29 -44.62 33.21
CA ASP C 104 11.00 -45.90 33.11
C ASP C 104 12.05 -46.07 34.23
N GLY C 105 11.98 -45.19 35.24
CA GLY C 105 12.93 -45.17 36.36
C GLY C 105 14.25 -44.46 36.10
N ASN C 106 14.46 -44.00 34.86
CA ASN C 106 15.69 -43.29 34.52
C ASN C 106 15.40 -41.80 34.34
N ASN C 107 15.45 -41.01 35.41
CA ASN C 107 14.96 -39.63 35.26
C ASN C 107 15.83 -38.71 34.41
N HIS C 108 17.13 -38.76 34.61
CA HIS C 108 17.95 -37.79 33.93
C HIS C 108 18.08 -38.21 32.52
N GLY C 109 17.80 -39.48 32.22
CA GLY C 109 17.90 -39.98 30.85
C GLY C 109 16.70 -39.66 29.94
N SER C 110 16.03 -38.53 30.19
CA SER C 110 14.78 -38.16 29.51
C SER C 110 14.99 -37.48 28.16
N HIS C 111 14.12 -37.79 27.19
CA HIS C 111 14.16 -37.15 25.88
C HIS C 111 13.11 -36.11 25.78
N LEU C 112 13.52 -34.86 25.57
CA LEU C 112 12.54 -33.74 25.71
C LEU C 112 11.62 -33.61 24.48
N GLU C 113 10.51 -34.31 24.51
CA GLU C 113 9.60 -34.37 23.39
C GLU C 113 8.68 -33.13 23.27
N PHE C 114 8.17 -32.59 24.39
CA PHE C 114 7.23 -31.48 24.33
C PHE C 114 7.84 -30.38 25.15
N TRP C 115 7.76 -29.13 24.67
CA TRP C 115 8.37 -27.98 25.36
C TRP C 115 7.37 -26.88 25.64
N GLY C 116 7.59 -26.15 26.74
CA GLY C 116 6.91 -24.88 26.97
C GLY C 116 7.47 -23.82 25.99
N GLN C 117 6.85 -22.63 26.01
CA GLN C 117 7.21 -21.51 25.15
C GLN C 117 8.39 -20.78 25.76
N GLY C 118 8.84 -21.21 26.95
CA GLY C 118 9.95 -20.52 27.62
C GLY C 118 9.54 -19.33 28.50
N THR C 119 10.40 -18.95 29.46
CA THR C 119 10.09 -17.82 30.35
C THR C 119 11.30 -16.91 30.47
N LEU C 120 11.19 -15.69 29.99
CA LEU C 120 12.30 -14.78 30.17
C LEU C 120 12.46 -14.46 31.69
N VAL C 121 13.62 -14.77 32.24
CA VAL C 121 13.94 -14.23 33.54
C VAL C 121 15.11 -13.26 33.41
N THR C 122 14.89 -11.99 33.79
CA THR C 122 15.92 -10.98 33.74
C THR C 122 16.38 -10.63 35.15
N VAL C 123 17.70 -10.73 35.38
CA VAL C 123 18.25 -10.44 36.69
C VAL C 123 19.26 -9.33 36.54
N SER C 124 18.94 -8.19 37.18
CA SER C 124 19.69 -6.96 37.08
C SER C 124 19.38 -6.00 38.23
N SER C 125 20.33 -5.09 38.49
CA SER C 125 20.23 -4.00 39.46
C SER C 125 19.20 -2.99 39.01
N ALA C 126 19.04 -2.92 37.70
CA ALA C 126 18.42 -1.82 36.98
C ALA C 126 17.00 -1.62 37.39
N SER C 127 16.48 -0.44 37.09
CA SER C 127 15.09 -0.15 37.36
C SER C 127 14.38 -0.05 36.03
N THR C 128 13.10 -0.35 36.01
CA THR C 128 12.31 -0.21 34.81
C THR C 128 12.54 1.17 34.21
N LYS C 129 12.85 1.23 32.91
CA LYS C 129 12.94 2.54 32.25
C LYS C 129 12.48 2.47 30.80
N GLY C 130 11.75 3.48 30.35
CA GLY C 130 11.27 3.51 28.97
C GLY C 130 12.25 4.11 27.96
N PRO C 131 12.24 3.59 26.72
CA PRO C 131 13.18 4.01 25.70
C PRO C 131 13.19 5.51 25.45
N SER C 132 14.34 6.01 25.01
CA SER C 132 14.46 7.28 24.35
C SER C 132 14.60 6.90 22.90
N VAL C 133 13.88 7.57 22.01
CA VAL C 133 13.93 7.19 20.62
C VAL C 133 14.45 8.33 19.73
N PHE C 134 15.54 8.07 19.01
CA PHE C 134 16.14 9.05 18.12
C PHE C 134 16.13 8.63 16.65
N PRO C 135 16.04 9.59 15.76
CA PRO C 135 16.02 9.18 14.37
C PRO C 135 17.42 8.80 13.85
N LEU C 136 17.50 7.88 12.89
CA LEU C 136 18.72 7.67 12.09
C LEU C 136 18.40 8.22 10.71
N ALA C 137 18.91 9.41 10.47
CA ALA C 137 18.44 10.23 9.37
C ALA C 137 19.12 9.85 8.08
N PRO C 138 18.37 9.89 6.97
CA PRO C 138 18.90 9.77 5.62
C PRO C 138 19.84 10.93 5.28
N THR C 147 18.39 4.35 -4.01
CA THR C 147 18.01 3.61 -2.81
C THR C 147 18.73 4.10 -1.51
N ALA C 148 17.94 4.41 -0.45
CA ALA C 148 18.43 5.02 0.80
C ALA C 148 18.00 4.27 2.05
N ALA C 149 18.71 4.55 3.14
CA ALA C 149 18.49 3.91 4.43
C ALA C 149 18.11 4.92 5.52
N LEU C 150 17.23 4.52 6.44
CA LEU C 150 16.87 5.37 7.58
C LEU C 150 16.39 4.50 8.71
N GLY C 151 16.31 5.05 9.91
CA GLY C 151 15.89 4.24 11.04
C GLY C 151 15.70 4.93 12.36
N CYS C 152 15.54 4.11 13.39
CA CYS C 152 15.38 4.58 14.74
C CYS C 152 16.36 3.94 15.70
N LEU C 153 16.99 4.77 16.51
CA LEU C 153 17.71 4.25 17.66
C LEU C 153 16.85 4.33 18.96
N VAL C 154 16.37 3.16 19.38
CA VAL C 154 15.70 2.92 20.64
C VAL C 154 16.70 2.69 21.78
N LYS C 155 16.99 3.74 22.54
CA LYS C 155 18.09 3.72 23.49
C LYS C 155 17.72 3.78 25.01
N ASP C 156 18.42 2.99 25.83
CA ASP C 156 18.46 3.15 27.31
C ASP C 156 17.15 2.78 27.99
N TYR C 157 16.69 1.57 27.74
CA TYR C 157 15.43 1.10 28.28
C TYR C 157 15.74 -0.17 29.03
N PHE C 158 14.80 -0.57 29.89
CA PHE C 158 14.92 -1.82 30.63
C PHE C 158 13.56 -2.20 31.22
N PRO C 159 13.22 -3.48 31.19
CA PRO C 159 13.98 -4.59 30.70
C PRO C 159 13.54 -4.85 29.27
N GLU C 160 13.93 -5.99 28.72
CA GLU C 160 13.40 -6.44 27.43
C GLU C 160 11.89 -6.77 27.58
N PRO C 161 11.13 -6.75 26.46
CA PRO C 161 11.60 -6.41 25.14
C PRO C 161 10.96 -5.09 24.68
N VAL C 162 11.34 -4.64 23.47
CA VAL C 162 10.62 -3.58 22.73
C VAL C 162 10.14 -4.16 21.43
N THR C 163 9.07 -3.58 20.88
CA THR C 163 8.69 -3.91 19.51
C THR C 163 8.71 -2.61 18.74
N VAL C 164 9.02 -2.73 17.46
CA VAL C 164 9.12 -1.57 16.62
C VAL C 164 8.41 -1.86 15.31
N SER C 165 7.58 -0.96 14.84
CA SER C 165 6.98 -1.15 13.51
C SER C 165 7.20 0.12 12.73
N TRP C 166 6.80 0.13 11.47
CA TRP C 166 6.94 1.38 10.70
C TRP C 166 5.66 1.84 10.05
N ASN C 167 5.48 3.17 10.14
CA ASN C 167 4.31 3.87 9.62
C ASN C 167 2.95 3.37 10.13
N SER C 168 3.01 2.55 11.19
CA SER C 168 1.86 1.96 11.89
C SER C 168 1.46 0.58 11.35
N GLY C 169 2.40 -0.05 10.65
CA GLY C 169 2.26 -1.43 10.14
C GLY C 169 2.44 -1.54 8.62
N ALA C 170 2.23 -0.43 7.91
CA ALA C 170 2.21 -0.39 6.42
C ALA C 170 3.57 -0.54 5.70
N LEU C 171 4.66 -0.63 6.46
CA LEU C 171 6.00 -0.73 5.91
C LEU C 171 6.66 -1.96 6.51
N THR C 172 7.01 -2.94 5.66
CA THR C 172 7.51 -4.24 6.10
C THR C 172 8.65 -4.71 5.23
N SER C 173 8.57 -4.35 3.95
CA SER C 173 9.60 -4.72 3.00
C SER C 173 10.89 -3.94 3.30
N GLY C 174 11.94 -4.64 3.71
CA GLY C 174 13.28 -4.06 3.84
C GLY C 174 13.58 -3.46 5.21
N VAL C 175 12.73 -3.80 6.18
CA VAL C 175 12.90 -3.42 7.57
C VAL C 175 13.80 -4.44 8.22
N HIS C 176 14.75 -4.03 9.05
CA HIS C 176 15.39 -4.98 9.95
C HIS C 176 15.41 -4.37 11.32
N THR C 177 14.68 -4.99 12.23
CA THR C 177 14.86 -4.69 13.62
C THR C 177 15.91 -5.61 14.23
N PHE C 178 16.94 -5.01 14.78
CA PHE C 178 18.06 -5.77 15.32
C PHE C 178 17.85 -6.26 16.75
N PRO C 179 18.56 -7.33 17.12
CA PRO C 179 18.62 -7.68 18.55
C PRO C 179 19.21 -6.54 19.35
N ALA C 180 18.57 -6.27 20.48
CA ALA C 180 19.08 -5.33 21.48
C ALA C 180 20.44 -5.74 21.96
N VAL C 181 21.25 -4.77 22.37
CA VAL C 181 22.44 -5.03 23.16
C VAL C 181 22.32 -4.45 24.54
N LEU C 182 23.11 -5.01 25.46
CA LEU C 182 23.06 -4.70 26.89
C LEU C 182 24.22 -3.85 27.27
N GLN C 183 23.98 -2.59 27.53
CA GLN C 183 25.09 -1.66 27.75
C GLN C 183 25.69 -1.79 29.17
N SER C 184 26.81 -1.11 29.38
CA SER C 184 27.52 -1.16 30.66
C SER C 184 26.68 -0.54 31.76
N SER C 185 25.73 0.29 31.37
CA SER C 185 24.91 1.04 32.30
C SER C 185 23.80 0.14 32.85
N GLY C 186 23.71 -1.05 32.28
CA GLY C 186 22.58 -1.93 32.59
C GLY C 186 21.36 -1.69 31.71
N LEU C 187 21.43 -0.73 30.78
CA LEU C 187 20.31 -0.50 29.91
C LEU C 187 20.47 -1.12 28.51
N TYR C 188 19.36 -1.40 27.86
CA TYR C 188 19.35 -1.96 26.52
C TYR C 188 19.33 -0.88 25.43
N SER C 189 19.76 -1.27 24.24
CA SER C 189 19.71 -0.41 23.09
C SER C 189 19.55 -1.26 21.85
N LEU C 190 18.88 -0.71 20.87
CA LEU C 190 18.40 -1.46 19.76
C LEU C 190 18.19 -0.50 18.62
N SER C 191 18.44 -0.97 17.42
CA SER C 191 18.13 -0.18 16.22
C SER C 191 17.24 -0.91 15.21
N SER C 192 16.50 -0.15 14.42
CA SER C 192 15.60 -0.70 13.42
C SER C 192 15.79 0.15 12.24
N VAL C 193 16.12 -0.46 11.11
CA VAL C 193 16.34 0.34 9.91
C VAL C 193 15.39 -0.08 8.81
N VAL C 194 15.23 0.79 7.83
CA VAL C 194 14.52 0.47 6.61
C VAL C 194 15.32 0.99 5.42
N THR C 195 15.32 0.27 4.32
CA THR C 195 15.75 0.87 3.07
C THR C 195 14.55 1.26 2.25
N VAL C 196 14.65 2.40 1.59
CA VAL C 196 13.65 2.86 0.68
C VAL C 196 14.34 3.41 -0.60
N PRO C 197 13.69 3.27 -1.78
CA PRO C 197 14.01 4.10 -2.95
C PRO C 197 14.02 5.60 -2.59
N SER C 198 15.15 6.27 -2.76
CA SER C 198 15.28 7.65 -2.27
C SER C 198 14.66 8.77 -3.14
N SER C 199 13.66 8.42 -3.97
CA SER C 199 12.79 9.44 -4.57
C SER C 199 11.98 10.17 -3.48
N SER C 200 11.70 9.48 -2.36
CA SER C 200 11.02 10.03 -1.18
C SER C 200 12.02 10.42 -0.09
N GLN C 204 7.03 10.94 0.45
CA GLN C 204 6.45 10.13 1.55
C GLN C 204 7.20 10.17 2.89
N THR C 205 6.44 10.25 3.98
CA THR C 205 7.04 10.49 5.28
C THR C 205 7.05 9.21 6.09
N TYR C 206 8.13 9.05 6.87
CA TYR C 206 8.41 7.81 7.63
C TYR C 206 8.51 8.03 9.14
N ILE C 207 7.89 7.10 9.86
CA ILE C 207 7.69 7.16 11.30
C ILE C 207 7.91 5.76 11.84
N CYS C 208 8.68 5.62 12.92
CA CYS C 208 8.79 4.33 13.63
C CYS C 208 7.98 4.30 14.93
N ASN C 209 7.39 3.16 15.20
CA ASN C 209 6.43 3.02 16.28
C ASN C 209 7.02 2.11 17.34
N VAL C 210 7.43 2.69 18.45
CA VAL C 210 8.08 1.91 19.51
C VAL C 210 7.12 1.69 20.68
N ASN C 211 6.92 0.41 21.02
CA ASN C 211 6.18 0.00 22.22
C ASN C 211 7.09 -0.76 23.16
N HIS C 212 7.14 -0.30 24.40
CA HIS C 212 7.89 -0.95 25.46
C HIS C 212 6.95 -1.15 26.61
N LYS C 213 6.25 -2.28 26.62
CA LYS C 213 5.52 -2.68 27.84
C LYS C 213 6.64 -3.23 28.76
N PRO C 214 6.80 -2.66 29.95
CA PRO C 214 5.96 -1.71 30.72
C PRO C 214 6.57 -0.34 31.08
N SER C 215 5.96 0.82 30.74
CA SER C 215 4.76 0.94 29.85
C SER C 215 4.80 2.30 29.15
N ASN C 216 4.78 2.28 27.82
CA ASN C 216 5.44 3.32 27.04
C ASN C 216 5.22 3.16 25.54
N THR C 217 4.78 4.22 24.86
CA THR C 217 4.66 4.16 23.40
C THR C 217 5.25 5.45 22.83
N LYS C 218 6.17 5.30 21.88
CA LYS C 218 6.67 6.45 21.15
C LYS C 218 6.49 6.24 19.66
N VAL C 219 6.07 7.30 19.00
CA VAL C 219 5.83 7.29 17.58
C VAL C 219 6.73 8.46 17.17
N ASP C 220 7.81 8.15 16.44
CA ASP C 220 8.83 9.15 16.10
C ASP C 220 9.07 9.39 14.59
N LYS C 221 8.78 10.62 14.16
CA LYS C 221 8.92 11.03 12.76
C LYS C 221 10.40 11.20 12.38
N ARG C 222 10.90 10.30 11.56
CA ARG C 222 12.28 10.36 11.12
C ARG C 222 12.30 11.27 9.87
N VAL C 223 13.17 12.28 9.83
CA VAL C 223 13.04 13.35 8.80
C VAL C 223 14.26 13.58 7.88
N GLU C 224 13.97 14.24 6.76
CA GLU C 224 14.94 14.69 5.73
C GLU C 224 14.79 13.81 4.50
N ASP D 1 30.88 -32.55 32.47
CA ASP D 1 31.59 -33.80 32.92
C ASP D 1 31.68 -34.86 31.81
N ILE D 2 30.63 -34.97 30.99
CA ILE D 2 30.80 -35.59 29.68
C ILE D 2 30.76 -34.40 28.74
N VAL D 3 31.84 -34.20 28.00
CA VAL D 3 31.97 -33.05 27.11
C VAL D 3 31.55 -33.52 25.75
N MET D 4 30.65 -32.75 25.14
CA MET D 4 30.04 -33.01 23.86
C MET D 4 30.69 -32.02 22.96
N THR D 5 31.24 -32.49 21.84
CA THR D 5 31.97 -31.64 20.92
C THR D 5 31.35 -31.80 19.55
N GLN D 6 30.69 -30.74 19.07
CA GLN D 6 30.06 -30.64 17.75
C GLN D 6 30.93 -29.97 16.70
N SER D 7 30.79 -30.37 15.45
CA SER D 7 31.41 -29.64 14.36
C SER D 7 30.74 -30.01 13.07
N PRO D 8 30.81 -29.09 12.08
CA PRO D 8 31.39 -27.76 12.33
C PRO D 8 30.38 -26.89 13.16
N LEU D 9 30.83 -25.73 13.64
CA LEU D 9 29.96 -24.84 14.37
C LEU D 9 29.10 -24.03 13.42
N SER D 10 29.54 -23.96 12.16
CA SER D 10 28.81 -23.20 11.18
C SER D 10 28.77 -24.03 9.91
N LEU D 11 27.58 -24.27 9.38
CA LEU D 11 27.46 -25.20 8.27
C LEU D 11 26.50 -24.64 7.20
N PRO D 12 27.09 -24.05 6.13
CA PRO D 12 26.30 -23.49 5.04
C PRO D 12 25.90 -24.59 4.05
N VAL D 13 24.65 -24.62 3.68
CA VAL D 13 24.25 -25.63 2.76
C VAL D 13 23.52 -24.98 1.63
N THR D 14 23.83 -25.38 0.40
CA THR D 14 23.08 -24.96 -0.80
C THR D 14 21.69 -25.58 -0.81
N PRO D 15 20.67 -24.76 -1.12
CA PRO D 15 19.32 -25.28 -1.08
C PRO D 15 19.30 -26.57 -1.86
N GLY D 16 18.80 -27.64 -1.28
CA GLY D 16 18.70 -28.89 -1.99
C GLY D 16 19.81 -29.90 -1.79
N GLU D 17 20.93 -29.50 -1.18
CA GLU D 17 22.02 -30.49 -0.93
C GLU D 17 21.97 -30.93 0.52
N ALA D 18 23.03 -31.59 0.99
CA ALA D 18 22.96 -32.33 2.27
C ALA D 18 23.96 -31.83 3.30
N ALA D 19 23.57 -31.89 4.57
CA ALA D 19 24.51 -31.48 5.59
C ALA D 19 24.80 -32.59 6.59
N SER D 20 26.06 -32.68 7.00
CA SER D 20 26.48 -33.61 8.03
C SER D 20 27.00 -32.89 9.26
N ILE D 21 26.39 -33.22 10.38
CA ILE D 21 26.83 -32.66 11.64
C ILE D 21 27.43 -33.80 12.46
N SER D 22 28.51 -33.46 13.12
CA SER D 22 29.30 -34.43 13.83
C SER D 22 29.26 -34.10 15.33
N CYS D 23 29.10 -35.15 16.13
CA CYS D 23 29.04 -34.98 17.60
C CYS D 23 29.94 -36.05 18.22
N ARG D 24 30.95 -35.60 18.98
CA ARG D 24 31.85 -36.51 19.66
C ARG D 24 31.69 -36.33 21.15
N SER D 25 31.60 -37.43 21.88
CA SER D 25 31.51 -37.34 23.32
C SER D 25 32.80 -37.82 23.94
N SER D 26 33.16 -37.21 25.07
CA SER D 26 34.38 -37.55 25.82
C SER D 26 34.33 -38.92 26.50
N GLN D 27 33.23 -39.65 26.40
CA GLN D 27 33.21 -41.07 26.85
C GLN D 27 31.92 -41.74 26.33
N SER D 28 31.84 -43.04 26.47
CA SER D 28 30.80 -43.78 25.75
C SER D 28 29.43 -43.43 26.26
N LEU D 29 28.48 -43.31 25.34
CA LEU D 29 27.12 -43.01 25.71
C LEU D 29 26.28 -44.30 25.80
N LEU D 30 26.94 -45.44 25.63
CA LEU D 30 26.19 -46.68 25.65
C LEU D 30 26.02 -47.11 27.10
N HIS D 31 24.80 -47.43 27.44
CA HIS D 31 24.47 -47.87 28.77
C HIS D 31 24.43 -49.39 28.76
N THR D 32 24.62 -50.02 29.92
CA THR D 32 24.47 -51.48 30.05
C THR D 32 23.00 -52.00 29.80
N ASN D 33 22.02 -51.13 29.72
CA ASN D 33 20.70 -51.61 29.37
C ASN D 33 20.62 -51.66 27.86
N GLY D 34 21.66 -51.19 27.18
CA GLY D 34 21.78 -51.38 25.72
C GLY D 34 21.38 -50.19 24.87
N PHE D 35 20.94 -49.10 25.51
CA PHE D 35 20.55 -47.91 24.76
C PHE D 35 21.73 -46.89 24.58
N GLN D 36 21.67 -46.09 23.51
CA GLN D 36 22.68 -45.08 23.23
C GLN D 36 22.07 -43.70 23.58
N TYR D 37 22.46 -43.17 24.74
CA TYR D 37 21.82 -41.99 25.20
C TYR D 37 22.33 -40.74 24.50
N LEU D 38 22.01 -40.66 23.21
CA LEU D 38 22.31 -39.44 22.45
C LEU D 38 21.08 -38.90 21.71
N ASP D 39 20.82 -37.60 21.87
CA ASP D 39 19.71 -36.97 21.19
C ASP D 39 20.15 -35.77 20.32
N TRP D 40 19.36 -35.48 19.29
CA TRP D 40 19.53 -34.26 18.54
C TRP D 40 18.32 -33.33 18.68
N TYR D 41 18.62 -32.09 19.00
CA TYR D 41 17.60 -31.07 19.14
C TYR D 41 17.74 -30.02 18.09
N LEU D 42 16.64 -29.35 17.75
CA LEU D 42 16.68 -28.18 16.84
C LEU D 42 16.05 -26.99 17.50
N GLN D 43 16.69 -25.85 17.33
CA GLN D 43 16.06 -24.61 17.72
C GLN D 43 15.96 -23.68 16.54
N LYS D 44 14.79 -23.60 15.93
CA LYS D 44 14.57 -22.63 14.88
C LYS D 44 14.57 -21.18 15.40
N PRO D 45 15.07 -20.22 14.57
CA PRO D 45 15.17 -18.83 15.13
C PRO D 45 13.83 -18.40 15.74
N GLY D 46 13.82 -17.92 16.98
CA GLY D 46 12.62 -17.39 17.67
C GLY D 46 11.75 -18.43 18.40
N GLN D 47 12.14 -19.71 18.31
CA GLN D 47 11.29 -20.81 18.74
C GLN D 47 11.95 -21.52 19.91
N SER D 48 11.16 -22.29 20.66
CA SER D 48 11.72 -23.29 21.59
C SER D 48 12.52 -24.33 20.82
N PRO D 49 13.47 -25.01 21.51
CA PRO D 49 14.08 -26.19 20.96
C PRO D 49 13.01 -27.27 20.70
N GLN D 50 13.37 -28.26 19.86
CA GLN D 50 12.46 -29.35 19.50
C GLN D 50 13.29 -30.57 19.18
N LEU D 51 12.70 -31.72 19.49
CA LEU D 51 13.37 -32.96 19.38
C LEU D 51 13.35 -33.41 17.90
N LEU D 52 14.54 -33.65 17.32
CA LEU D 52 14.64 -34.26 16.04
C LEU D 52 14.79 -35.81 16.17
N ILE D 53 15.77 -36.25 16.97
CA ILE D 53 16.21 -37.61 17.01
C ILE D 53 16.48 -38.03 18.46
N TYR D 54 15.98 -39.19 18.89
CA TYR D 54 16.36 -39.73 20.20
C TYR D 54 17.08 -41.07 20.08
N LEU D 55 17.88 -41.40 21.11
CA LEU D 55 18.60 -42.68 21.18
C LEU D 55 19.34 -42.91 19.90
N GLY D 56 20.10 -41.90 19.47
CA GLY D 56 21.01 -42.03 18.30
C GLY D 56 20.31 -41.95 16.93
N SER D 57 19.16 -42.61 16.74
CA SER D 57 18.66 -42.73 15.40
C SER D 57 17.17 -42.78 15.20
N ASN D 58 16.43 -42.67 16.28
CA ASN D 58 14.99 -42.69 16.19
C ASN D 58 14.47 -41.30 15.86
N ARG D 59 13.71 -41.15 14.79
CA ARG D 59 13.06 -39.87 14.51
C ARG D 59 11.88 -39.62 15.45
N ALA D 60 11.75 -38.38 15.93
CA ALA D 60 10.53 -37.92 16.65
C ALA D 60 9.36 -37.93 15.69
N THR D 61 8.12 -38.02 16.19
CA THR D 61 7.00 -37.97 15.27
C THR D 61 6.97 -36.62 14.54
N GLY D 62 6.58 -36.65 13.27
CA GLY D 62 6.63 -35.43 12.48
C GLY D 62 7.93 -35.12 11.77
N VAL D 63 9.03 -35.68 12.21
CA VAL D 63 10.27 -35.36 11.59
C VAL D 63 10.39 -36.25 10.32
N PRO D 64 10.54 -35.60 9.15
CA PRO D 64 10.55 -36.33 7.88
C PRO D 64 11.88 -37.06 7.68
N HIS D 65 11.83 -38.09 6.84
CA HIS D 65 12.98 -38.93 6.52
C HIS D 65 14.26 -38.25 6.13
N ARG D 66 14.23 -36.97 5.78
CA ARG D 66 15.43 -36.26 5.32
C ARG D 66 16.39 -36.13 6.50
N PHE D 67 15.89 -36.35 7.73
CA PHE D 67 16.77 -36.25 8.91
C PHE D 67 17.21 -37.65 9.28
N SER D 68 18.52 -37.88 9.29
CA SER D 68 19.05 -39.18 9.64
C SER D 68 20.04 -39.03 10.78
N GLY D 69 19.84 -39.73 11.87
CA GLY D 69 20.85 -39.81 12.95
C GLY D 69 21.55 -41.16 12.92
N SER D 70 22.86 -41.18 13.19
CA SER D 70 23.60 -42.45 13.25
C SER D 70 24.84 -42.36 14.12
N GLY D 71 25.54 -43.47 14.25
CA GLY D 71 26.70 -43.53 15.11
C GLY D 71 26.43 -44.34 16.37
N SER D 72 27.43 -44.39 17.25
CA SER D 72 27.35 -45.17 18.49
C SER D 72 28.58 -44.83 19.33
N GLY D 73 28.51 -45.12 20.65
CA GLY D 73 29.67 -45.02 21.54
C GLY D 73 30.01 -43.56 21.77
N THR D 74 31.04 -43.08 21.07
CA THR D 74 31.55 -41.73 21.26
C THR D 74 31.36 -40.88 19.99
N GLU D 75 30.81 -41.45 18.93
CA GLU D 75 30.76 -40.75 17.64
C GLU D 75 29.42 -40.87 16.94
N PHE D 76 28.80 -39.71 16.71
CA PHE D 76 27.47 -39.66 16.24
C PHE D 76 27.37 -38.67 15.10
N THR D 77 26.44 -38.92 14.18
CA THR D 77 26.31 -38.06 13.03
C THR D 77 24.86 -37.71 12.80
N LEU D 78 24.58 -36.46 12.46
CA LEU D 78 23.24 -36.10 12.01
C LEU D 78 23.34 -35.64 10.57
N LYS D 79 22.74 -36.37 9.66
CA LYS D 79 22.73 -35.94 8.26
C LYS D 79 21.35 -35.43 7.91
N ILE D 80 21.30 -34.28 7.26
CA ILE D 80 20.05 -33.70 6.73
C ILE D 80 20.13 -33.57 5.21
N SER D 81 19.18 -34.12 4.53
CA SER D 81 19.23 -34.14 3.12
C SER D 81 18.27 -33.13 2.52
N ARG D 82 18.59 -32.65 1.32
CA ARG D 82 17.67 -31.75 0.64
C ARG D 82 17.25 -30.56 1.55
N VAL D 83 18.24 -29.87 2.09
CA VAL D 83 18.03 -28.74 2.98
C VAL D 83 17.25 -27.64 2.29
N GLU D 84 16.38 -27.03 3.06
CA GLU D 84 15.60 -25.89 2.59
C GLU D 84 15.61 -24.88 3.76
N ALA D 85 15.17 -23.65 3.51
CA ALA D 85 15.25 -22.57 4.51
C ALA D 85 14.53 -22.94 5.82
N GLU D 86 13.46 -23.73 5.73
CA GLU D 86 12.76 -24.11 6.95
C GLU D 86 13.68 -24.82 7.99
N ASP D 87 14.81 -25.32 7.53
CA ASP D 87 15.64 -26.19 8.33
C ASP D 87 16.69 -25.35 9.06
N VAL D 88 16.82 -24.11 8.63
CA VAL D 88 17.83 -23.24 9.21
C VAL D 88 17.62 -23.12 10.73
N GLY D 89 18.71 -23.10 11.49
CA GLY D 89 18.63 -23.02 12.96
C GLY D 89 19.87 -23.61 13.59
N VAL D 90 19.85 -23.81 14.90
CA VAL D 90 20.99 -24.35 15.66
C VAL D 90 20.64 -25.77 16.09
N TYR D 91 21.45 -26.74 15.68
CA TYR D 91 21.23 -28.13 16.06
C TYR D 91 22.10 -28.40 17.24
N TYR D 92 21.53 -29.00 18.28
CA TYR D 92 22.34 -29.40 19.44
C TYR D 92 22.34 -30.88 19.57
N CYS D 93 23.45 -31.46 19.95
CA CYS D 93 23.36 -32.78 20.55
C CYS D 93 23.29 -32.71 22.08
N MET D 94 22.77 -33.79 22.63
CA MET D 94 22.61 -33.90 24.03
C MET D 94 22.85 -35.35 24.34
N GLN D 95 23.67 -35.62 25.35
CA GLN D 95 23.85 -36.97 25.90
C GLN D 95 23.18 -37.03 27.24
N ALA D 96 22.70 -38.21 27.57
CA ALA D 96 21.99 -38.37 28.82
C ALA D 96 22.37 -39.69 29.53
N LYS D 97 23.61 -40.13 29.31
CA LYS D 97 23.98 -41.37 29.94
C LYS D 97 24.38 -40.95 31.31
N GLU D 98 25.09 -39.85 31.41
CA GLU D 98 25.37 -39.30 32.72
C GLU D 98 24.61 -37.98 32.85
N SER D 99 24.79 -37.23 33.92
CA SER D 99 24.18 -35.89 34.01
C SER D 99 24.16 -35.12 32.65
N PRO D 100 22.98 -34.80 32.11
CA PRO D 100 22.94 -34.41 30.69
C PRO D 100 23.72 -33.15 30.35
N THR D 101 24.35 -33.19 29.18
CA THR D 101 25.14 -32.08 28.74
C THR D 101 24.93 -31.94 27.25
N PHE D 102 24.97 -30.68 26.80
CA PHE D 102 24.74 -30.26 25.42
C PHE D 102 26.04 -29.99 24.63
N GLY D 103 25.98 -30.21 23.32
CA GLY D 103 27.04 -29.75 22.44
C GLY D 103 26.93 -28.25 22.30
N GLN D 104 27.96 -27.61 21.74
CA GLN D 104 27.93 -26.16 21.67
C GLN D 104 26.92 -25.61 20.68
N GLY D 105 26.46 -26.45 19.75
CA GLY D 105 25.43 -26.05 18.81
C GLY D 105 25.98 -25.87 17.45
N THR D 106 25.27 -26.31 16.43
CA THR D 106 25.71 -26.04 15.07
C THR D 106 24.68 -25.22 14.31
N LYS D 107 25.10 -24.07 13.77
CA LYS D 107 24.20 -23.21 13.02
C LYS D 107 24.11 -23.69 11.58
N VAL D 108 22.93 -24.13 11.16
CA VAL D 108 22.72 -24.47 9.77
C VAL D 108 22.08 -23.31 9.09
N GLU D 109 22.68 -22.87 7.98
CA GLU D 109 22.17 -21.73 7.24
C GLU D 109 22.19 -22.05 5.75
N ILE D 110 21.37 -21.33 4.99
CA ILE D 110 21.32 -21.43 3.55
C ILE D 110 22.47 -20.69 2.93
N LYS D 111 23.14 -21.39 2.00
CA LYS D 111 24.29 -20.87 1.29
C LYS D 111 23.87 -20.30 -0.07
N ARG D 112 24.40 -19.11 -0.39
CA ARG D 112 24.10 -18.38 -1.63
C ARG D 112 25.39 -17.76 -2.14
N THR D 113 25.32 -17.17 -3.33
CA THR D 113 26.48 -16.50 -3.89
C THR D 113 26.84 -15.30 -2.99
N VAL D 114 28.14 -15.00 -2.91
CA VAL D 114 28.64 -13.89 -2.12
C VAL D 114 27.94 -12.57 -2.47
N ALA D 115 27.40 -11.89 -1.46
CA ALA D 115 26.84 -10.53 -1.61
C ALA D 115 27.55 -9.57 -0.64
N ALA D 116 28.13 -8.51 -1.19
CA ALA D 116 28.85 -7.55 -0.37
C ALA D 116 27.80 -6.70 0.34
N PRO D 117 28.15 -6.14 1.52
CA PRO D 117 27.20 -5.32 2.23
C PRO D 117 27.09 -3.92 1.65
N SER D 118 25.89 -3.39 1.63
CA SER D 118 25.73 -1.98 1.40
C SER D 118 25.85 -1.30 2.76
N VAL D 119 26.63 -0.24 2.84
CA VAL D 119 27.08 0.26 4.12
C VAL D 119 26.52 1.66 4.37
N PHE D 120 26.19 2.00 5.60
CA PHE D 120 25.66 3.33 5.85
C PHE D 120 26.11 3.86 7.20
N ILE D 121 26.54 5.11 7.22
CA ILE D 121 26.87 5.72 8.48
C ILE D 121 25.78 6.73 8.79
N PHE D 122 25.36 6.78 10.06
CA PHE D 122 24.43 7.80 10.55
C PHE D 122 25.06 8.51 11.75
N PRO D 123 25.14 9.87 11.66
CA PRO D 123 25.47 10.79 12.77
C PRO D 123 24.44 10.72 13.89
N PRO D 124 24.86 11.01 15.14
CA PRO D 124 23.92 11.19 16.25
C PRO D 124 22.95 12.31 15.94
N SER D 125 21.69 12.19 16.37
CA SER D 125 20.70 13.31 16.26
C SER D 125 21.06 14.52 17.11
N ASP D 126 20.64 15.70 16.66
CA ASP D 126 20.74 16.89 17.50
C ASP D 126 20.02 16.68 18.87
N GLU D 127 18.90 15.94 18.88
CA GLU D 127 18.18 15.55 20.13
C GLU D 127 19.04 14.80 21.14
N GLN D 128 19.80 13.81 20.70
CA GLN D 128 20.60 13.05 21.64
C GLN D 128 21.78 13.88 22.13
N LEU D 129 22.33 14.69 21.24
CA LEU D 129 23.41 15.60 21.60
C LEU D 129 23.08 16.47 22.80
N LYS D 130 21.83 16.93 22.90
CA LYS D 130 21.32 17.68 24.08
C LYS D 130 21.37 16.86 25.39
N SER D 131 21.59 15.54 25.28
CA SER D 131 21.58 14.66 26.44
C SER D 131 22.95 14.23 27.03
N GLY D 132 24.07 14.61 26.40
CA GLY D 132 25.39 14.26 26.96
C GLY D 132 26.20 13.13 26.32
N THR D 133 25.55 12.18 25.63
CA THR D 133 26.27 11.14 24.86
C THR D 133 25.99 11.23 23.33
N ALA D 134 26.97 10.82 22.52
CA ALA D 134 26.77 10.70 21.08
C ALA D 134 26.81 9.22 20.64
N SER D 135 25.77 8.77 19.93
CA SER D 135 25.77 7.42 19.38
C SER D 135 25.90 7.53 17.87
N VAL D 136 26.94 6.92 17.30
CA VAL D 136 27.17 7.00 15.84
C VAL D 136 26.81 5.63 15.37
N VAL D 137 25.98 5.53 14.34
CA VAL D 137 25.56 4.20 13.88
C VAL D 137 26.02 3.82 12.47
N CYS D 138 26.41 2.55 12.33
CA CYS D 138 26.78 1.95 11.07
C CYS D 138 25.86 0.79 10.75
N LEU D 139 25.32 0.80 9.53
CA LEU D 139 24.50 -0.29 8.98
C LEU D 139 25.24 -1.04 7.86
N LEU D 140 25.47 -2.33 8.05
CA LEU D 140 26.00 -3.18 7.00
C LEU D 140 24.80 -3.96 6.49
N ASN D 141 24.38 -3.77 5.25
CA ASN D 141 23.04 -4.25 4.85
C ASN D 141 23.00 -5.34 3.78
N ASN D 142 22.23 -6.40 4.06
CA ASN D 142 22.02 -7.55 3.15
C ASN D 142 23.31 -8.17 2.59
N PHE D 143 24.10 -8.83 3.44
CA PHE D 143 25.34 -9.42 2.96
C PHE D 143 25.40 -10.94 3.16
N TYR D 144 26.34 -11.57 2.49
CA TYR D 144 26.58 -13.01 2.59
C TYR D 144 27.97 -13.30 2.07
N PRO D 145 28.76 -14.08 2.83
CA PRO D 145 28.48 -14.77 4.07
C PRO D 145 28.43 -13.89 5.37
N ARG D 146 28.20 -14.53 6.52
CA ARG D 146 27.99 -13.85 7.78
C ARG D 146 29.15 -13.01 8.29
N GLU D 147 30.36 -13.53 8.18
CA GLU D 147 31.53 -12.93 8.78
C GLU D 147 31.80 -11.50 8.23
N ALA D 148 31.55 -10.50 9.05
CA ALA D 148 31.85 -9.11 8.66
C ALA D 148 32.56 -8.39 9.79
N LYS D 149 33.57 -7.60 9.45
CA LYS D 149 34.30 -6.88 10.44
C LYS D 149 34.05 -5.41 10.24
N VAL D 150 33.65 -4.72 11.32
CA VAL D 150 33.51 -3.27 11.35
C VAL D 150 34.61 -2.70 12.22
N GLN D 151 35.38 -1.73 11.73
CA GLN D 151 36.30 -0.99 12.57
C GLN D 151 35.85 0.46 12.60
N TRP D 152 35.66 0.99 13.80
CA TRP D 152 35.33 2.39 13.92
C TRP D 152 36.62 3.25 13.89
N LYS D 153 36.55 4.42 13.25
CA LYS D 153 37.69 5.35 13.20
C LYS D 153 37.31 6.79 13.42
N VAL D 154 37.97 7.40 14.39
CA VAL D 154 37.72 8.79 14.75
C VAL D 154 38.97 9.53 14.43
N ASP D 155 38.94 10.34 13.35
CA ASP D 155 40.15 11.09 12.84
C ASP D 155 41.29 10.11 12.54
N ASN D 156 40.94 9.04 11.82
CA ASN D 156 41.87 7.93 11.54
C ASN D 156 42.49 7.26 12.78
N ALA D 157 41.96 7.58 13.98
CA ALA D 157 42.28 6.84 15.20
C ALA D 157 41.32 5.65 15.35
N LEU D 158 41.88 4.44 15.26
CA LEU D 158 41.15 3.19 15.50
C LEU D 158 40.52 3.18 16.91
N GLN D 159 39.28 2.75 17.03
CA GLN D 159 38.61 2.78 18.32
C GLN D 159 38.60 1.44 18.97
N SER D 160 38.74 1.40 20.29
CA SER D 160 38.68 0.12 20.99
C SER D 160 37.84 0.14 22.26
N GLY D 161 36.91 -0.82 22.36
CA GLY D 161 36.04 -1.00 23.54
C GLY D 161 34.83 -0.08 23.71
N ASN D 162 34.57 0.80 22.73
CA ASN D 162 33.47 1.73 22.86
C ASN D 162 32.35 1.56 21.81
N SER D 163 32.14 0.33 21.37
CA SER D 163 31.13 0.05 20.38
C SER D 163 30.56 -1.33 20.59
N GLN D 164 29.29 -1.51 20.18
CA GLN D 164 28.62 -2.79 20.31
C GLN D 164 27.91 -3.07 18.96
N GLU D 165 27.67 -4.33 18.64
CA GLU D 165 27.04 -4.62 17.39
C GLU D 165 26.12 -5.80 17.54
N SER D 166 25.16 -5.94 16.63
CA SER D 166 24.39 -7.19 16.56
C SER D 166 23.95 -7.50 15.14
N VAL D 167 23.49 -8.73 14.90
CA VAL D 167 23.31 -9.23 13.53
C VAL D 167 21.93 -9.80 13.39
N THR D 168 21.22 -9.53 12.31
CA THR D 168 19.92 -10.15 12.13
C THR D 168 20.05 -11.62 11.82
N GLU D 169 18.97 -12.33 12.07
CA GLU D 169 18.79 -13.67 11.53
C GLU D 169 18.88 -13.70 10.02
N GLN D 170 19.31 -14.80 9.44
CA GLN D 170 19.32 -14.95 7.98
C GLN D 170 17.95 -14.70 7.38
N ASP D 171 17.84 -13.77 6.43
CA ASP D 171 16.55 -13.54 5.79
C ASP D 171 16.18 -14.77 4.98
N SER D 172 14.93 -15.23 5.05
CA SER D 172 14.61 -16.49 4.36
C SER D 172 14.41 -16.33 2.88
N LYS D 173 13.92 -15.17 2.44
CA LYS D 173 13.84 -14.92 0.98
C LYS D 173 15.23 -14.83 0.35
N ASP D 174 15.94 -13.72 0.54
CA ASP D 174 17.26 -13.55 -0.09
C ASP D 174 18.47 -14.19 0.65
N SER D 175 18.22 -14.84 1.77
CA SER D 175 19.26 -15.42 2.66
C SER D 175 20.57 -14.62 2.91
N THR D 176 20.43 -13.30 3.01
CA THR D 176 21.46 -12.42 3.43
C THR D 176 21.31 -12.08 4.93
N TYR D 177 22.34 -11.46 5.51
CA TYR D 177 22.33 -10.92 6.87
C TYR D 177 22.50 -9.41 6.80
N SER D 178 22.09 -8.74 7.88
CA SER D 178 22.40 -7.32 8.06
C SER D 178 23.01 -7.15 9.42
N LEU D 179 23.91 -6.17 9.54
CA LEU D 179 24.62 -5.90 10.78
C LEU D 179 24.55 -4.45 11.16
N SER D 180 24.52 -4.20 12.46
CA SER D 180 24.39 -2.86 13.03
C SER D 180 25.40 -2.69 14.18
N SER D 181 26.29 -1.68 14.05
CA SER D 181 27.29 -1.32 15.06
C SER D 181 26.96 0.05 15.57
N THR D 182 27.16 0.27 16.87
CA THR D 182 26.97 1.60 17.51
C THR D 182 28.20 1.99 18.26
N LEU D 183 28.74 3.15 17.94
CA LEU D 183 29.86 3.70 18.68
C LEU D 183 29.25 4.72 19.65
N THR D 184 29.62 4.63 20.93
CA THR D 184 29.12 5.63 21.87
C THR D 184 30.25 6.50 22.44
N LEU D 185 30.04 7.80 22.49
CA LEU D 185 30.98 8.73 23.11
C LEU D 185 30.25 9.73 24.00
N SER D 186 31.03 10.48 24.78
CA SER D 186 30.49 11.65 25.47
C SER D 186 30.36 12.73 24.41
N LYS D 187 29.42 13.64 24.63
CA LYS D 187 29.29 14.79 23.75
C LYS D 187 30.67 15.42 23.63
N ALA D 188 31.30 15.58 24.79
CA ALA D 188 32.67 16.14 24.89
C ALA D 188 33.62 15.39 23.98
N ASP D 189 33.87 14.12 24.27
CA ASP D 189 34.71 13.29 23.41
C ASP D 189 34.33 13.54 21.96
N TYR D 190 33.03 13.51 21.67
CA TYR D 190 32.55 13.66 20.31
C TYR D 190 32.95 14.98 19.66
N GLU D 191 32.73 16.09 20.37
CA GLU D 191 33.00 17.40 19.78
C GLU D 191 34.45 17.67 19.47
N LYS D 192 35.35 17.00 20.16
CA LYS D 192 36.77 17.26 19.91
C LYS D 192 37.36 16.55 18.67
N HIS D 193 36.51 15.95 17.84
CA HIS D 193 36.94 15.25 16.64
C HIS D 193 36.01 15.59 15.48
N LYS D 194 36.51 15.39 14.26
CA LYS D 194 35.82 15.83 13.04
C LYS D 194 35.32 14.64 12.22
N VAL D 195 36.23 13.74 11.89
CA VAL D 195 35.94 12.64 10.98
C VAL D 195 35.50 11.35 11.74
N TYR D 196 34.25 10.95 11.52
CA TYR D 196 33.72 9.72 12.10
C TYR D 196 33.52 8.73 10.98
N ALA D 197 34.13 7.56 11.11
CA ALA D 197 34.25 6.66 9.98
C ALA D 197 33.99 5.22 10.33
N CYS D 198 33.27 4.60 9.41
CA CYS D 198 32.85 3.23 9.49
C CYS D 198 33.70 2.49 8.44
N GLU D 199 34.61 1.64 8.92
CA GLU D 199 35.44 0.89 8.01
C GLU D 199 35.07 -0.58 8.00
N VAL D 200 34.62 -1.09 6.85
CA VAL D 200 34.12 -2.44 6.78
C VAL D 200 34.94 -3.32 5.86
N THR D 201 35.25 -4.54 6.31
CA THR D 201 35.77 -5.59 5.42
C THR D 201 34.84 -6.80 5.39
N HIS D 202 34.88 -7.52 4.26
CA HIS D 202 33.98 -8.63 4.02
C HIS D 202 34.52 -9.42 2.84
N GLN D 203 34.11 -10.68 2.70
CA GLN D 203 34.60 -11.51 1.63
C GLN D 203 34.29 -10.96 0.25
N GLY D 204 33.11 -10.38 0.08
CA GLY D 204 32.78 -9.79 -1.20
C GLY D 204 33.27 -8.37 -1.43
N LEU D 205 34.18 -7.86 -0.58
CA LEU D 205 34.85 -6.58 -0.88
C LEU D 205 36.32 -6.88 -1.12
N SER D 206 36.85 -6.49 -2.26
CA SER D 206 38.25 -6.82 -2.54
C SER D 206 39.18 -5.83 -1.87
N SER D 207 38.56 -4.88 -1.17
CA SER D 207 39.27 -3.96 -0.24
C SER D 207 38.25 -3.21 0.59
N PRO D 208 38.64 -2.74 1.79
CA PRO D 208 37.62 -2.27 2.75
C PRO D 208 36.80 -1.09 2.23
N VAL D 209 35.56 -0.98 2.68
CA VAL D 209 34.76 0.16 2.32
C VAL D 209 34.74 1.04 3.56
N THR D 210 34.93 2.34 3.35
CA THR D 210 34.92 3.33 4.41
C THR D 210 33.72 4.31 4.20
N LYS D 211 32.78 4.27 5.13
CA LYS D 211 31.70 5.27 5.11
C LYS D 211 31.93 6.33 6.18
N SER D 212 31.86 7.62 5.83
CA SER D 212 32.13 8.65 6.86
C SER D 212 31.34 9.95 6.83
N PHE D 213 31.45 10.75 7.88
CA PHE D 213 30.91 12.12 7.87
C PHE D 213 31.85 12.98 8.66
N ASN D 214 31.71 14.28 8.50
CA ASN D 214 32.44 15.23 9.31
C ASN D 214 31.43 16.00 10.17
N ARG D 215 31.64 16.00 11.50
CA ARG D 215 31.18 17.04 12.48
C ARG D 215 31.13 16.50 13.93
N GLN E 1 15.28 13.88 -54.20
CA GLN E 1 14.64 13.73 -52.84
C GLN E 1 15.04 12.40 -52.19
N VAL E 2 14.57 12.12 -50.98
CA VAL E 2 15.03 10.94 -50.23
C VAL E 2 14.31 9.69 -50.71
N GLN E 3 15.12 8.64 -50.94
CA GLN E 3 14.65 7.34 -51.46
C GLN E 3 15.18 6.17 -50.63
N LEU E 4 14.25 5.33 -50.22
CA LEU E 4 14.62 4.06 -49.60
C LEU E 4 14.01 2.96 -50.46
N VAL E 5 14.89 2.15 -51.08
CA VAL E 5 14.48 1.12 -52.02
C VAL E 5 14.92 -0.22 -51.51
N GLN E 6 13.96 -1.08 -51.19
CA GLN E 6 14.25 -2.37 -50.63
C GLN E 6 14.39 -3.44 -51.73
N SER E 7 14.99 -4.56 -51.38
CA SER E 7 15.09 -5.68 -52.32
C SER E 7 13.69 -6.39 -52.52
N GLY E 8 13.57 -7.28 -53.49
CA GLY E 8 12.28 -7.81 -53.87
C GLY E 8 11.82 -8.95 -52.97
N ALA E 9 10.57 -9.37 -53.18
CA ALA E 9 9.98 -10.46 -52.39
C ALA E 9 10.86 -11.74 -52.27
N GLU E 10 10.76 -12.35 -51.10
CA GLU E 10 11.52 -13.53 -50.75
C GLU E 10 10.56 -14.59 -50.27
N VAL E 11 10.96 -15.84 -50.48
CA VAL E 11 10.25 -17.01 -50.02
C VAL E 11 11.26 -17.97 -49.35
N ARG E 12 10.86 -18.53 -48.19
CA ARG E 12 11.72 -19.44 -47.41
C ARG E 12 10.96 -20.50 -46.60
N LYS E 13 11.68 -21.56 -46.23
CA LYS E 13 11.10 -22.61 -45.41
C LYS E 13 11.41 -22.33 -43.93
N PRO E 14 10.50 -22.72 -43.03
CA PRO E 14 10.85 -22.73 -41.62
C PRO E 14 12.28 -23.18 -41.40
N GLY E 15 12.96 -22.58 -40.44
CA GLY E 15 14.34 -22.99 -40.15
C GLY E 15 15.35 -22.11 -40.90
N ALA E 16 14.97 -21.55 -42.04
CA ALA E 16 15.91 -20.86 -42.90
C ALA E 16 16.09 -19.39 -42.50
N SER E 17 17.00 -18.67 -43.12
CA SER E 17 17.12 -17.23 -42.87
C SER E 17 16.86 -16.42 -44.13
N VAL E 18 16.72 -15.12 -43.95
CA VAL E 18 16.44 -14.21 -45.06
C VAL E 18 17.22 -12.91 -44.83
N THR E 19 17.56 -12.20 -45.88
CA THR E 19 18.32 -10.95 -45.78
C THR E 19 17.61 -9.93 -46.65
N VAL E 20 17.05 -8.88 -46.04
CA VAL E 20 16.44 -7.83 -46.82
C VAL E 20 17.42 -6.66 -46.88
N SER E 21 17.52 -6.06 -48.04
CA SER E 21 18.36 -4.87 -48.18
C SER E 21 17.49 -3.62 -48.41
N CYS E 22 18.07 -2.47 -48.11
CA CYS E 22 17.39 -1.22 -48.25
C CYS E 22 18.48 -0.29 -48.71
N LYS E 23 18.39 0.11 -49.96
CA LYS E 23 19.35 1.00 -50.50
C LYS E 23 18.78 2.40 -50.36
N THR E 24 19.55 3.26 -49.69
CA THR E 24 19.14 4.64 -49.41
C THR E 24 19.89 5.63 -50.26
N SER E 25 19.32 6.80 -50.48
CA SER E 25 19.97 7.82 -51.32
C SER E 25 19.33 9.19 -51.14
N GLY E 26 20.02 10.23 -51.59
CA GLY E 26 19.48 11.60 -51.55
C GLY E 26 19.82 12.35 -50.28
N TYR E 27 20.67 11.77 -49.44
CA TYR E 27 21.09 12.41 -48.19
C TYR E 27 22.40 11.73 -47.70
N THR E 28 23.10 12.31 -46.73
CA THR E 28 24.29 11.74 -46.17
C THR E 28 23.96 10.50 -45.31
N PHE E 29 24.27 9.33 -45.87
CA PHE E 29 23.83 8.08 -45.30
C PHE E 29 24.19 7.94 -43.84
N VAL E 30 25.36 8.43 -43.53
CA VAL E 30 26.05 8.12 -42.30
C VAL E 30 25.45 8.97 -41.15
N ASN E 31 24.51 9.87 -41.46
CA ASN E 31 24.08 10.92 -40.58
C ASN E 31 22.70 10.69 -39.91
N PHE E 32 22.03 9.58 -40.24
CA PHE E 32 20.66 9.31 -39.82
C PHE E 32 20.48 7.85 -39.44
N TYR E 33 19.74 7.59 -38.41
CA TYR E 33 19.49 6.19 -38.04
C TYR E 33 18.56 5.59 -39.02
N ILE E 34 18.60 4.26 -39.15
CA ILE E 34 17.67 3.52 -39.99
C ILE E 34 16.92 2.53 -39.08
N VAL E 35 15.62 2.41 -39.31
CA VAL E 35 14.76 1.62 -38.47
C VAL E 35 14.05 0.54 -39.26
N TRP E 36 13.80 -0.60 -38.63
CA TRP E 36 13.03 -1.65 -39.30
C TRP E 36 11.76 -1.97 -38.54
N VAL E 37 10.68 -2.12 -39.30
CA VAL E 37 9.34 -2.38 -38.77
C VAL E 37 8.75 -3.51 -39.64
N ARG E 38 7.94 -4.39 -39.07
CA ARG E 38 7.24 -5.43 -39.88
C ARG E 38 5.75 -5.36 -39.66
N GLN E 39 5.05 -6.01 -40.57
CA GLN E 39 3.62 -6.10 -40.51
C GLN E 39 3.13 -7.50 -40.95
N ALA E 40 2.64 -8.29 -40.01
CA ALA E 40 2.01 -9.56 -40.31
C ALA E 40 0.71 -9.33 -41.11
N PRO E 41 0.26 -10.35 -41.85
CA PRO E 41 -0.87 -10.14 -42.80
C PRO E 41 -2.16 -9.78 -42.08
N GLY E 42 -2.84 -8.74 -42.59
CA GLY E 42 -4.02 -8.15 -41.92
C GLY E 42 -3.82 -7.70 -40.46
N GLN E 43 -2.56 -7.43 -40.04
CA GLN E 43 -2.27 -7.05 -38.63
C GLN E 43 -1.53 -5.72 -38.39
N GLY E 44 -1.10 -5.52 -37.14
CA GLY E 44 -0.42 -4.33 -36.70
C GLY E 44 0.96 -4.09 -37.28
N LEU E 45 1.50 -2.92 -36.99
CA LEU E 45 2.89 -2.64 -37.24
C LEU E 45 3.62 -3.11 -35.97
N GLU E 46 4.88 -3.50 -36.15
CA GLU E 46 5.66 -4.00 -35.02
C GLU E 46 7.10 -3.52 -35.21
N TRP E 47 7.66 -2.94 -34.16
CA TRP E 47 8.94 -2.28 -34.30
C TRP E 47 10.01 -3.32 -34.08
N MET E 48 11.05 -3.32 -34.90
CA MET E 48 12.08 -4.36 -34.75
C MET E 48 13.44 -3.89 -34.23
N GLY E 49 13.99 -2.83 -34.81
CA GLY E 49 15.31 -2.41 -34.40
C GLY E 49 15.81 -1.22 -35.18
N VAL E 50 16.95 -0.74 -34.75
CA VAL E 50 17.55 0.45 -35.30
C VAL E 50 19.05 0.22 -35.48
N ILE E 51 19.60 0.80 -36.55
CA ILE E 51 21.04 0.81 -36.76
C ILE E 51 21.57 2.24 -36.93
N ASN E 52 22.77 2.43 -36.42
CA ASN E 52 23.56 3.63 -36.57
C ASN E 52 24.54 3.34 -37.73
N PRO E 53 24.32 3.97 -38.86
CA PRO E 53 25.19 3.56 -39.92
C PRO E 53 26.59 4.12 -39.78
N PHE E 54 26.80 5.12 -38.94
CA PHE E 54 28.16 5.61 -38.77
C PHE E 54 28.94 4.68 -37.84
N ARG E 55 28.39 4.31 -36.68
CA ARG E 55 29.23 3.55 -35.76
C ARG E 55 29.05 2.05 -36.00
N GLY E 56 27.93 1.68 -36.64
CA GLY E 56 27.61 0.29 -36.85
C GLY E 56 26.74 -0.33 -35.78
N ASP E 57 26.52 0.38 -34.66
CA ASP E 57 25.90 -0.28 -33.51
C ASP E 57 24.38 -0.39 -33.65
N THR E 58 23.81 -1.38 -32.97
CA THR E 58 22.39 -1.69 -33.14
C THR E 58 21.62 -1.79 -31.79
N TYR E 59 20.30 -1.87 -31.87
CA TYR E 59 19.42 -2.06 -30.73
C TYR E 59 18.17 -2.77 -31.29
N PHE E 60 17.63 -3.74 -30.53
CA PHE E 60 16.50 -4.54 -30.99
C PHE E 60 15.41 -4.69 -29.96
N ALA E 61 14.17 -4.70 -30.39
CA ALA E 61 13.12 -5.06 -29.46
C ALA E 61 13.43 -6.47 -28.97
N GLN E 62 13.31 -6.69 -27.66
CA GLN E 62 13.53 -8.03 -27.03
C GLN E 62 13.09 -9.27 -27.89
N LYS E 63 11.91 -9.17 -28.49
CA LYS E 63 11.35 -10.21 -29.34
C LYS E 63 12.28 -10.62 -30.49
N PHE E 64 13.10 -9.69 -30.93
CA PHE E 64 14.02 -9.87 -32.05
C PHE E 64 15.52 -9.85 -31.73
N LYS E 65 15.90 -9.90 -30.46
CA LYS E 65 17.33 -9.90 -30.13
C LYS E 65 18.04 -11.13 -30.67
N GLY E 66 17.50 -12.32 -30.41
CA GLY E 66 18.19 -13.53 -30.79
C GLY E 66 18.46 -13.68 -32.29
N ARG E 67 17.51 -13.23 -33.13
CA ARG E 67 17.44 -13.68 -34.51
C ARG E 67 17.64 -12.60 -35.55
N VAL E 68 17.53 -11.34 -35.16
CA VAL E 68 17.85 -10.31 -36.11
C VAL E 68 19.29 -9.80 -36.04
N THR E 69 19.88 -9.52 -37.19
CA THR E 69 21.09 -8.71 -37.20
C THR E 69 20.95 -7.62 -38.26
N LEU E 70 21.58 -6.48 -38.00
CA LEU E 70 21.63 -5.39 -38.94
C LEU E 70 23.10 -5.03 -39.25
N THR E 71 23.40 -4.86 -40.53
CA THR E 71 24.74 -4.41 -41.00
C THR E 71 24.48 -3.25 -41.98
N ARG E 72 25.52 -2.43 -42.19
CA ARG E 72 25.46 -1.43 -43.22
C ARG E 72 26.69 -1.49 -44.15
N ASP E 73 26.51 -0.96 -45.36
CA ASP E 73 27.62 -0.83 -46.29
C ASP E 73 27.71 0.67 -46.61
N THR E 74 28.72 1.35 -46.09
CA THR E 74 28.72 2.80 -46.26
C THR E 74 29.16 3.19 -47.67
N SER E 75 29.72 2.28 -48.47
CA SER E 75 30.09 2.67 -49.84
C SER E 75 28.93 2.59 -50.79
N THR E 76 27.84 1.91 -50.37
CA THR E 76 26.65 1.76 -51.21
C THR E 76 25.40 2.27 -50.50
N SER E 77 25.63 3.01 -49.41
CA SER E 77 24.56 3.53 -48.59
C SER E 77 23.38 2.62 -48.45
N THR E 78 23.68 1.34 -48.17
CA THR E 78 22.68 0.27 -47.97
C THR E 78 22.77 -0.36 -46.57
N VAL E 79 21.60 -0.69 -46.03
CA VAL E 79 21.46 -1.40 -44.73
C VAL E 79 20.89 -2.79 -45.02
N PHE E 80 21.26 -3.77 -44.19
CA PHE E 80 20.80 -5.13 -44.42
C PHE E 80 20.27 -5.69 -43.14
N MET E 81 19.18 -6.46 -43.27
CA MET E 81 18.41 -6.96 -42.14
C MET E 81 18.39 -8.44 -42.35
N GLU E 82 19.07 -9.18 -41.48
CA GLU E 82 19.02 -10.63 -41.57
C GLU E 82 18.19 -11.25 -40.45
N LEU E 83 17.22 -12.09 -40.80
CA LEU E 83 16.40 -12.75 -39.81
C LEU E 83 16.58 -14.24 -40.00
N SER E 84 16.95 -14.93 -38.90
CA SER E 84 17.22 -16.35 -38.94
C SER E 84 16.15 -17.17 -38.17
N SER E 85 16.23 -18.51 -38.24
CA SER E 85 15.25 -19.44 -37.62
C SER E 85 13.80 -19.04 -37.91
N LEU E 86 13.53 -18.77 -39.18
CA LEU E 86 12.20 -18.32 -39.61
C LEU E 86 11.12 -19.34 -39.27
N ARG E 87 10.01 -18.79 -38.77
CA ARG E 87 8.81 -19.52 -38.43
C ARG E 87 7.75 -18.95 -39.33
N SER E 88 6.71 -19.71 -39.62
CA SER E 88 5.69 -19.23 -40.55
C SER E 88 5.10 -17.88 -40.12
N ASP E 89 4.97 -17.64 -38.82
CA ASP E 89 4.49 -16.31 -38.36
C ASP E 89 5.49 -15.15 -38.52
N ASP E 90 6.64 -15.38 -39.16
CA ASP E 90 7.53 -14.29 -39.57
C ASP E 90 7.15 -13.85 -40.97
N THR E 91 6.11 -14.49 -41.52
CA THR E 91 5.54 -14.07 -42.81
C THR E 91 5.01 -12.66 -42.61
N ALA E 92 5.56 -11.72 -43.36
CA ALA E 92 5.26 -10.31 -43.17
C ALA E 92 5.89 -9.47 -44.22
N ILE E 93 5.40 -8.23 -44.27
CA ILE E 93 6.04 -7.15 -45.01
C ILE E 93 7.00 -6.45 -44.03
N TYR E 94 8.27 -6.49 -44.40
CA TYR E 94 9.30 -5.80 -43.64
C TYR E 94 9.61 -4.44 -44.26
N TYR E 95 9.75 -3.39 -43.44
CA TYR E 95 10.03 -2.03 -43.99
C TYR E 95 11.26 -1.46 -43.32
N CYS E 96 12.08 -0.71 -44.07
CA CYS E 96 13.11 0.15 -43.47
C CYS E 96 12.56 1.55 -43.54
N ALA E 97 12.98 2.36 -42.58
CA ALA E 97 12.57 3.73 -42.56
C ALA E 97 13.72 4.51 -41.98
N ARG E 98 13.80 5.79 -42.36
CA ARG E 98 14.82 6.69 -41.89
C ARG E 98 14.23 7.72 -40.90
N ASP E 99 14.98 7.92 -39.82
CA ASP E 99 14.75 8.97 -38.85
C ASP E 99 14.59 10.31 -39.54
N LEU E 100 13.73 11.16 -38.98
CA LEU E 100 13.49 12.56 -39.40
C LEU E 100 14.72 13.46 -39.28
N GLU E 101 15.35 13.51 -38.09
CA GLU E 101 16.49 14.42 -37.88
C GLU E 101 17.78 13.65 -37.86
N MET E 102 18.90 14.38 -37.86
CA MET E 102 20.20 13.72 -37.82
C MET E 102 20.42 13.11 -36.45
N ARG E 103 21.24 12.07 -36.43
CA ARG E 103 21.56 11.32 -35.20
C ARG E 103 21.77 12.29 -34.02
N ASP E 104 21.16 11.92 -32.89
CA ASP E 104 21.09 12.77 -31.72
C ASP E 104 21.46 11.95 -30.48
N GLY E 105 22.06 10.78 -30.74
CA GLY E 105 22.46 9.87 -29.67
C GLY E 105 21.30 9.07 -29.08
N ASN E 106 20.08 9.27 -29.61
CA ASN E 106 18.86 8.59 -29.14
C ASN E 106 18.29 7.69 -30.23
N ASN E 107 18.85 6.49 -30.31
CA ASN E 107 18.61 5.61 -31.46
C ASN E 107 17.19 5.09 -31.51
N HIS E 108 16.64 4.67 -30.38
CA HIS E 108 15.30 4.12 -30.44
C HIS E 108 14.23 5.18 -30.53
N GLY E 109 14.60 6.43 -30.23
CA GLY E 109 13.65 7.57 -30.24
C GLY E 109 13.55 8.21 -31.61
N SER E 110 13.49 7.37 -32.64
CA SER E 110 13.50 7.80 -34.02
C SER E 110 12.07 7.89 -34.54
N HIS E 111 11.77 9.02 -35.18
CA HIS E 111 10.55 9.25 -35.91
C HIS E 111 10.77 8.85 -37.34
N LEU E 112 9.94 7.96 -37.86
CA LEU E 112 10.16 7.40 -39.21
C LEU E 112 9.54 8.23 -40.35
N GLU E 113 10.31 9.18 -40.89
CA GLU E 113 9.82 10.08 -41.92
C GLU E 113 9.87 9.47 -43.33
N PHE E 114 10.90 8.70 -43.67
CA PHE E 114 11.07 8.21 -45.05
C PHE E 114 11.07 6.72 -45.02
N TRP E 115 10.19 6.08 -45.84
CA TRP E 115 9.93 4.65 -45.72
C TRP E 115 10.24 3.96 -47.03
N GLY E 116 10.65 2.70 -46.95
CA GLY E 116 10.85 1.88 -48.18
C GLY E 116 9.46 1.44 -48.67
N GLN E 117 9.40 0.70 -49.79
CA GLN E 117 8.13 0.19 -50.28
C GLN E 117 7.75 -1.09 -49.55
N GLY E 118 8.66 -1.66 -48.78
CA GLY E 118 8.41 -2.91 -48.08
C GLY E 118 8.87 -4.12 -48.85
N THR E 119 9.22 -5.20 -48.16
CA THR E 119 9.46 -6.39 -48.90
C THR E 119 8.69 -7.55 -48.28
N LEU E 120 7.85 -8.19 -49.09
CA LEU E 120 7.12 -9.37 -48.69
C LEU E 120 8.04 -10.59 -48.42
N VAL E 121 7.99 -11.11 -47.20
CA VAL E 121 8.65 -12.34 -46.91
C VAL E 121 7.57 -13.38 -46.53
N THR E 122 7.43 -14.44 -47.34
CA THR E 122 6.45 -15.47 -47.06
C THR E 122 7.23 -16.66 -46.55
N VAL E 123 6.88 -17.16 -45.38
CA VAL E 123 7.55 -18.34 -44.82
C VAL E 123 6.55 -19.47 -44.78
N SER E 124 6.82 -20.52 -45.55
CA SER E 124 5.89 -21.64 -45.72
C SER E 124 6.63 -22.86 -46.29
N SER E 125 6.12 -24.05 -46.01
CA SER E 125 6.78 -25.25 -46.57
C SER E 125 6.28 -25.54 -47.98
N ALA E 126 5.39 -24.69 -48.48
CA ALA E 126 4.79 -24.89 -49.79
C ALA E 126 5.79 -24.56 -50.88
N SER E 127 5.66 -25.17 -52.04
CA SER E 127 6.51 -24.80 -53.15
C SER E 127 5.76 -23.99 -54.22
N THR E 128 6.56 -23.23 -54.96
CA THR E 128 6.07 -22.28 -55.95
C THR E 128 5.05 -22.90 -56.94
N LYS E 129 3.87 -22.30 -57.05
CA LYS E 129 2.81 -22.85 -57.94
C LYS E 129 1.93 -21.80 -58.63
N GLY E 130 1.73 -21.96 -59.94
CA GLY E 130 0.81 -21.10 -60.69
C GLY E 130 -0.65 -21.34 -60.36
N PRO E 131 -1.48 -20.30 -60.51
CA PRO E 131 -2.93 -20.39 -60.31
C PRO E 131 -3.68 -21.18 -61.40
N SER E 132 -4.89 -21.62 -61.05
CA SER E 132 -5.86 -22.00 -62.04
C SER E 132 -6.91 -20.91 -62.10
N VAL E 133 -7.31 -20.54 -63.30
CA VAL E 133 -8.29 -19.48 -63.48
C VAL E 133 -9.61 -20.04 -64.01
N PHE E 134 -10.61 -20.07 -63.13
CA PHE E 134 -11.93 -20.53 -63.47
C PHE E 134 -12.81 -19.32 -63.58
N PRO E 135 -13.70 -19.31 -64.58
CA PRO E 135 -14.66 -18.23 -64.78
C PRO E 135 -15.81 -18.31 -63.79
N LEU E 136 -16.36 -17.15 -63.45
CA LEU E 136 -17.59 -17.04 -62.68
C LEU E 136 -18.55 -16.26 -63.58
N ALA E 137 -19.54 -16.97 -64.10
CA ALA E 137 -20.37 -16.52 -65.20
C ALA E 137 -21.80 -16.11 -64.80
N PRO E 138 -22.41 -15.19 -65.60
CA PRO E 138 -23.83 -14.74 -65.55
C PRO E 138 -24.90 -15.85 -65.76
N THR E 147 -28.31 -5.22 -64.85
CA THR E 147 -26.94 -5.30 -64.29
C THR E 147 -26.50 -6.73 -63.86
N ALA E 148 -25.40 -7.21 -64.43
CA ALA E 148 -24.95 -8.54 -64.07
C ALA E 148 -23.53 -8.54 -63.55
N ALA E 149 -23.23 -9.52 -62.72
CA ALA E 149 -21.88 -9.73 -62.27
C ALA E 149 -21.29 -11.03 -62.89
N LEU E 150 -19.99 -10.96 -63.22
CA LEU E 150 -19.20 -12.09 -63.74
C LEU E 150 -17.80 -11.93 -63.11
N GLY E 151 -16.98 -12.99 -63.20
CA GLY E 151 -15.65 -12.92 -62.57
C GLY E 151 -14.67 -14.04 -62.87
N CYS E 152 -13.66 -14.11 -62.03
CA CYS E 152 -12.56 -15.08 -62.15
C CYS E 152 -12.18 -15.53 -60.74
N LEU E 153 -12.10 -16.85 -60.57
CA LEU E 153 -11.66 -17.46 -59.33
C LEU E 153 -10.26 -17.89 -59.61
N VAL E 154 -9.33 -17.37 -58.83
CA VAL E 154 -7.91 -17.60 -59.08
C VAL E 154 -7.37 -18.49 -57.96
N LYS E 155 -7.47 -19.79 -58.20
CA LYS E 155 -7.33 -20.76 -57.14
C LYS E 155 -5.96 -21.40 -57.14
N ASP E 156 -5.48 -21.69 -55.94
CA ASP E 156 -4.38 -22.62 -55.75
C ASP E 156 -3.06 -22.11 -56.36
N TYR E 157 -2.60 -20.98 -55.86
CA TYR E 157 -1.27 -20.51 -56.23
C TYR E 157 -0.45 -20.18 -54.99
N PHE E 158 0.85 -20.07 -55.17
CA PHE E 158 1.78 -19.70 -54.13
C PHE E 158 3.09 -19.23 -54.79
N PRO E 159 3.67 -18.12 -54.31
CA PRO E 159 3.19 -17.24 -53.25
C PRO E 159 2.44 -16.00 -53.74
N GLU E 160 2.02 -15.14 -52.81
CA GLU E 160 1.47 -13.90 -53.19
C GLU E 160 2.53 -13.19 -54.02
N PRO E 161 2.12 -12.27 -54.92
CA PRO E 161 0.75 -11.84 -55.14
C PRO E 161 0.32 -12.27 -56.52
N VAL E 162 -0.93 -12.04 -56.87
CA VAL E 162 -1.31 -12.16 -58.28
C VAL E 162 -1.78 -10.78 -58.71
N THR E 163 -1.51 -10.37 -59.95
CA THR E 163 -2.28 -9.25 -60.51
C THR E 163 -3.42 -9.73 -61.43
N VAL E 164 -4.53 -8.99 -61.38
CA VAL E 164 -5.69 -9.30 -62.19
C VAL E 164 -6.21 -8.04 -62.85
N SER E 165 -6.52 -8.11 -64.14
CA SER E 165 -7.24 -7.02 -64.80
C SER E 165 -8.26 -7.59 -65.74
N TRP E 166 -9.04 -6.71 -66.33
CA TRP E 166 -10.12 -7.13 -67.18
C TRP E 166 -10.03 -6.46 -68.51
N ASN E 167 -10.23 -7.24 -69.58
CA ASN E 167 -10.05 -6.77 -70.95
C ASN E 167 -8.78 -5.93 -71.07
N SER E 168 -7.69 -6.45 -70.54
CA SER E 168 -6.39 -5.74 -70.60
C SER E 168 -6.46 -4.30 -70.07
N GLY E 169 -7.39 -4.02 -69.16
CA GLY E 169 -7.44 -2.72 -68.47
C GLY E 169 -8.54 -1.82 -68.99
N ALA E 170 -9.25 -2.33 -69.98
CA ALA E 170 -10.42 -1.65 -70.53
C ALA E 170 -11.53 -1.57 -69.48
N LEU E 171 -11.82 -2.69 -68.81
CA LEU E 171 -12.77 -2.69 -67.70
C LEU E 171 -12.06 -2.26 -66.43
N THR E 172 -12.45 -1.09 -65.92
CA THR E 172 -11.95 -0.51 -64.68
C THR E 172 -13.18 -0.28 -63.77
N SER E 173 -14.21 0.35 -64.35
CA SER E 173 -15.41 0.78 -63.66
C SER E 173 -16.30 -0.42 -63.27
N GLY E 174 -16.33 -0.73 -61.98
CA GLY E 174 -17.16 -1.83 -61.47
C GLY E 174 -16.40 -3.07 -61.05
N VAL E 175 -15.08 -3.02 -61.17
CA VAL E 175 -14.20 -4.12 -60.83
C VAL E 175 -13.87 -4.18 -59.30
N HIS E 176 -14.02 -5.35 -58.71
CA HIS E 176 -13.53 -5.56 -57.36
C HIS E 176 -12.60 -6.75 -57.38
N THR E 177 -11.33 -6.55 -57.02
CA THR E 177 -10.43 -7.69 -56.91
C THR E 177 -10.07 -7.97 -55.47
N PHE E 178 -10.61 -9.07 -54.95
CA PHE E 178 -10.67 -9.34 -53.54
C PHE E 178 -9.34 -9.70 -52.98
N PRO E 179 -9.12 -9.48 -51.66
CA PRO E 179 -7.86 -10.00 -51.08
C PRO E 179 -7.90 -11.52 -51.04
N ALA E 180 -6.70 -12.09 -51.14
CA ALA E 180 -6.51 -13.51 -51.19
C ALA E 180 -6.66 -14.11 -49.84
N VAL E 181 -7.21 -15.33 -49.79
CA VAL E 181 -7.26 -16.11 -48.55
C VAL E 181 -6.22 -17.24 -48.61
N LEU E 182 -5.60 -17.56 -47.47
CA LEU E 182 -4.76 -18.74 -47.36
C LEU E 182 -5.56 -19.99 -46.95
N GLN E 183 -5.33 -21.09 -47.66
CA GLN E 183 -6.06 -22.35 -47.44
C GLN E 183 -5.26 -23.37 -46.65
N SER E 184 -5.95 -24.43 -46.22
CA SER E 184 -5.32 -25.55 -45.51
C SER E 184 -4.16 -26.18 -46.31
N SER E 185 -4.30 -26.19 -47.64
CA SER E 185 -3.26 -26.76 -48.52
C SER E 185 -1.94 -25.98 -48.50
N GLY E 186 -1.96 -24.77 -47.96
CA GLY E 186 -0.80 -23.88 -47.99
C GLY E 186 -0.76 -22.99 -49.22
N LEU E 187 -1.85 -23.02 -49.98
CA LEU E 187 -1.99 -22.24 -51.22
C LEU E 187 -3.07 -21.17 -51.11
N TYR E 188 -2.95 -20.14 -51.92
CA TYR E 188 -3.87 -19.03 -51.86
C TYR E 188 -4.91 -19.16 -52.94
N SER E 189 -5.98 -18.39 -52.78
CA SER E 189 -7.03 -18.33 -53.75
C SER E 189 -7.64 -16.94 -53.63
N LEU E 190 -8.14 -16.40 -54.72
CA LEU E 190 -8.86 -15.15 -54.68
C LEU E 190 -9.83 -15.05 -55.81
N SER E 191 -10.66 -14.03 -55.78
CA SER E 191 -11.59 -13.83 -56.85
C SER E 191 -11.55 -12.40 -57.30
N SER E 192 -11.88 -12.17 -58.56
CA SER E 192 -12.01 -10.83 -59.09
C SER E 192 -13.37 -10.81 -59.77
N VAL E 193 -14.15 -9.74 -59.57
CA VAL E 193 -15.48 -9.61 -60.20
C VAL E 193 -15.76 -8.22 -60.72
N VAL E 194 -16.59 -8.15 -61.76
CA VAL E 194 -17.08 -6.89 -62.28
C VAL E 194 -18.60 -6.98 -62.51
N THR E 195 -19.31 -5.88 -62.28
CA THR E 195 -20.70 -5.80 -62.66
C THR E 195 -20.80 -4.91 -63.89
N VAL E 196 -21.82 -5.14 -64.68
CA VAL E 196 -21.91 -4.58 -66.01
C VAL E 196 -23.39 -4.62 -66.44
N PRO E 197 -23.79 -3.81 -67.47
CA PRO E 197 -25.16 -3.85 -68.06
C PRO E 197 -25.72 -5.24 -68.43
N SER E 198 -26.96 -5.27 -68.94
CA SER E 198 -27.57 -6.53 -69.42
C SER E 198 -27.66 -6.68 -70.96
N SER E 199 -27.29 -5.62 -71.68
CA SER E 199 -27.27 -5.62 -73.14
C SER E 199 -25.96 -6.25 -73.61
N SER E 200 -24.91 -6.10 -72.79
CA SER E 200 -23.63 -6.78 -72.99
C SER E 200 -23.72 -8.29 -72.77
N LEU E 201 -23.14 -9.02 -73.71
CA LEU E 201 -23.24 -10.48 -73.75
C LEU E 201 -21.90 -11.11 -73.38
N GLN E 204 -20.68 -8.11 -76.51
CA GLN E 204 -19.64 -7.56 -75.63
C GLN E 204 -18.93 -8.65 -74.81
N THR E 205 -17.62 -8.82 -75.03
CA THR E 205 -16.92 -9.91 -74.33
C THR E 205 -15.94 -9.46 -73.23
N TYR E 206 -15.80 -10.29 -72.21
CA TYR E 206 -14.95 -9.92 -71.08
C TYR E 206 -13.90 -10.96 -70.81
N ILE E 207 -12.69 -10.49 -70.60
CA ILE E 207 -11.56 -11.36 -70.44
C ILE E 207 -10.79 -10.90 -69.23
N CYS E 208 -10.53 -11.80 -68.28
CA CYS E 208 -9.69 -11.43 -67.16
C CYS E 208 -8.25 -11.82 -67.42
N ASN E 209 -7.36 -10.86 -67.19
CA ASN E 209 -5.94 -11.07 -67.39
C ASN E 209 -5.21 -11.25 -66.07
N VAL E 210 -4.73 -12.47 -65.87
CA VAL E 210 -4.12 -12.92 -64.63
C VAL E 210 -2.61 -13.08 -64.80
N ASN E 211 -1.82 -12.39 -63.98
CA ASN E 211 -0.37 -12.61 -63.94
C ASN E 211 0.13 -13.08 -62.57
N HIS E 212 0.93 -14.13 -62.56
CA HIS E 212 1.55 -14.62 -61.35
C HIS E 212 3.04 -14.77 -61.57
N LYS E 213 3.78 -13.70 -61.32
CA LYS E 213 5.21 -13.86 -61.18
C LYS E 213 5.41 -14.48 -59.76
N PRO E 214 6.05 -15.66 -59.66
CA PRO E 214 6.79 -16.52 -60.62
C PRO E 214 6.16 -17.82 -61.10
N SER E 215 6.10 -18.07 -62.42
CA SER E 215 6.08 -17.02 -63.47
C SER E 215 5.09 -17.57 -64.49
N ASN E 216 4.01 -16.84 -64.72
CA ASN E 216 2.75 -17.47 -65.12
C ASN E 216 1.74 -16.42 -65.47
N THR E 217 1.21 -16.44 -66.68
CA THR E 217 0.12 -15.54 -66.99
C THR E 217 -0.99 -16.33 -67.65
N LYS E 218 -2.23 -16.00 -67.34
CA LYS E 218 -3.39 -16.65 -67.94
C LYS E 218 -4.30 -15.55 -68.43
N VAL E 219 -4.97 -15.78 -69.56
CA VAL E 219 -5.88 -14.80 -70.13
C VAL E 219 -7.17 -15.57 -70.40
N ASP E 220 -8.27 -15.13 -69.80
CA ASP E 220 -9.48 -15.95 -69.73
C ASP E 220 -10.79 -15.27 -70.13
N LYS E 221 -11.31 -15.71 -71.28
CA LYS E 221 -12.69 -15.53 -71.70
C LYS E 221 -13.59 -16.12 -70.64
N ARG E 222 -14.44 -15.25 -70.08
CA ARG E 222 -15.49 -15.70 -69.20
C ARG E 222 -16.69 -15.90 -70.12
N VAL E 223 -17.34 -17.05 -70.05
CA VAL E 223 -18.65 -17.26 -70.73
C VAL E 223 -19.60 -17.69 -69.61
N GLU E 224 -20.84 -17.20 -69.56
CA GLU E 224 -21.68 -16.79 -70.70
C GLU E 224 -21.73 -15.31 -70.96
N ASP F 1 6.55 -3.42 -23.29
CA ASP F 1 6.33 -3.34 -21.84
C ASP F 1 5.60 -2.04 -21.50
N ILE F 2 5.86 -0.97 -22.27
CA ILE F 2 4.95 0.16 -22.37
C ILE F 2 3.83 -0.24 -23.32
N VAL F 3 2.62 -0.36 -22.79
CA VAL F 3 1.48 -0.78 -23.59
C VAL F 3 0.73 0.46 -24.09
N MET F 4 0.37 0.45 -25.37
CA MET F 4 -0.37 1.55 -25.98
C MET F 4 -1.81 1.12 -26.26
N THR F 5 -2.76 1.86 -25.68
CA THR F 5 -4.15 1.58 -25.89
C THR F 5 -4.74 2.64 -26.74
N GLN F 6 -5.04 2.30 -27.97
CA GLN F 6 -5.74 3.17 -28.91
C GLN F 6 -7.21 2.88 -28.89
N SER F 7 -8.02 3.91 -29.07
CA SER F 7 -9.46 3.74 -29.19
C SER F 7 -10.00 4.93 -29.94
N PRO F 8 -11.13 4.75 -30.64
CA PRO F 8 -11.81 3.47 -30.84
C PRO F 8 -11.07 2.71 -31.94
N LEU F 9 -11.45 1.46 -32.17
CA LEU F 9 -10.77 0.59 -33.16
C LEU F 9 -11.30 0.83 -34.56
N SER F 10 -12.55 1.24 -34.63
CA SER F 10 -13.16 1.61 -35.87
C SER F 10 -13.89 2.97 -35.81
N LEU F 11 -13.53 3.87 -36.70
CA LEU F 11 -14.14 5.18 -36.65
C LEU F 11 -14.85 5.54 -37.93
N PRO F 12 -16.18 5.44 -37.97
CA PRO F 12 -16.81 5.96 -39.21
C PRO F 12 -17.05 7.46 -39.13
N VAL F 13 -16.76 8.19 -40.20
CA VAL F 13 -16.97 9.64 -40.18
C VAL F 13 -17.78 10.15 -41.38
N THR F 14 -18.70 11.07 -41.16
CA THR F 14 -19.32 11.79 -42.25
C THR F 14 -18.30 12.71 -43.02
N PRO F 15 -18.32 12.68 -44.37
CA PRO F 15 -17.47 13.62 -45.11
C PRO F 15 -17.77 15.01 -44.62
N GLY F 16 -16.72 15.79 -44.27
CA GLY F 16 -16.93 17.14 -43.79
C GLY F 16 -16.67 17.30 -42.31
N GLU F 17 -16.78 16.22 -41.55
CA GLU F 17 -16.73 16.29 -40.09
C GLU F 17 -15.39 15.84 -39.52
N ALA F 18 -15.32 15.84 -38.20
CA ALA F 18 -14.07 15.67 -37.48
C ALA F 18 -14.05 14.32 -36.83
N ALA F 19 -12.85 13.80 -36.61
CA ALA F 19 -12.64 12.52 -35.95
C ALA F 19 -11.58 12.73 -34.88
N SER F 20 -11.69 12.01 -33.78
CA SER F 20 -10.73 12.05 -32.70
C SER F 20 -10.24 10.66 -32.32
N ILE F 21 -8.93 10.47 -32.32
CA ILE F 21 -8.36 9.18 -31.90
C ILE F 21 -7.66 9.44 -30.57
N SER F 22 -7.90 8.60 -29.59
CA SER F 22 -7.20 8.67 -28.31
C SER F 22 -6.15 7.60 -28.28
N CYS F 23 -5.07 7.90 -27.60
CA CYS F 23 -4.02 6.94 -27.42
C CYS F 23 -3.62 7.16 -25.98
N ARG F 24 -3.61 6.07 -25.21
CA ARG F 24 -3.24 6.07 -23.78
C ARG F 24 -2.07 5.10 -23.56
N SER F 25 -1.13 5.53 -22.73
CA SER F 25 0.10 4.81 -22.44
C SER F 25 0.26 4.36 -20.96
N SER F 26 0.80 3.15 -20.78
CA SER F 26 0.95 2.52 -19.48
C SER F 26 1.90 3.25 -18.57
N GLN F 27 2.72 4.12 -19.11
CA GLN F 27 3.53 5.04 -18.28
C GLN F 27 3.85 6.30 -19.06
N SER F 28 4.26 7.36 -18.34
CA SER F 28 4.54 8.62 -19.00
C SER F 28 5.46 8.50 -20.21
N LEU F 29 5.16 9.29 -21.25
CA LEU F 29 6.00 9.36 -22.43
C LEU F 29 6.94 10.58 -22.43
N LEU F 30 7.06 11.26 -21.30
CA LEU F 30 7.88 12.47 -21.26
C LEU F 30 9.30 12.16 -20.75
N HIS F 31 10.30 12.60 -21.51
CA HIS F 31 11.73 12.31 -21.25
C HIS F 31 12.32 13.52 -20.51
N THR F 32 13.36 13.32 -19.71
CA THR F 32 13.99 14.46 -19.06
C THR F 32 14.49 15.56 -20.03
N ASN F 33 14.73 15.23 -21.27
CA ASN F 33 15.14 16.24 -22.23
C ASN F 33 13.98 17.14 -22.67
N GLY F 34 12.76 16.86 -22.18
CA GLY F 34 11.60 17.71 -22.36
C GLY F 34 10.74 17.42 -23.59
N PHE F 35 11.10 16.39 -24.37
CA PHE F 35 10.27 15.92 -25.49
C PHE F 35 9.30 14.84 -25.06
N GLN F 36 8.14 14.80 -25.71
CA GLN F 36 7.11 13.81 -25.49
C GLN F 36 7.27 12.82 -26.63
N TYR F 37 7.63 11.59 -26.32
CA TYR F 37 7.90 10.63 -27.38
C TYR F 37 6.69 9.88 -27.88
N LEU F 38 5.82 10.59 -28.57
CA LEU F 38 4.67 9.96 -29.15
C LEU F 38 4.47 10.49 -30.57
N ASP F 39 4.30 9.59 -31.52
CA ASP F 39 4.13 9.90 -32.92
C ASP F 39 2.82 9.28 -33.39
N TRP F 40 2.27 9.82 -34.48
CA TRP F 40 1.15 9.16 -35.12
C TRP F 40 1.54 8.85 -36.57
N TYR F 41 1.16 7.66 -37.04
CA TYR F 41 1.37 7.22 -38.42
C TYR F 41 0.04 6.90 -39.06
N LEU F 42 -0.06 7.11 -40.37
CA LEU F 42 -1.19 6.70 -41.17
C LEU F 42 -0.68 5.68 -42.20
N GLN F 43 -1.32 4.52 -42.23
CA GLN F 43 -1.14 3.57 -43.33
C GLN F 43 -2.41 3.63 -44.17
N LYS F 44 -2.28 4.16 -45.40
CA LYS F 44 -3.33 4.16 -46.41
C LYS F 44 -3.42 2.79 -47.10
N PRO F 45 -4.65 2.37 -47.52
CA PRO F 45 -4.79 1.00 -48.13
C PRO F 45 -3.68 0.78 -49.19
N GLY F 46 -3.00 -0.39 -49.17
CA GLY F 46 -2.00 -0.74 -50.18
C GLY F 46 -0.69 0.04 -50.12
N GLN F 47 -0.56 1.01 -49.19
CA GLN F 47 0.57 1.89 -49.21
C GLN F 47 1.47 1.56 -48.01
N SER F 48 2.70 2.09 -48.00
CA SER F 48 3.55 2.11 -46.81
C SER F 48 3.00 3.08 -45.77
N PRO F 49 3.33 2.86 -44.48
CA PRO F 49 2.95 3.83 -43.47
C PRO F 49 3.66 5.17 -43.70
N GLN F 50 3.05 6.26 -43.22
CA GLN F 50 3.68 7.59 -43.35
C GLN F 50 3.49 8.29 -42.05
N LEU F 51 4.47 9.10 -41.69
CA LEU F 51 4.47 9.86 -40.47
C LEU F 51 3.54 11.08 -40.61
N LEU F 52 2.68 11.27 -39.62
CA LEU F 52 1.75 12.36 -39.59
C LEU F 52 2.23 13.44 -38.63
N ILE F 53 2.42 13.01 -37.38
CA ILE F 53 2.75 13.82 -36.23
C ILE F 53 3.87 13.21 -35.43
N TYR F 54 4.86 14.04 -35.10
CA TYR F 54 5.92 13.58 -34.23
C TYR F 54 5.92 14.40 -32.93
N LEU F 55 6.35 13.75 -31.86
CA LEU F 55 6.50 14.30 -30.56
C LEU F 55 5.25 15.00 -30.15
N GLY F 56 4.15 14.26 -30.17
CA GLY F 56 2.92 14.81 -29.59
C GLY F 56 2.17 15.63 -30.58
N SER F 57 2.84 16.62 -31.15
CA SER F 57 2.06 17.63 -31.81
C SER F 57 2.66 18.33 -33.01
N ASN F 58 3.81 17.86 -33.47
CA ASN F 58 4.45 18.46 -34.63
C ASN F 58 3.98 17.79 -35.92
N ARG F 59 3.55 18.57 -36.91
CA ARG F 59 3.19 17.96 -38.21
C ARG F 59 4.44 17.75 -39.11
N ALA F 60 4.55 16.57 -39.74
CA ALA F 60 5.54 16.29 -40.79
C ALA F 60 5.28 17.14 -42.05
N THR F 61 6.34 17.46 -42.80
CA THR F 61 6.18 18.36 -43.90
C THR F 61 5.17 17.74 -44.85
N GLY F 62 4.35 18.55 -45.50
CA GLY F 62 3.25 18.01 -46.28
C GLY F 62 1.91 17.75 -45.59
N VAL F 63 1.89 17.50 -44.27
CA VAL F 63 0.65 17.13 -43.57
C VAL F 63 -0.13 18.41 -43.30
N PRO F 64 -1.39 18.49 -43.76
CA PRO F 64 -2.20 19.71 -43.71
C PRO F 64 -2.63 20.05 -42.30
N HIS F 65 -3.00 21.31 -42.10
CA HIS F 65 -3.50 21.80 -40.79
C HIS F 65 -4.66 20.95 -40.20
N ARG F 66 -5.48 20.32 -41.07
CA ARG F 66 -6.60 19.50 -40.63
C ARG F 66 -6.17 18.44 -39.60
N PHE F 67 -4.87 18.19 -39.51
CA PHE F 67 -4.38 17.16 -38.63
C PHE F 67 -3.79 17.89 -37.48
N SER F 68 -4.33 17.61 -36.30
CA SER F 68 -3.85 18.23 -35.11
C SER F 68 -3.49 17.21 -34.04
N GLY F 69 -2.28 17.24 -33.50
CA GLY F 69 -1.88 16.30 -32.44
C GLY F 69 -1.74 17.01 -31.12
N SER F 70 -2.19 16.40 -30.03
CA SER F 70 -2.09 17.06 -28.70
C SER F 70 -2.04 16.04 -27.62
N GLY F 71 -1.84 16.51 -26.38
CA GLY F 71 -1.71 15.62 -25.25
C GLY F 71 -0.33 15.65 -24.62
N SER F 72 -0.18 14.86 -23.56
CA SER F 72 1.06 14.75 -22.84
C SER F 72 0.94 13.66 -21.77
N GLY F 73 2.09 13.25 -21.25
CA GLY F 73 2.14 12.29 -20.16
C GLY F 73 1.69 10.96 -20.67
N THR F 74 0.51 10.52 -20.27
CA THR F 74 -0.03 9.25 -20.67
C THR F 74 -1.25 9.40 -21.59
N GLU F 75 -1.59 10.63 -21.99
CA GLU F 75 -2.78 10.79 -22.84
C GLU F 75 -2.62 11.70 -24.06
N PHE F 76 -2.94 11.18 -25.24
CA PHE F 76 -2.71 11.92 -26.51
C PHE F 76 -3.88 11.73 -27.41
N THR F 77 -4.13 12.72 -28.26
CA THR F 77 -5.28 12.74 -29.12
C THR F 77 -4.81 13.20 -30.46
N LEU F 78 -5.46 12.69 -31.50
CA LEU F 78 -5.25 13.14 -32.87
C LEU F 78 -6.60 13.55 -33.34
N LYS F 79 -6.78 14.82 -33.65
CA LYS F 79 -8.00 15.28 -34.27
C LYS F 79 -7.79 15.48 -35.80
N ILE F 80 -8.75 15.02 -36.59
CA ILE F 80 -8.70 15.25 -38.01
C ILE F 80 -9.96 15.92 -38.45
N SER F 81 -9.82 17.11 -39.03
CA SER F 81 -10.99 17.89 -39.41
C SER F 81 -11.32 17.75 -40.91
N ARG F 82 -12.54 18.12 -41.27
CA ARG F 82 -13.00 18.03 -42.63
C ARG F 82 -12.54 16.72 -43.24
N VAL F 83 -12.88 15.61 -42.57
CA VAL F 83 -12.48 14.31 -43.08
C VAL F 83 -13.03 14.08 -44.47
N GLU F 84 -12.16 13.60 -45.35
CA GLU F 84 -12.49 13.29 -46.75
C GLU F 84 -11.91 11.91 -47.02
N ALA F 85 -12.25 11.33 -48.17
CA ALA F 85 -11.86 9.94 -48.51
C ALA F 85 -10.32 9.71 -48.52
N GLU F 86 -9.57 10.70 -48.95
CA GLU F 86 -8.12 10.69 -48.89
C GLU F 86 -7.53 10.35 -47.53
N ASP F 87 -8.31 10.55 -46.47
CA ASP F 87 -7.84 10.32 -45.09
C ASP F 87 -8.14 8.89 -44.62
N VAL F 88 -8.79 8.10 -45.47
CA VAL F 88 -9.19 6.77 -45.05
C VAL F 88 -7.97 5.90 -44.81
N GLY F 89 -7.99 5.12 -43.72
CA GLY F 89 -6.94 4.16 -43.50
C GLY F 89 -6.83 3.82 -42.05
N VAL F 90 -5.65 3.32 -41.66
CA VAL F 90 -5.37 2.88 -40.31
C VAL F 90 -4.37 3.85 -39.71
N TYR F 91 -4.76 4.42 -38.59
CA TYR F 91 -3.97 5.39 -37.88
C TYR F 91 -3.34 4.65 -36.72
N TYR F 92 -2.02 4.72 -36.61
CA TYR F 92 -1.31 4.11 -35.49
C TYR F 92 -0.65 5.15 -34.62
N CYS F 93 -0.76 5.01 -33.31
CA CYS F 93 0.14 5.77 -32.42
C CYS F 93 1.40 4.98 -32.14
N MET F 94 2.52 5.66 -32.04
CA MET F 94 3.73 4.99 -31.61
C MET F 94 4.40 5.73 -30.48
N GLN F 95 4.94 4.97 -29.54
CA GLN F 95 5.68 5.47 -28.37
C GLN F 95 7.16 5.14 -28.53
N ALA F 96 8.03 6.11 -28.25
CA ALA F 96 9.48 5.87 -28.34
C ALA F 96 10.25 6.33 -27.08
N LYS F 97 9.54 6.54 -25.99
CA LYS F 97 10.20 6.84 -24.74
C LYS F 97 11.12 5.65 -24.38
N GLU F 98 10.60 4.43 -24.43
CA GLU F 98 11.37 3.21 -24.27
C GLU F 98 11.26 2.35 -25.54
N SER F 99 11.94 1.21 -25.60
CA SER F 99 11.77 0.28 -26.73
C SER F 99 10.39 0.40 -27.36
N PRO F 100 10.33 0.93 -28.59
CA PRO F 100 9.06 1.46 -29.10
C PRO F 100 7.99 0.41 -29.33
N THR F 101 6.72 0.80 -29.24
CA THR F 101 5.57 -0.10 -29.38
C THR F 101 4.46 0.71 -29.99
N PHE F 102 3.61 0.07 -30.78
CA PHE F 102 2.55 0.75 -31.50
C PHE F 102 1.24 0.50 -30.81
N GLY F 103 0.28 1.40 -30.98
CA GLY F 103 -1.09 1.02 -30.66
C GLY F 103 -1.62 -0.01 -31.66
N GLN F 104 -2.81 -0.53 -31.43
CA GLN F 104 -3.40 -1.54 -32.31
C GLN F 104 -3.91 -0.99 -33.65
N GLY F 105 -4.04 0.32 -33.74
CA GLY F 105 -4.51 0.95 -34.97
C GLY F 105 -5.97 1.34 -34.84
N THR F 106 -6.40 2.37 -35.57
CA THR F 106 -7.81 2.75 -35.68
C THR F 106 -8.18 2.79 -37.15
N LYS F 107 -9.24 2.08 -37.55
CA LYS F 107 -9.65 2.19 -38.94
C LYS F 107 -10.51 3.43 -39.11
N VAL F 108 -10.10 4.37 -39.96
CA VAL F 108 -11.01 5.47 -40.26
C VAL F 108 -11.64 5.15 -41.60
N GLU F 109 -12.95 5.25 -41.67
CA GLU F 109 -13.66 5.09 -42.93
C GLU F 109 -14.72 6.20 -43.06
N ILE F 110 -15.41 6.19 -44.20
CA ILE F 110 -16.39 7.20 -44.50
C ILE F 110 -17.76 6.67 -44.13
N LYS F 111 -18.53 7.49 -43.39
CA LYS F 111 -19.92 7.20 -43.05
C LYS F 111 -20.85 7.61 -44.20
N ARG F 112 -21.74 6.69 -44.58
CA ARG F 112 -22.75 6.90 -45.63
C ARG F 112 -24.01 6.21 -45.19
N THR F 113 -25.11 6.51 -45.89
CA THR F 113 -26.38 5.91 -45.54
C THR F 113 -26.27 4.41 -45.76
N VAL F 114 -27.14 3.68 -45.04
CA VAL F 114 -27.13 2.23 -45.12
C VAL F 114 -27.50 1.79 -46.52
N ALA F 115 -26.83 0.73 -46.99
CA ALA F 115 -27.10 0.21 -48.33
C ALA F 115 -27.04 -1.28 -48.29
N ALA F 116 -28.12 -1.90 -48.75
CA ALA F 116 -28.17 -3.35 -48.82
C ALA F 116 -27.15 -3.92 -49.84
N PRO F 117 -26.60 -5.10 -49.55
CA PRO F 117 -25.84 -5.68 -50.66
C PRO F 117 -26.79 -6.18 -51.76
N SER F 118 -26.26 -6.29 -52.97
CA SER F 118 -26.88 -7.08 -54.02
C SER F 118 -26.20 -8.42 -53.88
N VAL F 119 -26.95 -9.49 -53.92
CA VAL F 119 -26.33 -10.79 -53.85
C VAL F 119 -26.38 -11.48 -55.22
N PHE F 120 -25.25 -12.07 -55.62
CA PHE F 120 -25.16 -12.92 -56.80
C PHE F 120 -24.54 -14.24 -56.40
N ILE F 121 -24.97 -15.31 -57.05
CA ILE F 121 -24.37 -16.61 -56.80
C ILE F 121 -23.72 -17.24 -58.08
N PHE F 122 -22.54 -17.84 -57.91
CA PHE F 122 -21.86 -18.48 -59.04
C PHE F 122 -21.73 -20.00 -58.80
N PRO F 123 -22.25 -20.82 -59.74
CA PRO F 123 -21.99 -22.27 -59.67
C PRO F 123 -20.53 -22.54 -59.97
N PRO F 124 -19.99 -23.71 -59.60
CA PRO F 124 -18.67 -24.09 -60.07
C PRO F 124 -18.70 -24.18 -61.59
N SER F 125 -17.59 -23.77 -62.23
CA SER F 125 -17.49 -23.81 -63.68
C SER F 125 -17.27 -25.23 -64.22
N ASP F 126 -17.66 -25.41 -65.48
CA ASP F 126 -17.45 -26.66 -66.18
C ASP F 126 -15.95 -26.98 -66.19
N GLU F 127 -15.12 -25.96 -66.44
CA GLU F 127 -13.66 -26.13 -66.49
C GLU F 127 -13.09 -26.72 -65.18
N GLN F 128 -13.54 -26.17 -64.04
CA GLN F 128 -13.07 -26.56 -62.72
C GLN F 128 -13.54 -27.97 -62.34
N LEU F 129 -14.82 -28.23 -62.54
CA LEU F 129 -15.40 -29.52 -62.24
C LEU F 129 -14.53 -30.64 -62.78
N LYS F 130 -13.96 -30.42 -63.97
CA LYS F 130 -13.08 -31.37 -64.65
C LYS F 130 -11.88 -31.87 -63.79
N SER F 131 -11.43 -31.05 -62.83
CA SER F 131 -10.23 -31.39 -62.04
C SER F 131 -10.49 -32.16 -60.72
N GLY F 132 -11.76 -32.29 -60.36
CA GLY F 132 -12.12 -33.09 -59.22
C GLY F 132 -12.46 -32.28 -58.00
N THR F 133 -12.60 -30.97 -58.16
CA THR F 133 -13.09 -30.14 -57.07
C THR F 133 -14.15 -29.15 -57.57
N ALA F 134 -14.88 -28.54 -56.63
CA ALA F 134 -15.93 -27.52 -56.93
C ALA F 134 -15.89 -26.37 -55.93
N SER F 135 -16.11 -25.16 -56.45
CA SER F 135 -16.17 -23.98 -55.61
C SER F 135 -17.40 -23.15 -55.95
N VAL F 136 -18.19 -22.88 -54.94
CA VAL F 136 -19.38 -22.04 -55.07
C VAL F 136 -19.04 -20.67 -54.51
N VAL F 137 -19.40 -19.65 -55.26
CA VAL F 137 -18.99 -18.32 -54.96
C VAL F 137 -20.18 -17.39 -54.81
N CYS F 138 -20.25 -16.71 -53.67
CA CYS F 138 -21.27 -15.72 -53.44
C CYS F 138 -20.65 -14.33 -53.27
N LEU F 139 -21.09 -13.43 -54.13
CA LEU F 139 -20.68 -12.06 -54.07
C LEU F 139 -21.78 -11.18 -53.41
N LEU F 140 -21.35 -10.32 -52.51
CA LEU F 140 -22.23 -9.37 -51.85
C LEU F 140 -21.76 -8.02 -52.27
N ASN F 141 -22.47 -7.38 -53.18
CA ASN F 141 -21.89 -6.22 -53.84
C ASN F 141 -22.45 -4.88 -53.38
N ASN F 142 -21.54 -3.93 -53.24
CA ASN F 142 -21.85 -2.51 -52.91
C ASN F 142 -22.77 -2.28 -51.70
N PHE F 143 -22.21 -2.41 -50.50
CA PHE F 143 -22.99 -2.26 -49.28
C PHE F 143 -22.29 -1.40 -48.18
N TYR F 144 -23.09 -0.87 -47.25
CA TYR F 144 -22.60 -0.24 -46.05
C TYR F 144 -23.58 -0.41 -44.86
N PRO F 145 -23.10 -0.77 -43.66
CA PRO F 145 -21.69 -0.75 -43.23
C PRO F 145 -21.02 -2.10 -43.41
N ARG F 146 -19.76 -2.17 -43.03
CA ARG F 146 -18.92 -3.34 -43.28
C ARG F 146 -19.51 -4.67 -42.76
N GLU F 147 -20.22 -4.64 -41.63
CA GLU F 147 -20.68 -5.88 -41.00
C GLU F 147 -21.68 -6.62 -41.86
N ALA F 148 -21.45 -7.91 -42.00
CA ALA F 148 -22.29 -8.75 -42.81
C ALA F 148 -22.00 -10.19 -42.42
N LYS F 149 -22.99 -11.07 -42.60
CA LYS F 149 -22.75 -12.51 -42.47
C LYS F 149 -23.30 -13.32 -43.64
N VAL F 150 -22.46 -14.20 -44.14
CA VAL F 150 -22.86 -15.14 -45.18
C VAL F 150 -23.08 -16.48 -44.51
N GLN F 151 -24.17 -17.12 -44.89
CA GLN F 151 -24.39 -18.53 -44.58
C GLN F 151 -24.69 -19.40 -45.84
N TRP F 152 -24.15 -20.62 -45.84
CA TRP F 152 -24.23 -21.57 -46.96
C TRP F 152 -25.14 -22.67 -46.55
N ASN F 156 -30.42 -29.08 -47.69
CA ASN F 156 -30.64 -27.75 -47.08
C ASN F 156 -29.77 -27.54 -45.81
N ALA F 157 -28.60 -28.17 -45.78
CA ALA F 157 -27.83 -28.20 -44.56
C ALA F 157 -27.01 -26.92 -44.40
N LEU F 158 -27.09 -26.36 -43.20
CA LEU F 158 -26.26 -25.21 -42.86
C LEU F 158 -24.81 -25.67 -43.09
N GLN F 159 -24.03 -24.91 -43.83
CA GLN F 159 -22.66 -25.35 -44.12
C GLN F 159 -21.67 -24.77 -43.13
N SER F 160 -20.74 -25.62 -42.69
CA SER F 160 -19.72 -25.20 -41.73
C SER F 160 -18.24 -25.57 -42.01
N GLY F 161 -17.36 -24.59 -41.78
CA GLY F 161 -15.90 -24.75 -41.85
C GLY F 161 -15.31 -25.27 -43.15
N ASN F 162 -15.98 -24.95 -44.25
CA ASN F 162 -15.56 -25.29 -45.60
C ASN F 162 -15.62 -24.04 -46.48
N SER F 163 -15.46 -22.88 -45.85
CA SER F 163 -15.53 -21.62 -46.57
C SER F 163 -14.66 -20.50 -45.97
N GLN F 164 -14.35 -19.54 -46.81
CA GLN F 164 -13.48 -18.46 -46.45
C GLN F 164 -14.07 -17.24 -47.11
N GLU F 165 -13.88 -16.08 -46.50
CA GLU F 165 -14.28 -14.84 -47.18
C GLU F 165 -13.20 -13.73 -47.11
N SER F 166 -13.34 -12.73 -47.95
CA SER F 166 -12.52 -11.56 -47.83
C SER F 166 -13.39 -10.40 -48.29
N VAL F 167 -13.01 -9.19 -47.86
CA VAL F 167 -13.76 -7.97 -48.10
C VAL F 167 -12.85 -6.92 -48.74
N THR F 168 -13.35 -6.19 -49.72
CA THR F 168 -12.57 -5.13 -50.35
C THR F 168 -12.35 -4.01 -49.34
N GLU F 169 -11.41 -3.12 -49.64
CA GLU F 169 -11.33 -1.86 -48.96
C GLU F 169 -12.53 -1.04 -49.40
N GLN F 170 -12.82 0.01 -48.64
CA GLN F 170 -13.97 0.87 -48.91
C GLN F 170 -13.76 1.54 -50.25
N ASP F 171 -14.76 1.52 -51.11
CA ASP F 171 -14.67 2.20 -52.38
C ASP F 171 -14.68 3.71 -52.19
N SER F 172 -13.65 4.40 -52.64
CA SER F 172 -13.59 5.82 -52.30
C SER F 172 -14.59 6.69 -53.06
N LYS F 173 -15.03 6.20 -54.22
CA LYS F 173 -16.04 6.91 -55.01
C LYS F 173 -17.41 6.89 -54.31
N ASP F 174 -17.91 5.70 -53.96
CA ASP F 174 -19.28 5.55 -53.39
C ASP F 174 -19.35 5.09 -51.92
N SER F 175 -18.19 4.91 -51.30
CA SER F 175 -17.99 4.56 -49.85
C SER F 175 -18.49 3.17 -49.40
N THR F 176 -18.67 2.26 -50.37
CA THR F 176 -19.20 0.94 -50.05
C THR F 176 -18.15 -0.16 -50.02
N TYR F 177 -18.61 -1.30 -49.55
CA TYR F 177 -17.80 -2.48 -49.43
C TYR F 177 -18.35 -3.55 -50.37
N SER F 178 -17.49 -4.51 -50.70
CA SER F 178 -17.98 -5.77 -51.23
C SER F 178 -17.33 -6.94 -50.51
N LEU F 179 -17.97 -8.09 -50.57
CA LEU F 179 -17.49 -9.32 -49.98
C LEU F 179 -17.57 -10.49 -50.99
N SER F 180 -16.66 -11.45 -50.83
CA SER F 180 -16.73 -12.67 -51.62
C SER F 180 -16.52 -13.87 -50.72
N SER F 181 -17.43 -14.84 -50.76
CA SER F 181 -17.32 -16.10 -49.97
C SER F 181 -17.25 -17.37 -50.83
N THR F 182 -16.34 -18.26 -50.49
CA THR F 182 -16.07 -19.44 -51.28
C THR F 182 -16.28 -20.74 -50.53
N LEU F 183 -17.24 -21.51 -51.04
CA LEU F 183 -17.65 -22.78 -50.46
C LEU F 183 -16.94 -23.85 -51.24
N THR F 184 -15.92 -24.48 -50.63
CA THR F 184 -15.11 -25.49 -51.36
C THR F 184 -15.47 -26.90 -50.96
N LEU F 185 -15.63 -27.77 -51.95
CA LEU F 185 -16.04 -29.15 -51.68
C LEU F 185 -15.35 -30.11 -52.62
N SER F 186 -15.50 -31.39 -52.32
CA SER F 186 -15.06 -32.42 -53.25
C SER F 186 -16.20 -32.55 -54.26
N LYS F 187 -15.83 -32.54 -55.55
CA LYS F 187 -16.77 -32.78 -56.67
C LYS F 187 -17.73 -33.96 -56.38
N ALA F 188 -17.29 -34.93 -55.57
CA ALA F 188 -18.17 -36.02 -55.11
C ALA F 188 -19.41 -35.49 -54.35
N ASP F 189 -19.17 -34.57 -53.42
CA ASP F 189 -20.23 -34.00 -52.60
C ASP F 189 -21.09 -33.01 -53.38
N TYR F 190 -20.47 -32.18 -54.21
CA TYR F 190 -21.23 -31.32 -55.11
C TYR F 190 -22.26 -32.10 -55.94
N GLU F 191 -21.88 -33.29 -56.39
CA GLU F 191 -22.68 -34.13 -57.26
C GLU F 191 -23.93 -34.69 -56.61
N LYS F 192 -23.90 -34.86 -55.30
CA LYS F 192 -24.99 -35.55 -54.59
C LYS F 192 -26.09 -34.61 -54.07
N HIS F 193 -25.75 -33.37 -53.73
CA HIS F 193 -26.78 -32.46 -53.23
C HIS F 193 -27.33 -31.52 -54.35
N LYS F 194 -28.49 -30.90 -54.13
CA LYS F 194 -29.22 -30.30 -55.26
C LYS F 194 -29.19 -28.77 -55.24
N VAL F 195 -29.84 -28.21 -54.23
CA VAL F 195 -29.94 -26.77 -54.09
C VAL F 195 -28.72 -26.25 -53.33
N TYR F 196 -28.10 -25.22 -53.89
CA TYR F 196 -27.03 -24.49 -53.21
C TYR F 196 -27.50 -23.06 -52.97
N ALA F 197 -27.39 -22.63 -51.72
CA ALA F 197 -27.95 -21.34 -51.38
C ALA F 197 -27.01 -20.42 -50.55
N CYS F 198 -26.90 -19.18 -51.00
CA CYS F 198 -26.12 -18.18 -50.31
C CYS F 198 -27.12 -17.34 -49.48
N GLU F 199 -27.03 -17.45 -48.14
CA GLU F 199 -27.92 -16.69 -47.21
C GLU F 199 -27.24 -15.55 -46.42
N VAL F 200 -27.64 -14.34 -46.78
CA VAL F 200 -26.95 -13.12 -46.44
C VAL F 200 -27.77 -12.23 -45.50
N THR F 201 -27.12 -11.79 -44.42
CA THR F 201 -27.77 -10.90 -43.45
C THR F 201 -27.02 -9.54 -43.17
N HIS F 202 -27.69 -8.44 -43.49
CA HIS F 202 -27.16 -7.07 -43.36
C HIS F 202 -28.22 -6.17 -42.71
N GLN F 203 -27.77 -5.07 -42.13
CA GLN F 203 -28.62 -4.02 -41.58
C GLN F 203 -29.52 -3.35 -42.65
N GLY F 204 -29.07 -3.33 -43.90
CA GLY F 204 -29.85 -2.74 -44.99
C GLY F 204 -31.03 -3.59 -45.42
N LEU F 205 -31.07 -4.84 -44.93
CA LEU F 205 -32.11 -5.83 -45.23
C LEU F 205 -32.87 -6.16 -43.96
N SER F 206 -34.19 -5.98 -43.99
CA SER F 206 -35.01 -6.23 -42.81
C SER F 206 -35.10 -7.72 -42.40
N SER F 207 -34.88 -8.61 -43.37
CA SER F 207 -34.76 -10.06 -43.10
C SER F 207 -33.79 -10.70 -44.13
N PRO F 208 -33.10 -11.81 -43.73
CA PRO F 208 -31.96 -12.34 -44.50
C PRO F 208 -32.36 -12.86 -45.88
N VAL F 209 -31.48 -12.67 -46.86
CA VAL F 209 -31.78 -13.06 -48.23
C VAL F 209 -31.02 -14.29 -48.71
N THR F 210 -31.79 -15.27 -49.18
CA THR F 210 -31.25 -16.47 -49.78
C THR F 210 -31.15 -16.24 -51.29
N LYS F 211 -29.94 -16.42 -51.83
CA LYS F 211 -29.78 -16.51 -53.29
C LYS F 211 -29.31 -17.94 -53.68
N SER F 212 -30.07 -18.63 -54.53
CA SER F 212 -29.80 -20.05 -54.80
C SER F 212 -29.87 -20.51 -56.25
N PHE F 213 -29.31 -21.69 -56.51
CA PHE F 213 -29.44 -22.38 -57.79
C PHE F 213 -29.68 -23.91 -57.62
N ASN F 214 -30.21 -24.55 -58.66
CA ASN F 214 -30.30 -26.01 -58.68
C ASN F 214 -29.24 -26.69 -59.56
N ARG F 215 -28.31 -27.43 -58.93
CA ARG F 215 -27.52 -28.49 -59.60
C ARG F 215 -26.48 -29.10 -58.66
N GLN G 1 -5.59 52.83 -7.80
CA GLN G 1 -4.72 51.62 -7.63
C GLN G 1 -5.50 50.58 -6.78
N VAL G 2 -5.50 49.29 -7.16
CA VAL G 2 -6.07 48.25 -6.29
C VAL G 2 -5.43 48.25 -4.91
N GLN G 3 -6.27 48.22 -3.88
CA GLN G 3 -5.82 48.22 -2.49
C GLN G 3 -6.68 47.37 -1.60
N LEU G 4 -6.02 46.64 -0.72
CA LEU G 4 -6.67 45.87 0.33
C LEU G 4 -6.11 46.36 1.66
N VAL G 5 -6.93 47.00 2.48
CA VAL G 5 -6.46 47.52 3.76
C VAL G 5 -7.15 46.72 4.85
N GLN G 6 -6.36 46.11 5.72
CA GLN G 6 -6.90 45.27 6.73
C GLN G 6 -6.99 46.02 8.03
N SER G 7 -7.76 45.47 8.97
CA SER G 7 -7.98 46.09 10.29
C SER G 7 -6.72 45.95 11.15
N GLY G 8 -6.66 46.67 12.26
CA GLY G 8 -5.42 46.70 13.04
C GLY G 8 -5.32 45.52 13.98
N ALA G 9 -4.26 45.52 14.79
CA ALA G 9 -3.86 44.40 15.64
C ALA G 9 -4.86 43.95 16.73
N GLU G 10 -4.92 42.63 16.96
CA GLU G 10 -5.88 42.02 17.88
C GLU G 10 -5.18 41.17 18.92
N VAL G 11 -5.69 41.20 20.14
CA VAL G 11 -5.14 40.42 21.27
C VAL G 11 -6.29 39.63 21.86
N ARG G 12 -6.08 38.35 22.19
CA ARG G 12 -7.20 37.50 22.69
C ARG G 12 -6.87 36.37 23.68
N LYS G 13 -7.77 36.15 24.63
CA LYS G 13 -7.70 34.98 25.48
C LYS G 13 -8.03 33.69 24.70
N PRO G 14 -7.36 32.58 25.05
CA PRO G 14 -7.76 31.28 24.52
C PRO G 14 -9.24 30.99 24.76
N GLY G 15 -9.92 30.59 23.70
CA GLY G 15 -11.34 30.27 23.79
C GLY G 15 -12.14 31.40 23.18
N ALA G 16 -11.52 32.58 23.10
CA ALA G 16 -12.22 33.72 22.57
C ALA G 16 -12.37 33.58 21.04
N SER G 17 -12.81 34.63 20.38
CA SER G 17 -12.84 34.65 18.92
C SER G 17 -12.31 36.00 18.45
N VAL G 18 -12.06 36.14 17.15
CA VAL G 18 -11.57 37.40 16.60
C VAL G 18 -12.08 37.55 15.19
N THR G 19 -12.41 38.79 14.83
CA THR G 19 -12.85 39.16 13.49
C THR G 19 -11.86 40.16 12.81
N VAL G 20 -11.21 39.73 11.73
CA VAL G 20 -10.35 40.62 10.97
C VAL G 20 -11.08 41.10 9.73
N SER G 21 -10.99 42.37 9.39
CA SER G 21 -11.63 42.84 8.16
C SER G 21 -10.64 43.30 7.08
N CYS G 22 -11.18 43.46 5.87
CA CYS G 22 -10.38 43.74 4.73
C CYS G 22 -11.21 44.62 3.82
N LYS G 23 -10.86 45.91 3.80
CA LYS G 23 -11.53 46.88 2.99
C LYS G 23 -10.86 46.90 1.62
N THR G 24 -11.53 46.42 0.60
CA THR G 24 -10.98 46.45 -0.76
C THR G 24 -11.37 47.77 -1.46
N SER G 25 -10.63 48.18 -2.48
CA SER G 25 -10.95 49.40 -3.25
C SER G 25 -10.20 49.36 -4.54
N GLY G 26 -10.74 49.93 -5.60
CA GLY G 26 -9.92 50.18 -6.79
C GLY G 26 -10.25 49.18 -7.87
N TYR G 27 -11.19 48.27 -7.61
CA TYR G 27 -11.67 47.32 -8.63
C TYR G 27 -13.12 46.96 -8.28
N THR G 28 -13.82 46.24 -9.16
CA THR G 28 -15.18 45.75 -8.92
C THR G 28 -15.19 44.60 -7.93
N PHE G 29 -15.48 44.92 -6.66
CA PHE G 29 -15.44 43.95 -5.54
C PHE G 29 -15.99 42.56 -5.87
N VAL G 30 -17.08 42.54 -6.58
CA VAL G 30 -17.90 41.38 -6.72
C VAL G 30 -17.32 40.48 -7.80
N ASN G 31 -16.30 40.98 -8.52
CA ASN G 31 -15.75 40.24 -9.62
C ASN G 31 -14.60 39.26 -9.28
N PHE G 32 -14.09 39.29 -8.05
CA PHE G 32 -12.81 38.65 -7.74
C PHE G 32 -12.88 37.90 -6.42
N TYR G 33 -12.41 36.66 -6.38
CA TYR G 33 -12.28 35.96 -5.09
C TYR G 33 -11.33 36.70 -4.22
N ILE G 34 -11.56 36.53 -2.91
CA ILE G 34 -10.67 36.94 -1.86
C ILE G 34 -10.24 35.72 -1.04
N VAL G 35 -8.94 35.72 -0.72
CA VAL G 35 -8.30 34.58 -0.08
C VAL G 35 -7.62 35.07 1.19
N TRP G 36 -7.62 34.21 2.20
CA TRP G 36 -6.93 34.51 3.46
C TRP G 36 -5.79 33.52 3.68
N VAL G 37 -4.67 34.06 4.12
CA VAL G 37 -3.48 33.23 4.33
C VAL G 37 -2.89 33.65 5.67
N ARG G 38 -2.18 32.77 6.36
CA ARG G 38 -1.56 33.19 7.64
C ARG G 38 -0.14 32.78 7.86
N GLN G 39 0.52 33.50 8.75
CA GLN G 39 1.90 33.26 9.07
C GLN G 39 2.16 33.33 10.58
N ALA G 40 2.18 32.16 11.23
CA ALA G 40 2.78 32.00 12.55
C ALA G 40 4.21 32.62 12.56
N PRO G 41 4.55 33.40 13.63
CA PRO G 41 5.82 34.18 13.62
C PRO G 41 7.06 33.26 13.44
N GLY G 42 7.85 33.54 12.41
CA GLY G 42 8.96 32.66 12.01
C GLY G 42 8.58 31.30 11.43
N GLN G 43 7.35 31.19 10.93
CA GLN G 43 6.93 29.98 10.20
C GLN G 43 6.71 30.29 8.73
N GLY G 44 6.31 29.27 7.99
CA GLY G 44 6.01 29.45 6.59
C GLY G 44 4.60 30.00 6.49
N LEU G 45 4.17 30.37 5.28
CA LEU G 45 2.81 30.75 5.03
C LEU G 45 1.93 29.50 5.09
N GLU G 46 0.64 29.72 5.32
CA GLU G 46 -0.35 28.64 5.42
C GLU G 46 -1.66 29.14 4.77
N TRP G 47 -2.25 28.32 3.93
CA TRP G 47 -3.50 28.70 3.25
C TRP G 47 -4.69 28.44 4.17
N MET G 48 -5.66 29.35 4.17
CA MET G 48 -6.79 29.28 5.07
C MET G 48 -8.10 29.00 4.36
N GLY G 49 -8.51 29.91 3.49
CA GLY G 49 -9.75 29.77 2.77
C GLY G 49 -9.95 30.92 1.81
N VAL G 50 -11.09 30.85 1.12
CA VAL G 50 -11.43 31.76 0.06
C VAL G 50 -12.93 31.97 0.09
N ILE G 51 -13.36 33.13 -0.40
CA ILE G 51 -14.75 33.45 -0.47
C ILE G 51 -14.97 34.10 -1.81
N ASN G 52 -16.16 33.83 -2.33
CA ASN G 52 -16.72 34.47 -3.50
C ASN G 52 -17.62 35.67 -3.10
N PRO G 53 -17.17 36.90 -3.35
CA PRO G 53 -17.98 38.01 -2.79
C PRO G 53 -19.32 38.20 -3.46
N PHE G 54 -19.57 37.52 -4.58
CA PHE G 54 -20.85 37.61 -5.27
C PHE G 54 -21.91 36.65 -4.70
N ARG G 55 -21.63 35.36 -4.67
CA ARG G 55 -22.56 34.41 -4.03
C ARG G 55 -22.44 34.43 -2.51
N GLY G 56 -21.21 34.54 -1.98
CA GLY G 56 -20.98 34.59 -0.55
C GLY G 56 -20.45 33.25 -0.05
N ASP G 57 -20.32 32.30 -0.96
CA ASP G 57 -19.99 30.95 -0.61
C ASP G 57 -18.47 30.76 -0.38
N THR G 58 -18.12 29.88 0.56
CA THR G 58 -16.71 29.75 0.93
C THR G 58 -16.07 28.40 0.68
N TYR G 59 -14.76 28.34 0.81
CA TYR G 59 -14.01 27.08 0.81
C TYR G 59 -12.84 27.25 1.82
N PHE G 60 -12.67 26.30 2.75
CA PHE G 60 -11.57 26.35 3.74
C PHE G 60 -10.67 25.12 3.75
N ALA G 61 -9.39 25.31 4.10
CA ALA G 61 -8.53 24.14 4.26
C ALA G 61 -8.97 23.32 5.49
N GLN G 62 -8.84 22.00 5.42
CA GLN G 62 -9.32 21.11 6.48
C GLN G 62 -9.14 21.66 7.91
N LYS G 63 -7.92 22.14 8.19
CA LYS G 63 -7.49 22.61 9.53
C LYS G 63 -8.40 23.68 10.12
N PHE G 64 -8.97 24.50 9.23
CA PHE G 64 -9.75 25.69 9.57
C PHE G 64 -11.27 25.58 9.34
N LYS G 65 -11.75 24.37 9.08
CA LYS G 65 -13.19 24.22 8.88
C LYS G 65 -13.92 24.13 10.24
N GLY G 66 -15.01 24.88 10.37
CA GLY G 66 -15.73 24.92 11.62
C GLY G 66 -15.06 25.82 12.65
N ARG G 67 -14.02 26.53 12.25
CA ARG G 67 -13.32 27.48 13.13
C ARG G 67 -13.32 28.87 12.49
N VAL G 68 -13.65 28.94 11.20
CA VAL G 68 -13.52 30.15 10.45
C VAL G 68 -14.80 30.45 9.73
N THR G 69 -15.09 31.75 9.64
CA THR G 69 -16.23 32.24 8.91
C THR G 69 -15.72 33.33 8.02
N LEU G 70 -16.13 33.31 6.76
CA LEU G 70 -15.91 34.48 5.87
C LEU G 70 -17.25 35.10 5.54
N THR G 71 -17.27 36.42 5.50
CA THR G 71 -18.47 37.21 5.38
C THR G 71 -18.13 38.38 4.49
N ARG G 72 -19.11 38.94 3.78
CA ARG G 72 -18.83 40.12 2.99
C ARG G 72 -19.98 41.10 2.91
N ASP G 73 -19.62 42.37 2.71
CA ASP G 73 -20.59 43.45 2.62
C ASP G 73 -20.38 44.09 1.23
N THR G 74 -21.30 43.79 0.32
CA THR G 74 -21.19 44.25 -1.07
C THR G 74 -21.31 45.80 -1.20
N SER G 75 -21.98 46.44 -0.23
CA SER G 75 -22.08 47.87 -0.26
C SER G 75 -20.80 48.61 0.13
N THR G 76 -19.95 48.02 0.98
CA THR G 76 -18.75 48.67 1.45
C THR G 76 -17.52 47.89 0.97
N SER G 77 -17.69 46.92 0.06
CA SER G 77 -16.56 46.12 -0.46
C SER G 77 -15.57 45.66 0.60
N THR G 78 -16.09 45.00 1.64
CA THR G 78 -15.24 44.58 2.71
C THR G 78 -15.55 43.14 2.95
N VAL G 79 -14.52 42.36 3.21
CA VAL G 79 -14.63 40.97 3.61
C VAL G 79 -14.29 40.87 5.11
N PHE G 80 -14.96 39.94 5.81
CA PHE G 80 -14.75 39.71 7.23
C PHE G 80 -14.31 38.27 7.50
N MET G 81 -13.24 38.08 8.26
CA MET G 81 -12.80 36.73 8.66
C MET G 81 -12.88 36.58 10.18
N GLU G 82 -13.63 35.58 10.61
CA GLU G 82 -13.83 35.33 11.99
C GLU G 82 -13.26 33.96 12.32
N LEU G 83 -12.35 33.93 13.28
CA LEU G 83 -11.76 32.69 13.72
C LEU G 83 -12.18 32.49 15.16
N SER G 84 -12.90 31.41 15.48
CA SER G 84 -13.27 31.17 16.87
C SER G 84 -12.53 30.02 17.58
N SER G 85 -12.87 29.86 18.87
CA SER G 85 -12.24 28.87 19.76
C SER G 85 -10.70 28.96 19.69
N LEU G 86 -10.21 30.21 19.67
CA LEU G 86 -8.79 30.49 19.51
C LEU G 86 -7.92 29.65 20.41
N ARG G 87 -6.74 29.31 19.91
CA ARG G 87 -5.68 28.66 20.67
C ARG G 87 -4.39 29.46 20.47
N SER G 88 -3.42 29.30 21.37
CA SER G 88 -2.15 30.03 21.30
C SER G 88 -1.36 29.82 20.00
N ASP G 89 -1.50 28.64 19.39
CA ASP G 89 -0.94 28.41 18.07
C ASP G 89 -1.70 29.14 16.92
N ASP G 90 -2.66 30.02 17.23
CA ASP G 90 -3.27 30.90 16.21
C ASP G 90 -2.64 32.29 16.26
N THR G 91 -1.59 32.43 17.05
CA THR G 91 -0.78 33.63 17.01
C THR G 91 -0.20 33.73 15.62
N ALA G 92 -0.50 34.80 14.91
CA ALA G 92 -0.01 34.91 13.53
C ALA G 92 -0.45 36.18 12.91
N ILE G 93 0.13 36.47 11.75
CA ILE G 93 -0.28 37.57 10.92
C ILE G 93 -1.22 37.00 9.88
N TYR G 94 -2.38 37.64 9.75
CA TYR G 94 -3.37 37.19 8.81
C TYR G 94 -3.41 38.15 7.66
N TYR G 95 -3.41 37.60 6.45
CA TYR G 95 -3.45 38.37 5.25
C TYR G 95 -4.72 38.08 4.43
N CYS G 96 -5.36 39.11 3.87
CA CYS G 96 -6.30 38.86 2.74
C CYS G 96 -5.57 39.15 1.44
N ALA G 97 -6.05 38.56 0.38
CA ALA G 97 -5.36 38.73 -0.87
C ALA G 97 -6.38 38.57 -1.95
N ARG G 98 -6.18 39.25 -3.09
CA ARG G 98 -7.13 39.18 -4.21
C ARG G 98 -6.59 38.35 -5.36
N ASP G 99 -7.47 37.49 -5.90
CA ASP G 99 -7.21 36.72 -7.10
C ASP G 99 -6.78 37.66 -8.22
N LEU G 100 -5.96 37.14 -9.12
CA LEU G 100 -5.42 37.88 -10.24
C LEU G 100 -6.49 38.18 -11.29
N GLU G 101 -7.11 37.15 -11.84
CA GLU G 101 -8.08 37.33 -12.89
C GLU G 101 -9.48 37.31 -12.27
N MET G 102 -10.51 37.62 -13.05
CA MET G 102 -11.89 37.62 -12.53
C MET G 102 -12.38 36.23 -12.25
N ARG G 103 -13.39 36.09 -11.40
CA ARG G 103 -13.99 34.82 -11.05
C ARG G 103 -14.18 33.92 -12.27
N ASP G 104 -13.54 32.76 -12.23
CA ASP G 104 -13.43 31.83 -13.35
C ASP G 104 -14.01 30.46 -12.97
N GLY G 105 -14.60 30.35 -11.79
CA GLY G 105 -15.15 29.08 -11.31
C GLY G 105 -14.17 28.21 -10.48
N ASN G 106 -12.86 28.47 -10.56
CA ASN G 106 -11.89 27.84 -9.63
C ASN G 106 -11.48 28.70 -8.40
N ASN G 107 -12.33 28.69 -7.38
CA ASN G 107 -12.07 29.52 -6.19
C ASN G 107 -10.68 29.27 -5.56
N HIS G 108 -10.33 28.00 -5.38
CA HIS G 108 -9.11 27.71 -4.67
C HIS G 108 -7.86 27.83 -5.55
N GLY G 109 -8.01 27.69 -6.89
CA GLY G 109 -6.97 28.01 -7.89
C GLY G 109 -6.26 29.37 -7.78
N SER G 110 -6.90 30.31 -7.11
CA SER G 110 -6.49 31.68 -7.08
C SER G 110 -4.99 31.98 -6.95
N HIS G 111 -4.54 32.94 -7.76
CA HIS G 111 -3.19 33.50 -7.68
C HIS G 111 -3.26 34.86 -7.02
N LEU G 112 -2.57 34.98 -5.88
CA LEU G 112 -2.79 36.08 -4.99
C LEU G 112 -1.89 37.23 -5.46
N GLU G 113 -2.48 38.12 -6.25
CA GLU G 113 -1.84 39.23 -6.87
C GLU G 113 -1.76 40.47 -5.97
N PHE G 114 -2.83 40.80 -5.23
CA PHE G 114 -2.75 41.97 -4.38
C PHE G 114 -2.95 41.53 -2.97
N TRP G 115 -2.16 42.07 -2.04
CA TRP G 115 -2.21 41.62 -0.65
C TRP G 115 -2.50 42.79 0.26
N GLY G 116 -3.14 42.50 1.38
CA GLY G 116 -3.28 43.47 2.45
C GLY G 116 -1.96 43.54 3.23
N GLN G 117 -1.84 44.54 4.12
CA GLN G 117 -0.61 44.76 4.88
C GLN G 117 -0.47 43.71 5.95
N GLY G 118 -1.54 42.98 6.30
CA GLY G 118 -1.49 41.94 7.36
C GLY G 118 -2.03 42.41 8.73
N THR G 119 -2.57 41.48 9.51
CA THR G 119 -2.88 41.85 10.85
C THR G 119 -2.48 40.86 11.90
N LEU G 120 -1.74 41.35 12.88
CA LEU G 120 -1.20 40.54 13.93
C LEU G 120 -2.26 40.14 14.94
N VAL G 121 -2.49 38.85 15.12
CA VAL G 121 -3.32 38.38 16.23
C VAL G 121 -2.46 37.60 17.18
N THR G 122 -2.40 38.06 18.45
CA THR G 122 -1.75 37.31 19.53
C THR G 122 -2.85 36.64 20.36
N VAL G 123 -2.72 35.33 20.56
CA VAL G 123 -3.67 34.56 21.37
C VAL G 123 -2.92 33.94 22.54
N SER G 124 -3.21 34.48 23.73
CA SER G 124 -2.65 33.97 24.97
C SER G 124 -3.51 34.31 26.21
N SER G 125 -3.33 33.50 27.25
CA SER G 125 -3.94 33.78 28.56
C SER G 125 -3.00 34.63 29.40
N ALA G 126 -2.28 35.53 28.75
CA ALA G 126 -1.54 36.59 29.42
C ALA G 126 -2.48 37.80 29.51
N SER G 127 -1.94 38.93 29.97
CA SER G 127 -2.67 40.20 30.04
C SER G 127 -1.70 41.37 29.92
N THR G 128 -2.18 42.50 29.39
CA THR G 128 -1.31 43.67 29.15
C THR G 128 -0.36 43.92 30.32
N LYS G 129 0.93 44.01 30.03
CA LYS G 129 1.92 44.40 31.03
C LYS G 129 3.00 45.26 30.39
N GLY G 130 3.34 46.35 31.05
CA GLY G 130 4.42 47.24 30.61
C GLY G 130 5.78 46.61 30.87
N PRO G 131 6.77 46.89 29.99
CA PRO G 131 8.07 46.23 30.05
C PRO G 131 9.00 46.76 31.16
N SER G 132 9.93 45.92 31.61
CA SER G 132 11.00 46.33 32.53
C SER G 132 12.31 46.51 31.77
N VAL G 133 12.99 47.64 31.95
CA VAL G 133 14.11 48.02 31.08
C VAL G 133 15.44 48.15 31.80
N PHE G 134 16.37 47.26 31.49
CA PHE G 134 17.67 47.20 32.17
C PHE G 134 18.85 47.46 31.24
N PRO G 135 19.93 48.08 31.76
CA PRO G 135 21.07 48.44 30.91
C PRO G 135 22.12 47.31 30.66
N LEU G 136 22.93 47.49 29.61
CA LEU G 136 24.09 46.63 29.32
C LEU G 136 25.35 47.45 28.97
N ALA G 137 26.35 47.52 29.87
CA ALA G 137 27.64 48.17 29.54
C ALA G 137 28.83 47.26 29.77
N THR G 147 36.24 51.58 20.12
CA THR G 147 35.77 50.27 19.65
C THR G 147 35.24 49.41 20.83
N ALA G 148 33.93 49.50 21.08
CA ALA G 148 33.30 48.88 22.26
C ALA G 148 31.77 48.88 22.16
N ALA G 149 31.10 47.98 22.89
CA ALA G 149 29.66 47.73 22.70
C ALA G 149 28.82 47.83 23.97
N LEU G 150 27.61 48.39 23.86
CA LEU G 150 26.69 48.48 25.01
C LEU G 150 25.24 48.19 24.57
N GLY G 151 24.27 48.40 25.48
CA GLY G 151 22.89 48.00 25.17
C GLY G 151 21.82 48.04 26.25
N CYS G 152 20.68 47.44 25.93
CA CYS G 152 19.49 47.51 26.74
C CYS G 152 18.67 46.25 26.66
N LEU G 153 17.97 45.97 27.76
CA LEU G 153 17.17 44.76 27.86
C LEU G 153 15.73 45.07 28.23
N VAL G 154 14.82 44.77 27.32
CA VAL G 154 13.40 45.04 27.49
C VAL G 154 12.70 43.73 27.84
N LYS G 155 12.24 43.62 29.09
CA LYS G 155 11.65 42.39 29.63
C LYS G 155 10.46 42.69 30.57
N TYR G 157 6.60 41.75 29.56
CA TYR G 157 5.68 42.53 28.67
C TYR G 157 4.88 41.69 27.67
N PHE G 158 3.72 42.21 27.28
CA PHE G 158 2.75 41.53 26.39
C PHE G 158 1.58 42.47 26.25
N PRO G 159 1.08 42.65 25.03
CA PRO G 159 1.44 41.90 23.84
C PRO G 159 2.57 42.56 23.07
N GLU G 160 2.90 41.98 21.90
CA GLU G 160 3.73 42.62 20.89
C GLU G 160 3.05 43.91 20.37
N PRO G 161 3.88 44.92 19.95
CA PRO G 161 5.33 44.90 20.04
C PRO G 161 5.87 46.12 20.81
N VAL G 162 7.18 46.10 21.14
CA VAL G 162 7.86 47.29 21.70
C VAL G 162 8.67 47.97 20.60
N THR G 163 8.93 49.26 20.76
CA THR G 163 9.83 49.97 19.84
C THR G 163 10.97 50.53 20.67
N VAL G 164 12.17 50.52 20.10
CA VAL G 164 13.34 51.02 20.80
C VAL G 164 14.12 51.97 19.91
N SER G 165 14.79 52.95 20.50
CA SER G 165 15.75 53.80 19.79
C SER G 165 16.64 54.42 20.81
N TRP G 166 17.65 55.16 20.38
CA TRP G 166 18.70 55.59 21.31
C TRP G 166 19.04 57.06 21.17
N ASN G 167 18.94 57.81 22.28
CA ASN G 167 19.20 59.27 22.33
C ASN G 167 18.09 60.09 21.69
N GLY G 169 15.44 59.62 19.14
CA GLY G 169 16.42 58.61 18.71
C GLY G 169 17.53 59.11 17.79
N ALA G 170 18.41 59.94 18.37
CA ALA G 170 19.48 60.64 17.64
C ALA G 170 20.51 59.69 17.03
N THR G 172 20.22 55.34 14.31
CA THR G 172 21.57 55.81 14.50
C THR G 172 22.55 54.79 13.90
N SER G 173 23.78 55.26 13.70
CA SER G 173 24.91 54.49 13.17
C SER G 173 25.32 53.36 14.14
N GLY G 174 25.29 52.12 13.68
CA GLY G 174 25.86 50.99 14.45
C GLY G 174 24.96 50.35 15.50
N VAL G 175 23.65 50.45 15.30
CA VAL G 175 22.65 49.93 16.24
C VAL G 175 22.03 48.62 15.78
N HIS G 176 21.81 47.69 16.71
CA HIS G 176 21.08 46.48 16.37
C HIS G 176 20.00 46.28 17.42
N THR G 177 18.78 46.09 16.95
CA THR G 177 17.63 45.81 17.80
C THR G 177 17.07 44.48 17.37
N PHE G 178 17.04 43.52 18.29
CA PHE G 178 16.72 42.13 17.96
C PHE G 178 15.24 41.79 17.88
N PRO G 179 14.91 40.66 17.25
CA PRO G 179 13.55 40.15 17.40
C PRO G 179 13.24 39.72 18.84
N ALA G 180 11.95 39.65 19.17
CA ALA G 180 11.52 39.36 20.51
C ALA G 180 11.50 37.84 20.71
N VAL G 181 11.64 37.37 21.95
CA VAL G 181 11.42 35.96 22.26
C VAL G 181 10.31 35.80 23.28
N LEU G 182 9.50 34.76 23.11
CA LEU G 182 8.44 34.44 24.03
C LEU G 182 8.99 33.54 25.12
N GLN G 183 9.05 34.07 26.35
CA GLN G 183 9.53 33.29 27.48
C GLN G 183 8.45 32.33 27.94
N SER G 184 8.84 31.32 28.72
CA SER G 184 7.90 30.38 29.31
C SER G 184 6.80 31.10 30.13
N SER G 185 7.17 32.21 30.78
CA SER G 185 6.25 33.00 31.61
C SER G 185 4.95 33.34 30.87
N LEU G 187 6.11 37.89 29.56
CA LEU G 187 6.15 36.86 28.52
C LEU G 187 7.21 37.11 27.46
N TYR G 188 7.11 38.24 26.75
CA TYR G 188 8.07 38.52 25.66
C TYR G 188 9.25 39.27 26.21
N SER G 189 10.42 39.01 25.63
CA SER G 189 11.68 39.65 26.03
C SER G 189 12.52 40.03 24.79
N LEU G 190 13.25 41.14 24.90
CA LEU G 190 13.97 41.71 23.76
C LEU G 190 15.22 42.41 24.21
N SER G 191 16.29 42.26 23.44
CA SER G 191 17.47 43.05 23.66
C SER G 191 17.76 43.96 22.49
N SER G 192 18.32 45.13 22.77
CA SER G 192 18.80 46.02 21.72
C SER G 192 20.14 46.55 22.15
N VAL G 193 21.06 46.63 21.21
CA VAL G 193 22.43 47.01 21.51
C VAL G 193 23.01 47.99 20.49
N VAL G 194 24.13 48.59 20.84
CA VAL G 194 24.84 49.48 19.93
C VAL G 194 26.35 49.39 20.19
N THR G 195 27.14 49.80 19.21
CA THR G 195 28.60 49.79 19.29
C THR G 195 29.10 51.21 19.13
N VAL G 196 30.35 51.46 19.52
CA VAL G 196 30.83 52.82 19.71
C VAL G 196 32.34 52.84 20.04
N PRO G 197 33.02 53.99 19.77
CA PRO G 197 34.39 54.31 20.21
C PRO G 197 34.71 53.90 21.64
N THR G 205 27.33 59.59 26.46
CA THR G 205 26.21 59.72 27.40
C THR G 205 24.95 59.05 26.82
N TYR G 206 24.88 57.74 27.01
CA TYR G 206 24.02 56.87 26.21
C TYR G 206 22.67 56.50 26.84
N ILE G 207 21.57 56.84 26.18
CA ILE G 207 20.24 56.66 26.77
C ILE G 207 19.33 55.79 25.93
N CYS G 208 18.52 54.98 26.59
CA CYS G 208 17.52 54.09 25.98
C CYS G 208 16.08 54.63 26.03
N ASN G 209 15.17 54.01 25.26
CA ASN G 209 13.78 54.47 25.21
C ASN G 209 12.73 53.38 25.48
N ASN G 211 9.11 52.36 24.68
CA ASN G 211 7.64 52.48 24.61
C ASN G 211 6.87 51.21 24.26
N HIS G 212 5.74 51.02 24.92
CA HIS G 212 4.86 49.87 24.71
C HIS G 212 3.38 50.32 24.71
N LYS G 213 2.86 50.63 23.52
CA LYS G 213 1.55 51.27 23.37
C LYS G 213 0.41 50.41 23.92
N ILE H 2 -1.14 17.26 -0.52
CA ILE H 2 0.00 17.55 -1.45
C ILE H 2 1.16 18.27 -0.76
N VAL H 3 2.27 17.52 -0.58
CA VAL H 3 3.48 18.06 0.05
C VAL H 3 4.35 18.70 -1.00
N MET H 4 4.71 19.95 -0.74
CA MET H 4 5.63 20.72 -1.58
C MET H 4 7.00 20.66 -0.93
N THR H 5 8.07 20.38 -1.68
CA THR H 5 9.43 20.51 -1.10
C THR H 5 10.33 21.44 -1.90
N GLN H 6 10.90 22.44 -1.24
CA GLN H 6 11.89 23.30 -1.88
C GLN H 6 13.31 22.89 -1.51
N SER H 7 14.25 23.13 -2.43
CA SER H 7 15.68 23.09 -2.09
C SER H 7 16.46 24.06 -2.98
N PRO H 8 17.52 24.66 -2.44
CA PRO H 8 17.99 24.56 -1.06
C PRO H 8 17.06 25.38 -0.17
N LEU H 9 17.27 25.35 1.12
CA LEU H 9 16.39 26.07 2.00
C LEU H 9 17.01 27.39 2.40
N SER H 10 18.30 27.54 2.13
CA SER H 10 18.93 28.86 2.18
C SER H 10 19.98 28.98 1.08
N LEU H 11 19.94 30.11 0.37
CA LEU H 11 20.78 30.30 -0.80
C LEU H 11 21.54 31.62 -0.79
N PRO H 12 22.78 31.60 -0.30
CA PRO H 12 23.58 32.80 -0.41
C PRO H 12 24.01 32.93 -1.87
N VAL H 13 23.99 34.15 -2.40
CA VAL H 13 24.33 34.39 -3.80
C VAL H 13 25.25 35.59 -3.87
N THR H 14 26.37 35.45 -4.56
CA THR H 14 27.27 36.57 -4.75
C THR H 14 26.54 37.58 -5.63
N PRO H 15 26.55 38.86 -5.20
CA PRO H 15 25.72 39.78 -5.96
C PRO H 15 26.12 39.82 -7.46
N GLY H 16 25.14 39.91 -8.35
CA GLY H 16 25.45 39.89 -9.78
C GLY H 16 25.47 38.49 -10.37
N GLU H 17 25.62 37.46 -9.54
CA GLU H 17 25.56 36.05 -9.99
C GLU H 17 24.14 35.54 -9.99
N ALA H 18 23.94 34.27 -10.33
CA ALA H 18 22.57 33.74 -10.53
C ALA H 18 22.19 32.62 -9.58
N ALA H 19 20.91 32.51 -9.22
CA ALA H 19 20.41 31.55 -8.23
C ALA H 19 19.31 30.63 -8.76
N SER H 20 19.18 29.45 -8.18
CA SER H 20 18.17 28.49 -8.65
C SER H 20 17.49 27.71 -7.54
N ILE H 21 16.18 27.84 -7.50
CA ILE H 21 15.42 27.16 -6.49
C ILE H 21 14.62 26.09 -7.19
N SER H 22 14.63 24.89 -6.62
CA SER H 22 13.74 23.83 -7.04
C SER H 22 12.54 23.67 -6.11
N CYS H 23 11.44 23.28 -6.72
CA CYS H 23 10.25 22.92 -6.01
C CYS H 23 9.73 21.63 -6.63
N ARG H 24 9.40 20.69 -5.74
CA ARG H 24 8.91 19.35 -6.09
C ARG H 24 7.70 19.04 -5.23
N SER H 25 6.69 18.42 -5.84
CA SER H 25 5.45 18.11 -5.14
C SER H 25 5.18 16.59 -5.15
N SER H 26 4.45 16.11 -4.14
CA SER H 26 4.07 14.68 -4.02
C SER H 26 3.21 14.16 -5.17
N GLN H 27 2.43 15.02 -5.80
CA GLN H 27 1.67 14.55 -6.96
C GLN H 27 1.60 15.60 -8.07
N SER H 28 1.11 15.21 -9.23
CA SER H 28 1.08 16.09 -10.42
C SER H 28 0.26 17.34 -10.15
N LEU H 29 0.75 18.47 -10.62
CA LEU H 29 0.03 19.73 -10.48
C LEU H 29 -0.58 20.12 -11.77
N LEU H 30 -0.61 19.20 -12.71
CA LEU H 30 -1.33 19.43 -13.96
C LEU H 30 -2.80 19.14 -13.73
N HIS H 31 -3.66 20.03 -14.14
CA HIS H 31 -5.09 19.83 -13.95
C HIS H 31 -5.64 19.31 -15.28
N THR H 32 -6.83 18.72 -15.27
CA THR H 32 -7.47 18.29 -16.53
C THR H 32 -8.00 19.45 -17.37
N ASN H 33 -8.10 20.66 -16.84
CA ASN H 33 -8.34 21.85 -17.70
C ASN H 33 -7.04 22.28 -18.40
N GLY H 34 -5.96 21.58 -18.07
CA GLY H 34 -4.69 21.80 -18.70
C GLY H 34 -3.84 22.95 -18.17
N PHE H 35 -4.15 23.51 -17.00
CA PHE H 35 -3.25 24.47 -16.32
C PHE H 35 -2.31 23.76 -15.32
N GLN H 36 -1.12 24.34 -15.10
CA GLN H 36 -0.14 23.80 -14.20
C GLN H 36 -0.29 24.72 -12.97
N TYR H 37 -0.94 24.24 -11.91
CA TYR H 37 -1.26 25.17 -10.83
C TYR H 37 -0.08 25.30 -9.88
N LEU H 38 0.95 26.01 -10.32
CA LEU H 38 2.09 26.27 -9.46
C LEU H 38 2.48 27.73 -9.53
N ASP H 39 2.59 28.36 -8.36
CA ASP H 39 2.93 29.77 -8.22
C ASP H 39 4.23 29.99 -7.43
N TRP H 40 4.97 31.06 -7.73
CA TRP H 40 6.05 31.47 -6.85
C TRP H 40 5.75 32.78 -6.18
N TYR H 41 5.93 32.82 -4.86
CA TYR H 41 5.70 34.03 -4.08
C TYR H 41 7.02 34.48 -3.45
N LEU H 42 7.13 35.78 -3.22
CA LEU H 42 8.32 36.36 -2.57
C LEU H 42 7.85 37.18 -1.43
N GLN H 43 8.47 36.98 -0.28
CA GLN H 43 8.24 37.87 0.89
C GLN H 43 9.54 38.57 1.30
N LYS H 44 9.64 39.85 0.97
CA LYS H 44 10.80 40.66 1.36
C LYS H 44 10.83 40.85 2.88
N PRO H 45 12.04 41.07 3.45
CA PRO H 45 12.05 41.19 4.93
C PRO H 45 11.10 42.30 5.34
N GLY H 46 10.15 41.97 6.21
CA GLY H 46 9.27 42.92 6.89
C GLY H 46 7.98 43.21 6.14
N GLN H 47 7.84 42.64 4.93
CA GLN H 47 6.78 43.02 3.98
C GLN H 47 5.71 41.95 3.81
N SER H 48 4.60 42.30 3.16
CA SER H 48 3.67 41.26 2.77
C SER H 48 4.30 40.39 1.67
N PRO H 49 3.84 39.11 1.56
CA PRO H 49 4.20 38.32 0.38
C PRO H 49 3.68 38.99 -0.89
N GLN H 50 4.39 38.75 -2.00
CA GLN H 50 4.04 39.31 -3.30
C GLN H 50 4.16 38.22 -4.36
N LEU H 51 3.29 38.28 -5.36
CA LEU H 51 3.26 37.29 -6.39
C LEU H 51 4.43 37.53 -7.37
N LEU H 52 5.18 36.46 -7.68
CA LEU H 52 6.25 36.50 -8.68
C LEU H 52 5.91 35.85 -10.02
N ILE H 53 5.56 34.58 -9.96
CA ILE H 53 5.26 33.79 -11.14
C ILE H 53 3.93 33.05 -10.90
N TYR H 54 3.06 32.97 -11.89
CA TYR H 54 1.84 32.15 -11.80
C TYR H 54 1.79 31.14 -12.94
N LEU H 55 1.29 29.94 -12.59
CA LEU H 55 1.12 28.81 -13.52
C LEU H 55 2.42 28.48 -14.18
N GLY H 56 3.39 28.18 -13.32
CA GLY H 56 4.69 27.73 -13.75
C GLY H 56 5.58 28.82 -14.30
N SER H 57 5.11 29.59 -15.29
CA SER H 57 6.04 30.40 -16.06
C SER H 57 5.66 31.83 -16.36
N ASN H 58 4.53 32.29 -15.87
CA ASN H 58 4.04 33.63 -16.18
C ASN H 58 4.53 34.60 -15.13
N ARG H 59 5.19 35.66 -15.57
CA ARG H 59 5.64 36.74 -14.67
C ARG H 59 4.46 37.61 -14.31
N ALA H 60 4.31 37.93 -13.04
CA ALA H 60 3.29 38.90 -12.56
C ALA H 60 3.75 40.28 -12.99
N THR H 61 2.82 41.23 -13.06
CA THR H 61 3.17 42.50 -13.63
C THR H 61 4.26 43.19 -12.80
N GLY H 62 5.20 43.85 -13.51
CA GLY H 62 6.31 44.52 -12.83
C GLY H 62 7.49 43.62 -12.53
N VAL H 63 7.30 42.30 -12.60
CA VAL H 63 8.40 41.37 -12.39
C VAL H 63 9.35 41.33 -13.62
N PRO H 64 10.63 41.68 -13.42
CA PRO H 64 11.57 41.77 -14.53
C PRO H 64 12.05 40.41 -15.13
N HIS H 65 12.44 40.46 -16.39
CA HIS H 65 12.95 39.24 -17.10
C HIS H 65 13.96 38.35 -16.39
N ARG H 66 14.69 38.91 -15.42
CA ARG H 66 15.72 38.19 -14.64
C ARG H 66 15.13 37.02 -13.85
N PHE H 67 13.86 37.14 -13.50
CA PHE H 67 13.09 36.07 -12.89
C PHE H 67 12.53 35.18 -13.94
N SER H 68 12.77 33.88 -13.79
CA SER H 68 12.24 32.93 -14.77
C SER H 68 11.76 31.64 -14.09
N GLY H 69 10.48 31.32 -14.22
CA GLY H 69 9.91 30.07 -13.70
C GLY H 69 9.73 29.08 -14.85
N SER H 70 10.19 27.84 -14.66
CA SER H 70 9.91 26.77 -15.60
C SER H 70 9.53 25.47 -14.88
N GLY H 71 9.34 24.38 -15.66
CA GLY H 71 8.94 23.05 -15.15
C GLY H 71 7.49 22.67 -15.43
N SER H 72 7.10 21.52 -14.87
CA SER H 72 5.82 20.85 -15.18
C SER H 72 5.53 19.61 -14.30
N GLY H 73 4.24 19.27 -14.15
CA GLY H 73 3.90 18.01 -13.45
C GLY H 73 4.33 18.05 -11.98
N THR H 74 5.47 17.45 -11.67
CA THR H 74 5.89 17.38 -10.27
C THR H 74 7.25 18.04 -10.02
N GLU H 75 7.71 18.85 -10.97
CA GLU H 75 9.05 19.41 -10.88
C GLU H 75 9.06 20.84 -11.47
N PHE H 76 9.30 21.84 -10.63
CA PHE H 76 9.35 23.21 -11.05
C PHE H 76 10.60 23.91 -10.55
N THR H 77 11.06 24.88 -11.34
CA THR H 77 12.25 25.64 -11.01
C THR H 77 12.02 27.16 -11.15
N LEU H 78 12.39 27.92 -10.13
CA LEU H 78 12.52 29.40 -10.27
C LEU H 78 13.97 29.79 -10.39
N LYS H 79 14.30 30.52 -11.45
CA LYS H 79 15.69 30.98 -11.64
C LYS H 79 15.80 32.50 -11.56
N ILE H 80 16.87 32.99 -10.92
CA ILE H 80 17.03 34.44 -10.80
C ILE H 80 18.40 34.85 -11.23
N SER H 81 18.48 35.66 -12.26
CA SER H 81 19.81 36.05 -12.74
C SER H 81 20.18 37.44 -12.29
N ARG H 82 21.48 37.70 -12.18
CA ARG H 82 22.02 38.98 -11.70
C ARG H 82 21.26 39.46 -10.45
N VAL H 83 21.17 38.58 -9.46
CA VAL H 83 20.64 38.86 -8.14
C VAL H 83 21.25 40.12 -7.53
N GLU H 84 20.37 41.01 -7.07
CA GLU H 84 20.81 42.23 -6.38
C GLU H 84 20.28 42.14 -4.96
N ALA H 85 20.77 43.00 -4.03
CA ALA H 85 20.30 42.97 -2.61
C ALA H 85 18.77 43.14 -2.41
N GLU H 86 18.10 43.81 -3.35
CA GLU H 86 16.66 43.94 -3.30
C GLU H 86 15.93 42.61 -3.51
N ASP H 87 16.60 41.61 -4.07
CA ASP H 87 15.98 40.32 -4.29
C ASP H 87 15.98 39.42 -3.06
N VAL H 88 16.63 39.86 -1.99
CA VAL H 88 16.80 39.01 -0.82
C VAL H 88 15.45 38.81 -0.13
N GLY H 89 15.21 37.60 0.38
CA GLY H 89 14.03 37.36 1.19
C GLY H 89 13.63 35.93 1.05
N VAL H 90 12.36 35.61 1.29
CA VAL H 90 11.96 34.19 1.26
C VAL H 90 11.09 33.84 0.09
N TYR H 91 11.57 32.98 -0.79
CA TYR H 91 10.80 32.53 -1.94
C TYR H 91 9.97 31.31 -1.57
N TYR H 92 8.65 31.41 -1.74
CA TYR H 92 7.73 30.30 -1.50
C TYR H 92 7.13 29.75 -2.80
N CYS H 93 7.23 28.43 -3.00
CA CYS H 93 6.35 27.85 -4.02
C CYS H 93 4.97 27.58 -3.41
N MET H 94 3.96 27.60 -4.25
CA MET H 94 2.60 27.28 -3.80
C MET H 94 1.90 26.46 -4.89
N GLN H 95 1.15 25.49 -4.41
CA GLN H 95 0.48 24.54 -5.24
C GLN H 95 -1.00 24.87 -5.05
N ALA H 96 -1.74 24.90 -6.15
CA ALA H 96 -3.18 25.12 -6.04
C ALA H 96 -4.07 24.21 -6.91
N LYS H 97 -3.60 23.02 -7.30
CA LYS H 97 -4.44 22.09 -8.06
C LYS H 97 -5.46 21.59 -7.07
N GLU H 98 -4.94 21.08 -5.97
CA GLU H 98 -5.74 20.60 -4.86
C GLU H 98 -5.76 21.68 -3.78
N SER H 99 -6.50 21.44 -2.67
CA SER H 99 -6.44 22.30 -1.47
C SER H 99 -5.02 22.90 -1.37
N PRO H 100 -4.93 24.24 -1.44
CA PRO H 100 -3.59 24.85 -1.70
C PRO H 100 -2.60 24.72 -0.54
N THR H 101 -1.36 24.35 -0.86
CA THR H 101 -0.30 24.22 0.12
C THR H 101 0.98 24.86 -0.39
N PHE H 102 1.81 25.27 0.56
CA PHE H 102 3.02 25.99 0.31
C PHE H 102 4.26 25.15 0.61
N GLY H 103 5.33 25.47 -0.10
CA GLY H 103 6.65 24.98 0.27
C GLY H 103 7.13 25.68 1.51
N GLN H 104 8.12 25.12 2.16
CA GLN H 104 8.63 25.71 3.36
C GLN H 104 9.37 27.06 3.16
N GLY H 105 9.83 27.37 1.96
CA GLY H 105 10.52 28.64 1.79
C GLY H 105 12.01 28.51 1.53
N THR H 106 12.56 29.51 0.85
CA THR H 106 13.98 29.54 0.55
C THR H 106 14.54 30.91 0.82
N LYS H 107 15.43 30.98 1.80
CA LYS H 107 16.01 32.25 2.20
C LYS H 107 17.11 32.62 1.23
N VAL H 108 16.90 33.67 0.47
CA VAL H 108 17.94 34.13 -0.40
C VAL H 108 18.62 35.27 0.33
N GLU H 109 19.96 35.18 0.38
CA GLU H 109 20.80 36.22 1.06
C GLU H 109 22.05 36.59 0.27
N ILE H 110 22.62 37.76 0.53
CA ILE H 110 23.82 38.15 -0.16
C ILE H 110 25.07 37.52 0.49
N LYS H 111 25.93 36.93 -0.36
CA LYS H 111 27.10 36.27 0.10
C LYS H 111 28.28 37.24 -0.02
N ARG H 112 29.09 37.25 1.04
CA ARG H 112 30.24 38.11 1.21
C ARG H 112 31.34 37.27 1.85
N THR H 113 32.58 37.72 1.73
CA THR H 113 33.73 37.02 2.33
C THR H 113 33.48 36.84 3.84
N VAL H 114 34.13 35.85 4.43
CA VAL H 114 33.89 35.47 5.83
C VAL H 114 34.22 36.59 6.81
N ALA H 115 33.36 36.86 7.78
CA ALA H 115 33.68 37.88 8.81
C ALA H 115 33.54 37.33 10.19
N ALA H 116 34.65 37.30 10.92
CA ALA H 116 34.68 36.79 12.29
C ALA H 116 33.78 37.67 13.22
N PRO H 117 33.01 37.05 14.14
CA PRO H 117 32.14 37.84 15.02
C PRO H 117 32.93 38.51 16.15
N SER H 118 32.63 39.78 16.41
CA SER H 118 33.17 40.46 17.60
C SER H 118 32.32 39.95 18.76
N VAL H 119 32.94 39.46 19.84
CA VAL H 119 32.18 38.92 20.98
C VAL H 119 32.15 39.80 22.24
N PHE H 120 30.94 39.93 22.82
CA PHE H 120 30.70 40.68 24.05
C PHE H 120 29.83 39.92 25.05
N ILE H 121 30.18 40.02 26.33
CA ILE H 121 29.35 39.53 27.40
C ILE H 121 28.93 40.67 28.35
N PHE H 122 27.68 40.63 28.83
CA PHE H 122 27.09 41.65 29.74
C PHE H 122 26.48 41.01 30.97
N PRO H 123 26.92 41.48 32.17
CA PRO H 123 26.35 41.04 33.44
C PRO H 123 24.94 41.59 33.68
N PRO H 124 24.13 40.84 34.45
CA PRO H 124 22.83 41.27 35.02
C PRO H 124 22.99 42.50 35.90
N ASP H 126 22.44 44.83 37.76
CA ASP H 126 22.76 45.71 38.88
C ASP H 126 21.49 45.99 39.67
N GLU H 127 20.42 46.28 38.94
CA GLU H 127 19.09 46.53 39.46
C GLU H 127 18.12 45.41 39.09
N GLN H 128 18.30 44.81 37.91
CA GLN H 128 17.51 43.63 37.58
C GLN H 128 17.63 42.67 38.76
N LEU H 129 18.88 42.32 39.08
CA LEU H 129 19.14 41.72 40.37
C LEU H 129 19.02 42.82 41.38
N LYS H 130 18.14 42.65 42.37
CA LYS H 130 17.33 41.44 42.45
C LYS H 130 15.83 41.73 42.53
N SER H 131 15.08 41.05 41.67
CA SER H 131 13.62 41.15 41.64
C SER H 131 13.05 39.75 41.54
N SER H 135 20.03 38.46 34.63
CA SER H 135 20.09 37.72 33.37
C SER H 135 21.30 38.11 32.52
N VAL H 136 21.89 37.12 31.85
CA VAL H 136 23.17 37.31 31.21
C VAL H 136 23.05 37.46 29.70
N VAL H 137 23.86 38.34 29.14
CA VAL H 137 23.78 38.66 27.74
C VAL H 137 25.07 38.38 26.97
N CYS H 138 24.92 37.82 25.78
CA CYS H 138 26.02 37.70 24.85
C CYS H 138 25.65 38.40 23.53
N LEU H 139 26.57 39.18 22.99
CA LEU H 139 26.41 39.74 21.66
C LEU H 139 27.45 39.21 20.68
N LEU H 140 26.96 38.80 19.52
CA LEU H 140 27.82 38.35 18.44
C LEU H 140 27.59 39.30 17.29
N ASN H 141 28.57 40.16 17.07
CA ASN H 141 28.44 41.35 16.24
C ASN H 141 29.06 41.23 14.85
N ASN H 142 28.29 41.60 13.81
CA ASN H 142 28.80 41.73 12.45
C ASN H 142 29.57 40.50 11.85
N PHE H 143 28.87 39.36 11.74
CA PHE H 143 29.50 38.12 11.23
C PHE H 143 28.84 37.51 9.99
N PRO H 145 29.12 34.70 7.84
CA PRO H 145 28.27 33.52 7.71
C PRO H 145 27.39 33.54 8.88
N ARG H 146 26.30 32.83 8.89
CA ARG H 146 25.28 33.04 9.86
C ARG H 146 25.09 31.87 10.75
N GLU H 147 26.18 31.25 11.17
CA GLU H 147 25.99 30.18 12.11
C GLU H 147 27.06 30.07 13.17
N GLN H 151 27.26 28.89 23.21
CA GLN H 151 27.32 28.03 24.39
C GLN H 151 27.56 28.76 25.72
N TRP H 152 26.73 28.48 26.74
CA TRP H 152 26.87 29.10 28.10
C TRP H 152 27.47 28.18 29.16
N LYS H 153 28.45 28.68 29.91
CA LYS H 153 28.98 27.91 31.05
C LYS H 153 29.43 28.80 32.21
N GLN H 159 23.42 26.78 30.76
CA GLN H 159 24.01 25.65 30.02
C GLN H 159 22.96 24.69 29.43
N SER H 160 21.87 24.49 30.19
CA SER H 160 21.03 23.29 30.10
C SER H 160 19.69 23.40 29.35
N GLY H 161 19.56 24.40 28.47
CA GLY H 161 18.27 24.64 27.79
C GLY H 161 17.46 25.62 28.63
N ASN H 162 18.11 26.72 28.99
CA ASN H 162 17.52 27.79 29.77
C ASN H 162 18.09 29.12 29.30
N SER H 163 18.42 29.17 28.02
CA SER H 163 18.72 30.42 27.34
C SER H 163 17.96 30.48 26.04
N GLN H 164 17.81 31.69 25.49
CA GLN H 164 17.17 31.88 24.18
C GLN H 164 17.95 32.87 23.34
N GLU H 165 17.71 32.82 22.03
CA GLU H 165 18.41 33.69 21.10
C GLU H 165 17.51 34.20 19.97
N SER H 166 17.99 35.22 19.27
CA SER H 166 17.32 35.68 18.06
C SER H 166 18.32 36.42 17.19
N VAL H 167 18.06 36.43 15.88
CA VAL H 167 19.02 36.97 14.92
C VAL H 167 18.44 38.17 14.14
N THR H 168 19.23 39.23 13.97
CA THR H 168 18.86 40.29 13.05
C THR H 168 18.75 39.71 11.64
N GLU H 169 17.91 40.36 10.81
CA GLU H 169 17.86 40.12 9.37
C GLU H 169 19.21 40.52 8.85
N GLN H 170 19.63 39.94 7.72
CA GLN H 170 20.89 40.37 7.15
C GLN H 170 20.93 41.91 7.03
N ASP H 171 21.95 42.53 7.62
CA ASP H 171 22.24 43.93 7.35
C ASP H 171 22.39 44.05 5.85
N SER H 172 21.75 45.05 5.26
CA SER H 172 21.77 45.18 3.80
C SER H 172 23.08 45.81 3.29
N LYS H 173 23.58 46.84 3.98
CA LYS H 173 24.75 47.63 3.50
C LYS H 173 26.16 46.99 3.67
N ASP H 174 26.41 46.30 4.79
CA ASP H 174 27.66 45.56 4.89
C ASP H 174 27.46 44.03 4.87
N SER H 175 26.21 43.60 4.68
CA SER H 175 25.83 42.20 4.47
C SER H 175 26.08 41.22 5.64
N THR H 176 26.24 41.72 6.86
CA THR H 176 26.51 40.86 8.02
C THR H 176 25.27 40.56 8.90
N TYR H 177 25.46 39.75 9.93
CA TYR H 177 24.42 39.35 10.84
C TYR H 177 24.87 39.65 12.27
N SER H 178 23.89 39.70 13.18
CA SER H 178 24.17 39.83 14.61
C SER H 178 23.26 38.94 15.46
N LEU H 179 23.72 38.64 16.67
CA LEU H 179 23.07 37.63 17.49
C LEU H 179 23.11 38.03 18.95
N SER H 180 22.00 37.76 19.65
CA SER H 180 21.91 37.97 21.09
C SER H 180 21.49 36.67 21.75
N SER H 181 22.06 36.41 22.93
CA SER H 181 21.76 35.24 23.74
C SER H 181 21.49 35.65 25.18
N THR H 182 20.54 34.97 25.85
CA THR H 182 20.13 35.33 27.23
C THR H 182 19.68 34.18 28.17
N LEU H 183 20.39 33.99 29.30
CA LEU H 183 19.87 33.23 30.47
C LEU H 183 19.25 34.14 31.54
N ALA H 188 19.44 34.54 42.26
CA ALA H 188 19.57 33.65 43.41
C ALA H 188 20.59 32.55 43.15
N ASP H 189 20.42 31.84 42.03
CA ASP H 189 21.38 30.86 41.51
C ASP H 189 22.62 31.56 40.96
N TYR H 190 22.41 32.73 40.39
CA TYR H 190 23.48 33.64 39.99
C TYR H 190 24.54 33.92 41.08
N GLU H 191 24.08 34.23 42.29
CA GLU H 191 24.95 34.72 43.34
C GLU H 191 25.92 33.66 43.83
N LYS H 192 25.76 32.43 43.35
CA LYS H 192 26.58 31.34 43.88
C LYS H 192 27.66 30.77 42.94
N HIS H 193 27.91 31.42 41.79
CA HIS H 193 29.03 30.97 40.94
C HIS H 193 30.03 32.06 40.55
N TYR H 196 30.97 32.65 34.67
CA TYR H 196 30.04 32.86 33.53
C TYR H 196 30.76 33.29 32.25
N ALA H 197 30.95 32.34 31.36
CA ALA H 197 31.68 32.63 30.14
C ALA H 197 30.77 32.57 28.92
N CYS H 198 31.24 33.21 27.85
CA CYS H 198 30.56 33.10 26.56
C CYS H 198 31.39 32.28 25.58
N GLU H 199 30.88 31.12 25.23
CA GLU H 199 31.55 30.27 24.25
C GLU H 199 30.85 30.28 22.88
N VAL H 200 31.59 30.73 21.88
CA VAL H 200 31.04 30.95 20.57
C VAL H 200 31.93 30.26 19.59
N THR H 201 31.34 29.55 18.64
CA THR H 201 32.12 28.98 17.53
C THR H 201 31.56 29.46 16.19
N HIS H 202 32.46 29.98 15.36
CA HIS H 202 32.14 30.48 14.02
C HIS H 202 33.22 30.08 12.99
N GLN H 203 32.85 30.09 11.72
CA GLN H 203 33.77 29.74 10.66
C GLN H 203 34.94 30.72 10.52
N GLY H 204 34.76 31.95 11.02
CA GLY H 204 35.79 32.98 10.92
C GLY H 204 36.80 32.98 12.07
N LEU H 205 36.67 32.00 12.97
CA LEU H 205 37.55 31.86 14.13
C LEU H 205 38.60 30.77 13.97
N PRO H 208 37.60 29.42 18.46
CA PRO H 208 36.63 29.32 19.55
C PRO H 208 36.89 30.38 20.61
N VAL H 209 35.99 31.36 20.68
CA VAL H 209 36.26 32.51 21.52
C VAL H 209 35.46 32.51 22.80
N THR H 210 36.19 32.54 23.91
CA THR H 210 35.59 32.56 25.23
C THR H 210 35.75 33.96 25.84
N LYS H 211 34.60 34.48 26.26
CA LYS H 211 34.41 35.83 26.77
C LYS H 211 33.69 35.69 28.10
N SER H 212 34.29 36.17 29.17
CA SER H 212 33.68 35.94 30.48
C SER H 212 33.82 37.08 31.49
N PHE H 213 32.99 37.03 32.53
CA PHE H 213 33.17 37.83 33.74
C PHE H 213 33.23 36.95 35.03
N ASN H 214 33.18 37.60 36.20
CA ASN H 214 33.07 36.89 37.46
C ASN H 214 32.07 37.60 38.33
N ARG H 215 31.32 36.85 39.13
CA ARG H 215 30.54 37.36 40.31
C ARG H 215 29.01 37.27 40.18
S SO4 I . -22.01 -37.45 41.17
O1 SO4 I . -23.26 -37.42 40.40
O2 SO4 I . -22.17 -37.96 42.51
O3 SO4 I . -21.07 -38.42 40.58
O4 SO4 I . -21.47 -36.10 41.18
CL CL J . -10.79 -24.91 41.06
CL CL K . -15.05 -5.07 44.56
CL CL L . -17.02 -7.59 34.53
CL CL M . -37.84 -3.01 25.26
CL CL N . 10.15 -44.00 38.76
CL CL O . 1.38 -39.08 25.30
C1 GOL P . 11.88 -31.03 11.54
O1 GOL P . 10.70 -31.73 11.82
C2 GOL P . 11.50 -29.73 10.85
O2 GOL P . 10.93 -28.88 11.81
C3 GOL P . 12.77 -29.08 10.33
O3 GOL P . 12.43 -28.50 9.09
CL CL Q . 33.23 -45.86 19.80
S SO4 R . 25.28 8.73 -32.21
O1 SO4 R . 24.48 7.69 -31.59
O2 SO4 R . 24.45 9.91 -32.39
O3 SO4 R . 26.43 9.13 -31.44
O4 SO4 R . 25.79 8.31 -33.51
C1 GOL S . 16.01 16.35 -44.59
O1 GOL S . 15.28 16.07 -45.76
C2 GOL S . 17.31 15.59 -44.75
O2 GOL S . 17.16 14.77 -45.86
C3 GOL S . 18.49 16.54 -44.94
O3 GOL S . 19.67 15.81 -45.17
C1 GOL T . -1.67 13.08 -47.25
O1 GOL T . -0.49 12.49 -47.79
C2 GOL T . -2.06 12.67 -45.82
O2 GOL T . -1.31 13.39 -44.87
C3 GOL T . -3.49 13.07 -45.50
O3 GOL T . -4.47 12.62 -46.40
CL CL U . -14.32 0.17 -31.12
S SO4 V . -18.24 31.56 -9.68
O1 SO4 V . -18.13 30.30 -8.96
O2 SO4 V . -18.76 32.58 -8.79
O3 SO4 V . -16.92 31.99 -10.12
O4 SO4 V . -19.14 31.41 -10.83
CL CL W . -7.58 44.63 -11.96
C1 GOL X . 10.08 41.99 -8.60
O1 GOL X . 9.14 42.97 -9.00
C2 GOL X . 10.92 42.56 -7.46
O2 GOL X . 10.60 41.86 -6.31
C3 GOL X . 12.41 42.39 -7.73
O3 GOL X . 13.14 42.32 -6.51
CL CL Y . 11.59 43.27 -18.10
#